data_2BZW
# 
_entry.id   2BZW 
# 
_audit_conform.dict_name       mmcif_pdbx.dic 
_audit_conform.dict_version    5.391 
_audit_conform.dict_location   http://mmcif.pdb.org/dictionaries/ascii/mmcif_pdbx.dic 
# 
loop_
_database_2.database_id 
_database_2.database_code 
_database_2.pdbx_database_accession 
_database_2.pdbx_DOI 
PDB   2BZW         pdb_00002bzw 10.2210/pdb2bzw/pdb 
PDBE  EBI-25403    ?            ?                   
WWPDB D_1290025403 ?            ?                   
# 
loop_
_pdbx_audit_revision_history.ordinal 
_pdbx_audit_revision_history.data_content_type 
_pdbx_audit_revision_history.major_revision 
_pdbx_audit_revision_history.minor_revision 
_pdbx_audit_revision_history.revision_date 
1 'Structure model' 1 0 2007-02-13 
2 'Structure model' 1 1 2013-12-04 
3 'Structure model' 1 2 2015-02-11 
4 'Structure model' 1 3 2016-12-14 
5 'Structure model' 1 4 2024-05-08 
# 
_pdbx_audit_revision_details.ordinal             1 
_pdbx_audit_revision_details.revision_ordinal    1 
_pdbx_audit_revision_details.data_content_type   'Structure model' 
_pdbx_audit_revision_details.provider            repository 
_pdbx_audit_revision_details.type                'Initial release' 
_pdbx_audit_revision_details.description         ? 
_pdbx_audit_revision_details.details             ? 
# 
loop_
_pdbx_audit_revision_group.ordinal 
_pdbx_audit_revision_group.revision_ordinal 
_pdbx_audit_revision_group.data_content_type 
_pdbx_audit_revision_group.group 
1  2 'Structure model' 'Derived calculations'      
2  2 'Structure model' 'Non-polymer description'   
3  2 'Structure model' Other                       
4  2 'Structure model' 'Refinement description'    
5  2 'Structure model' 'Source and taxonomy'       
6  2 'Structure model' 'Version format compliance' 
7  3 'Structure model' 'Database references'       
8  3 'Structure model' 'Source and taxonomy'       
9  4 'Structure model' 'Database references'       
10 4 'Structure model' 'Structure summary'         
11 5 'Structure model' 'Data collection'           
12 5 'Structure model' 'Database references'       
# 
loop_
_pdbx_audit_revision_category.ordinal 
_pdbx_audit_revision_category.revision_ordinal 
_pdbx_audit_revision_category.data_content_type 
_pdbx_audit_revision_category.category 
1 5 'Structure model' chem_comp_atom 
2 5 'Structure model' chem_comp_bond 
3 5 'Structure model' database_2     
# 
loop_
_pdbx_audit_revision_item.ordinal 
_pdbx_audit_revision_item.revision_ordinal 
_pdbx_audit_revision_item.data_content_type 
_pdbx_audit_revision_item.item 
1 5 'Structure model' '_database_2.pdbx_DOI'                
2 5 'Structure model' '_database_2.pdbx_database_accession' 
# 
_pdbx_database_status.status_code                     REL 
_pdbx_database_status.entry_id                        2BZW 
_pdbx_database_status.deposit_site                    PDBE 
_pdbx_database_status.process_site                    PDBE 
_pdbx_database_status.SG_entry                        . 
_pdbx_database_status.recvd_initial_deposition_date   2005-08-24 
_pdbx_database_status.pdb_format_compatible           Y 
_pdbx_database_status.status_code_sf                  ? 
_pdbx_database_status.status_code_mr                  ? 
_pdbx_database_status.status_code_cs                  ? 
_pdbx_database_status.methods_development_category    ? 
_pdbx_database_status.status_code_nmr_data            ? 
# 
loop_
_pdbx_database_related.db_name 
_pdbx_database_related.db_id 
_pdbx_database_related.content_type 
_pdbx_database_related.details 
PDB 1PQ0 unspecified 'CRYSTAL STRUCTURE OF MOUSE BCL-XL' 
PDB 1PQ1 unspecified 'CRYSTAL STRUCTURE OF BCL-XL/BIM'   
# 
loop_
_audit_author.name 
_audit_author.pdbx_ordinal 
'Lee, K.-H.' 1 
'Han, W.-D.' 2 
'Kim, K.-J.' 3 
'Oh, B.-H.'  4 
# 
_citation.id                        primary 
_citation.title                     
'Structural and Biochemical Bases for the Inhibition of Autophagy and Apoptosis by Viral Bcl-2 of Murine Gamma-Herpesvirus 68.' 
_citation.journal_abbrev            'Plos Pathog.' 
_citation.journal_volume            4 
_citation.page_first                E25 
_citation.page_last                 ? 
_citation.year                      2008 
_citation.journal_id_ASTM           ? 
_citation.country                   US 
_citation.journal_id_ISSN           1553-7366 
_citation.journal_id_CSD            ? 
_citation.book_publisher            ? 
_citation.pdbx_database_id_PubMed   18248095 
_citation.pdbx_database_id_DOI      10.1371/JOURNAL.PPAT.0040025 
# 
loop_
_citation_author.citation_id 
_citation_author.name 
_citation_author.ordinal 
_citation_author.identifier_ORCID 
primary 'Ku, B.'       1 ? 
primary 'Woo, J.'      2 ? 
primary 'Liang, C.'    3 ? 
primary 'Lee, K.'      4 ? 
primary 'Hong, H.'     5 ? 
primary 'Xiaofeni, E.' 6 ? 
primary 'Kim, K.'      7 ? 
primary 'Jung, J.U.'   8 ? 
primary 'Oh, B.'       9 ? 
# 
loop_
_entity.id 
_entity.type 
_entity.src_method 
_entity.pdbx_description 
_entity.formula_weight 
_entity.pdbx_number_of_molecules 
_entity.pdbx_ec 
_entity.pdbx_mutation 
_entity.pdbx_fragment 
_entity.details 
1 polymer man 'APOPTOSIS REGULATOR BCL-X'     23732.980 1  ? ? 'BCL-2 HOMOLOGY DOMAIN, RESIDUES 1-211' ? 
2 polymer man 'BCL2-ANTAGONIST OF CELL DEATH' 3217.595  1  ? ? ?                                       ? 
3 water   nat water                           18.015    37 ? ? ?                                       ? 
# 
loop_
_entity_name_com.entity_id 
_entity_name_com.name 
1 'BCL-XL, BCL-2-LIKE 1 PROTEIN'                                           
2 'BAD, BCL-2 BINDING COMPONENT 6, BCL-XL/BCL-2 ASSOCIATED DEATH PROMOTER' 
# 
loop_
_entity_poly.entity_id 
_entity_poly.type 
_entity_poly.nstd_linkage 
_entity_poly.nstd_monomer 
_entity_poly.pdbx_seq_one_letter_code 
_entity_poly.pdbx_seq_one_letter_code_can 
_entity_poly.pdbx_strand_id 
_entity_poly.pdbx_target_identifier 
1 'polypeptide(L)' no no 
;MSQSNRELVVDFLSYKLSQKGYSWSQFSDVEENRTEAPEETEAERETPSAINGNPSWHLADSPAVNGATGHSSSLDAREV
IPMAAVKQALREAGDEFELRYRRAFSDLTSQLHITPGTAYQSFEQVVNELFRDGVNWGRIVAFFSFGGALCVESVDKEMQ
VLVSRIASWMATYLNDHLEPWIQENGGWDTFVDLYGNNAAAESRKGQERFN
;
;MSQSNRELVVDFLSYKLSQKGYSWSQFSDVEENRTEAPEETEAERETPSAINGNPSWHLADSPAVNGATGHSSSLDAREV
IPMAAVKQALREAGDEFELRYRRAFSDLTSQLHITPGTAYQSFEQVVNELFRDGVNWGRIVAFFSFGGALCVESVDKEMQ
VLVSRIASWMATYLNDHLEPWIQENGGWDTFVDLYGNNAAAESRKGQERFN
;
A ? 
2 'polypeptide(L)' no no APPNLWAAQRYGRELRRMSDEFEGSFK APPNLWAAQRYGRELRRMSDEFEGSFK B ? 
# 
_pdbx_entity_nonpoly.entity_id   3 
_pdbx_entity_nonpoly.name        water 
_pdbx_entity_nonpoly.comp_id     HOH 
# 
loop_
_entity_poly_seq.entity_id 
_entity_poly_seq.num 
_entity_poly_seq.mon_id 
_entity_poly_seq.hetero 
1 1   MET n 
1 2   SER n 
1 3   GLN n 
1 4   SER n 
1 5   ASN n 
1 6   ARG n 
1 7   GLU n 
1 8   LEU n 
1 9   VAL n 
1 10  VAL n 
1 11  ASP n 
1 12  PHE n 
1 13  LEU n 
1 14  SER n 
1 15  TYR n 
1 16  LYS n 
1 17  LEU n 
1 18  SER n 
1 19  GLN n 
1 20  LYS n 
1 21  GLY n 
1 22  TYR n 
1 23  SER n 
1 24  TRP n 
1 25  SER n 
1 26  GLN n 
1 27  PHE n 
1 28  SER n 
1 29  ASP n 
1 30  VAL n 
1 31  GLU n 
1 32  GLU n 
1 33  ASN n 
1 34  ARG n 
1 35  THR n 
1 36  GLU n 
1 37  ALA n 
1 38  PRO n 
1 39  GLU n 
1 40  GLU n 
1 41  THR n 
1 42  GLU n 
1 43  ALA n 
1 44  GLU n 
1 45  ARG n 
1 46  GLU n 
1 47  THR n 
1 48  PRO n 
1 49  SER n 
1 50  ALA n 
1 51  ILE n 
1 52  ASN n 
1 53  GLY n 
1 54  ASN n 
1 55  PRO n 
1 56  SER n 
1 57  TRP n 
1 58  HIS n 
1 59  LEU n 
1 60  ALA n 
1 61  ASP n 
1 62  SER n 
1 63  PRO n 
1 64  ALA n 
1 65  VAL n 
1 66  ASN n 
1 67  GLY n 
1 68  ALA n 
1 69  THR n 
1 70  GLY n 
1 71  HIS n 
1 72  SER n 
1 73  SER n 
1 74  SER n 
1 75  LEU n 
1 76  ASP n 
1 77  ALA n 
1 78  ARG n 
1 79  GLU n 
1 80  VAL n 
1 81  ILE n 
1 82  PRO n 
1 83  MET n 
1 84  ALA n 
1 85  ALA n 
1 86  VAL n 
1 87  LYS n 
1 88  GLN n 
1 89  ALA n 
1 90  LEU n 
1 91  ARG n 
1 92  GLU n 
1 93  ALA n 
1 94  GLY n 
1 95  ASP n 
1 96  GLU n 
1 97  PHE n 
1 98  GLU n 
1 99  LEU n 
1 100 ARG n 
1 101 TYR n 
1 102 ARG n 
1 103 ARG n 
1 104 ALA n 
1 105 PHE n 
1 106 SER n 
1 107 ASP n 
1 108 LEU n 
1 109 THR n 
1 110 SER n 
1 111 GLN n 
1 112 LEU n 
1 113 HIS n 
1 114 ILE n 
1 115 THR n 
1 116 PRO n 
1 117 GLY n 
1 118 THR n 
1 119 ALA n 
1 120 TYR n 
1 121 GLN n 
1 122 SER n 
1 123 PHE n 
1 124 GLU n 
1 125 GLN n 
1 126 VAL n 
1 127 VAL n 
1 128 ASN n 
1 129 GLU n 
1 130 LEU n 
1 131 PHE n 
1 132 ARG n 
1 133 ASP n 
1 134 GLY n 
1 135 VAL n 
1 136 ASN n 
1 137 TRP n 
1 138 GLY n 
1 139 ARG n 
1 140 ILE n 
1 141 VAL n 
1 142 ALA n 
1 143 PHE n 
1 144 PHE n 
1 145 SER n 
1 146 PHE n 
1 147 GLY n 
1 148 GLY n 
1 149 ALA n 
1 150 LEU n 
1 151 CYS n 
1 152 VAL n 
1 153 GLU n 
1 154 SER n 
1 155 VAL n 
1 156 ASP n 
1 157 LYS n 
1 158 GLU n 
1 159 MET n 
1 160 GLN n 
1 161 VAL n 
1 162 LEU n 
1 163 VAL n 
1 164 SER n 
1 165 ARG n 
1 166 ILE n 
1 167 ALA n 
1 168 SER n 
1 169 TRP n 
1 170 MET n 
1 171 ALA n 
1 172 THR n 
1 173 TYR n 
1 174 LEU n 
1 175 ASN n 
1 176 ASP n 
1 177 HIS n 
1 178 LEU n 
1 179 GLU n 
1 180 PRO n 
1 181 TRP n 
1 182 ILE n 
1 183 GLN n 
1 184 GLU n 
1 185 ASN n 
1 186 GLY n 
1 187 GLY n 
1 188 TRP n 
1 189 ASP n 
1 190 THR n 
1 191 PHE n 
1 192 VAL n 
1 193 ASP n 
1 194 LEU n 
1 195 TYR n 
1 196 GLY n 
1 197 ASN n 
1 198 ASN n 
1 199 ALA n 
1 200 ALA n 
1 201 ALA n 
1 202 GLU n 
1 203 SER n 
1 204 ARG n 
1 205 LYS n 
1 206 GLY n 
1 207 GLN n 
1 208 GLU n 
1 209 ARG n 
1 210 PHE n 
1 211 ASN n 
2 1   ALA n 
2 2   PRO n 
2 3   PRO n 
2 4   ASN n 
2 5   LEU n 
2 6   TRP n 
2 7   ALA n 
2 8   ALA n 
2 9   GLN n 
2 10  ARG n 
2 11  TYR n 
2 12  GLY n 
2 13  ARG n 
2 14  GLU n 
2 15  LEU n 
2 16  ARG n 
2 17  ARG n 
2 18  MET n 
2 19  SER n 
2 20  ASP n 
2 21  GLU n 
2 22  PHE n 
2 23  GLU n 
2 24  GLY n 
2 25  SER n 
2 26  PHE n 
2 27  LYS n 
# 
loop_
_entity_src_gen.entity_id 
_entity_src_gen.pdbx_src_id 
_entity_src_gen.pdbx_alt_source_flag 
_entity_src_gen.pdbx_seq_type 
_entity_src_gen.pdbx_beg_seq_num 
_entity_src_gen.pdbx_end_seq_num 
_entity_src_gen.gene_src_common_name 
_entity_src_gen.gene_src_genus 
_entity_src_gen.pdbx_gene_src_gene 
_entity_src_gen.gene_src_species 
_entity_src_gen.gene_src_strain 
_entity_src_gen.gene_src_tissue 
_entity_src_gen.gene_src_tissue_fraction 
_entity_src_gen.gene_src_details 
_entity_src_gen.pdbx_gene_src_fragment 
_entity_src_gen.pdbx_gene_src_scientific_name 
_entity_src_gen.pdbx_gene_src_ncbi_taxonomy_id 
_entity_src_gen.pdbx_gene_src_variant 
_entity_src_gen.pdbx_gene_src_cell_line 
_entity_src_gen.pdbx_gene_src_atcc 
_entity_src_gen.pdbx_gene_src_organ 
_entity_src_gen.pdbx_gene_src_organelle 
_entity_src_gen.pdbx_gene_src_cell 
_entity_src_gen.pdbx_gene_src_cellular_location 
_entity_src_gen.host_org_common_name 
_entity_src_gen.pdbx_host_org_scientific_name 
_entity_src_gen.pdbx_host_org_ncbi_taxonomy_id 
_entity_src_gen.host_org_genus 
_entity_src_gen.pdbx_host_org_gene 
_entity_src_gen.pdbx_host_org_organ 
_entity_src_gen.host_org_species 
_entity_src_gen.pdbx_host_org_tissue 
_entity_src_gen.pdbx_host_org_tissue_fraction 
_entity_src_gen.pdbx_host_org_strain 
_entity_src_gen.pdbx_host_org_variant 
_entity_src_gen.pdbx_host_org_cell_line 
_entity_src_gen.pdbx_host_org_atcc 
_entity_src_gen.pdbx_host_org_culture_collection 
_entity_src_gen.pdbx_host_org_cell 
_entity_src_gen.pdbx_host_org_organelle 
_entity_src_gen.pdbx_host_org_cellular_location 
_entity_src_gen.pdbx_host_org_vector_type 
_entity_src_gen.pdbx_host_org_vector 
_entity_src_gen.host_org_details 
_entity_src_gen.expression_system_id 
_entity_src_gen.plasmid_name 
_entity_src_gen.plasmid_details 
_entity_src_gen.pdbx_description 
1 1 sample ? ? ? 'HOUSE MOUSE' ? ? ? ? ? ? ? ? 'MUS MUSCULUS' 10090 ? ? ? UTERUS ? ? ? ? 'ESCHERICHIA COLI' 469008 ? ? ? ? ? ? 
'BL21(DE3)' RIG ? ? ? ? ? ? ? ? ? ? ? ? ? 
2 1 sample ? ? ? 'HOUSE MOUSE' ? ? ? ? ? ? ? ? 'MUS MUSCULUS' 10090 ? ? ? UTERUS ? ? ? ? 'ESCHERICHIA COLI' 469008 ? ? ? ? ? ? 
'BL21(DE3)' RIG ? ? ? ? ? ? ? ? ? ? ? ? ? 
# 
loop_
_chem_comp.id 
_chem_comp.type 
_chem_comp.mon_nstd_flag 
_chem_comp.name 
_chem_comp.pdbx_synonyms 
_chem_comp.formula 
_chem_comp.formula_weight 
ALA 'L-peptide linking' y ALANINE         ? 'C3 H7 N O2'     89.093  
ARG 'L-peptide linking' y ARGININE        ? 'C6 H15 N4 O2 1' 175.209 
ASN 'L-peptide linking' y ASPARAGINE      ? 'C4 H8 N2 O3'    132.118 
ASP 'L-peptide linking' y 'ASPARTIC ACID' ? 'C4 H7 N O4'     133.103 
CYS 'L-peptide linking' y CYSTEINE        ? 'C3 H7 N O2 S'   121.158 
GLN 'L-peptide linking' y GLUTAMINE       ? 'C5 H10 N2 O3'   146.144 
GLU 'L-peptide linking' y 'GLUTAMIC ACID' ? 'C5 H9 N O4'     147.129 
GLY 'peptide linking'   y GLYCINE         ? 'C2 H5 N O2'     75.067  
HIS 'L-peptide linking' y HISTIDINE       ? 'C6 H10 N3 O2 1' 156.162 
HOH non-polymer         . WATER           ? 'H2 O'           18.015  
ILE 'L-peptide linking' y ISOLEUCINE      ? 'C6 H13 N O2'    131.173 
LEU 'L-peptide linking' y LEUCINE         ? 'C6 H13 N O2'    131.173 
LYS 'L-peptide linking' y LYSINE          ? 'C6 H15 N2 O2 1' 147.195 
MET 'L-peptide linking' y METHIONINE      ? 'C5 H11 N O2 S'  149.211 
PHE 'L-peptide linking' y PHENYLALANINE   ? 'C9 H11 N O2'    165.189 
PRO 'L-peptide linking' y PROLINE         ? 'C5 H9 N O2'     115.130 
SER 'L-peptide linking' y SERINE          ? 'C3 H7 N O3'     105.093 
THR 'L-peptide linking' y THREONINE       ? 'C4 H9 N O3'     119.119 
TRP 'L-peptide linking' y TRYPTOPHAN      ? 'C11 H12 N2 O2'  204.225 
TYR 'L-peptide linking' y TYROSINE        ? 'C9 H11 N O3'    181.189 
VAL 'L-peptide linking' y VALINE          ? 'C5 H11 N O2'    117.146 
# 
loop_
_pdbx_poly_seq_scheme.asym_id 
_pdbx_poly_seq_scheme.entity_id 
_pdbx_poly_seq_scheme.seq_id 
_pdbx_poly_seq_scheme.mon_id 
_pdbx_poly_seq_scheme.ndb_seq_num 
_pdbx_poly_seq_scheme.pdb_seq_num 
_pdbx_poly_seq_scheme.auth_seq_num 
_pdbx_poly_seq_scheme.pdb_mon_id 
_pdbx_poly_seq_scheme.auth_mon_id 
_pdbx_poly_seq_scheme.pdb_strand_id 
_pdbx_poly_seq_scheme.pdb_ins_code 
_pdbx_poly_seq_scheme.hetero 
A 1 1   MET 1   1   ?   ?   ?   A . n 
A 1 2   SER 2   2   2   SER SER A . n 
A 1 3   GLN 3   3   3   GLN GLN A . n 
A 1 4   SER 4   4   4   SER SER A . n 
A 1 5   ASN 5   5   5   ASN ASN A . n 
A 1 6   ARG 6   6   6   ARG ARG A . n 
A 1 7   GLU 7   7   7   GLU GLU A . n 
A 1 8   LEU 8   8   8   LEU LEU A . n 
A 1 9   VAL 9   9   9   VAL VAL A . n 
A 1 10  VAL 10  10  10  VAL VAL A . n 
A 1 11  ASP 11  11  11  ASP ASP A . n 
A 1 12  PHE 12  12  12  PHE PHE A . n 
A 1 13  LEU 13  13  13  LEU LEU A . n 
A 1 14  SER 14  14  14  SER SER A . n 
A 1 15  TYR 15  15  15  TYR TYR A . n 
A 1 16  LYS 16  16  16  LYS LYS A . n 
A 1 17  LEU 17  17  17  LEU LEU A . n 
A 1 18  SER 18  18  18  SER SER A . n 
A 1 19  GLN 19  19  19  GLN GLN A . n 
A 1 20  LYS 20  20  20  LYS LYS A . n 
A 1 21  GLY 21  21  21  GLY GLY A . n 
A 1 22  TYR 22  22  22  TYR TYR A . n 
A 1 23  SER 23  23  23  SER SER A . n 
A 1 24  TRP 24  24  24  TRP TRP A . n 
A 1 25  SER 25  25  25  SER SER A . n 
A 1 26  GLN 26  26  26  GLN GLN A . n 
A 1 27  PHE 27  27  27  PHE PHE A . n 
A 1 28  SER 28  28  28  SER SER A . n 
A 1 29  ASP 29  29  29  ASP ASP A . n 
A 1 30  VAL 30  30  ?   ?   ?   A . n 
A 1 31  GLU 31  31  ?   ?   ?   A . n 
A 1 32  GLU 32  32  ?   ?   ?   A . n 
A 1 33  ASN 33  33  ?   ?   ?   A . n 
A 1 34  ARG 34  34  ?   ?   ?   A . n 
A 1 35  THR 35  35  ?   ?   ?   A . n 
A 1 36  GLU 36  36  ?   ?   ?   A . n 
A 1 37  ALA 37  37  ?   ?   ?   A . n 
A 1 38  PRO 38  38  ?   ?   ?   A . n 
A 1 39  GLU 39  39  ?   ?   ?   A . n 
A 1 40  GLU 40  40  ?   ?   ?   A . n 
A 1 41  THR 41  41  ?   ?   ?   A . n 
A 1 42  GLU 42  42  ?   ?   ?   A . n 
A 1 43  ALA 43  43  ?   ?   ?   A . n 
A 1 44  GLU 44  44  ?   ?   ?   A . n 
A 1 45  ARG 45  45  ?   ?   ?   A . n 
A 1 46  GLU 46  46  ?   ?   ?   A . n 
A 1 47  THR 47  47  ?   ?   ?   A . n 
A 1 48  PRO 48  48  ?   ?   ?   A . n 
A 1 49  SER 49  49  ?   ?   ?   A . n 
A 1 50  ALA 50  50  ?   ?   ?   A . n 
A 1 51  ILE 51  51  ?   ?   ?   A . n 
A 1 52  ASN 52  52  ?   ?   ?   A . n 
A 1 53  GLY 53  53  ?   ?   ?   A . n 
A 1 54  ASN 54  54  ?   ?   ?   A . n 
A 1 55  PRO 55  55  ?   ?   ?   A . n 
A 1 56  SER 56  56  ?   ?   ?   A . n 
A 1 57  TRP 57  57  ?   ?   ?   A . n 
A 1 58  HIS 58  58  ?   ?   ?   A . n 
A 1 59  LEU 59  59  ?   ?   ?   A . n 
A 1 60  ALA 60  60  ?   ?   ?   A . n 
A 1 61  ASP 61  61  ?   ?   ?   A . n 
A 1 62  SER 62  62  ?   ?   ?   A . n 
A 1 63  PRO 63  63  ?   ?   ?   A . n 
A 1 64  ALA 64  64  ?   ?   ?   A . n 
A 1 65  VAL 65  65  ?   ?   ?   A . n 
A 1 66  ASN 66  66  ?   ?   ?   A . n 
A 1 67  GLY 67  67  ?   ?   ?   A . n 
A 1 68  ALA 68  68  ?   ?   ?   A . n 
A 1 69  THR 69  69  ?   ?   ?   A . n 
A 1 70  GLY 70  70  ?   ?   ?   A . n 
A 1 71  HIS 71  71  ?   ?   ?   A . n 
A 1 72  SER 72  72  ?   ?   ?   A . n 
A 1 73  SER 73  73  ?   ?   ?   A . n 
A 1 74  SER 74  74  ?   ?   ?   A . n 
A 1 75  LEU 75  75  ?   ?   ?   A . n 
A 1 76  ASP 76  76  ?   ?   ?   A . n 
A 1 77  ALA 77  77  ?   ?   ?   A . n 
A 1 78  ARG 78  78  ?   ?   ?   A . n 
A 1 79  GLU 79  79  ?   ?   ?   A . n 
A 1 80  VAL 80  80  ?   ?   ?   A . n 
A 1 81  ILE 81  81  81  ILE ILE A . n 
A 1 82  PRO 82  82  82  PRO PRO A . n 
A 1 83  MET 83  83  83  MET MET A . n 
A 1 84  ALA 84  84  84  ALA ALA A . n 
A 1 85  ALA 85  85  85  ALA ALA A . n 
A 1 86  VAL 86  86  86  VAL VAL A . n 
A 1 87  LYS 87  87  87  LYS LYS A . n 
A 1 88  GLN 88  88  88  GLN GLN A . n 
A 1 89  ALA 89  89  89  ALA ALA A . n 
A 1 90  LEU 90  90  90  LEU LEU A . n 
A 1 91  ARG 91  91  91  ARG ARG A . n 
A 1 92  GLU 92  92  92  GLU GLU A . n 
A 1 93  ALA 93  93  93  ALA ALA A . n 
A 1 94  GLY 94  94  94  GLY GLY A . n 
A 1 95  ASP 95  95  95  ASP ASP A . n 
A 1 96  GLU 96  96  96  GLU GLU A . n 
A 1 97  PHE 97  97  97  PHE PHE A . n 
A 1 98  GLU 98  98  98  GLU GLU A . n 
A 1 99  LEU 99  99  99  LEU LEU A . n 
A 1 100 ARG 100 100 100 ARG ARG A . n 
A 1 101 TYR 101 101 101 TYR TYR A . n 
A 1 102 ARG 102 102 102 ARG ARG A . n 
A 1 103 ARG 103 103 103 ARG ARG A . n 
A 1 104 ALA 104 104 104 ALA ALA A . n 
A 1 105 PHE 105 105 105 PHE PHE A . n 
A 1 106 SER 106 106 106 SER SER A . n 
A 1 107 ASP 107 107 107 ASP ASP A . n 
A 1 108 LEU 108 108 108 LEU LEU A . n 
A 1 109 THR 109 109 109 THR THR A . n 
A 1 110 SER 110 110 110 SER SER A . n 
A 1 111 GLN 111 111 111 GLN GLN A . n 
A 1 112 LEU 112 112 112 LEU LEU A . n 
A 1 113 HIS 113 113 113 HIS HIS A . n 
A 1 114 ILE 114 114 114 ILE ILE A . n 
A 1 115 THR 115 115 115 THR THR A . n 
A 1 116 PRO 116 116 116 PRO PRO A . n 
A 1 117 GLY 117 117 117 GLY GLY A . n 
A 1 118 THR 118 118 118 THR THR A . n 
A 1 119 ALA 119 119 119 ALA ALA A . n 
A 1 120 TYR 120 120 120 TYR TYR A . n 
A 1 121 GLN 121 121 121 GLN GLN A . n 
A 1 122 SER 122 122 122 SER SER A . n 
A 1 123 PHE 123 123 123 PHE PHE A . n 
A 1 124 GLU 124 124 124 GLU GLU A . n 
A 1 125 GLN 125 125 125 GLN GLN A . n 
A 1 126 VAL 126 126 126 VAL VAL A . n 
A 1 127 VAL 127 127 127 VAL VAL A . n 
A 1 128 ASN 128 128 128 ASN ASN A . n 
A 1 129 GLU 129 129 129 GLU GLU A . n 
A 1 130 LEU 130 130 130 LEU LEU A . n 
A 1 131 PHE 131 131 131 PHE PHE A . n 
A 1 132 ARG 132 132 132 ARG ARG A . n 
A 1 133 ASP 133 133 133 ASP ASP A . n 
A 1 134 GLY 134 134 134 GLY GLY A . n 
A 1 135 VAL 135 135 135 VAL VAL A . n 
A 1 136 ASN 136 136 136 ASN ASN A . n 
A 1 137 TRP 137 137 137 TRP TRP A . n 
A 1 138 GLY 138 138 138 GLY GLY A . n 
A 1 139 ARG 139 139 139 ARG ARG A . n 
A 1 140 ILE 140 140 140 ILE ILE A . n 
A 1 141 VAL 141 141 141 VAL VAL A . n 
A 1 142 ALA 142 142 142 ALA ALA A . n 
A 1 143 PHE 143 143 143 PHE PHE A . n 
A 1 144 PHE 144 144 144 PHE PHE A . n 
A 1 145 SER 145 145 145 SER SER A . n 
A 1 146 PHE 146 146 146 PHE PHE A . n 
A 1 147 GLY 147 147 147 GLY GLY A . n 
A 1 148 GLY 148 148 148 GLY GLY A . n 
A 1 149 ALA 149 149 149 ALA ALA A . n 
A 1 150 LEU 150 150 150 LEU LEU A . n 
A 1 151 CYS 151 151 151 CYS CYS A . n 
A 1 152 VAL 152 152 152 VAL VAL A . n 
A 1 153 GLU 153 153 153 GLU GLU A . n 
A 1 154 SER 154 154 154 SER SER A . n 
A 1 155 VAL 155 155 155 VAL VAL A . n 
A 1 156 ASP 156 156 156 ASP ASP A . n 
A 1 157 LYS 157 157 157 LYS LYS A . n 
A 1 158 GLU 158 158 158 GLU GLU A . n 
A 1 159 MET 159 159 159 MET MET A . n 
A 1 160 GLN 160 160 160 GLN GLN A . n 
A 1 161 VAL 161 161 161 VAL VAL A . n 
A 1 162 LEU 162 162 162 LEU LEU A . n 
A 1 163 VAL 163 163 163 VAL VAL A . n 
A 1 164 SER 164 164 164 SER SER A . n 
A 1 165 ARG 165 165 165 ARG ARG A . n 
A 1 166 ILE 166 166 166 ILE ILE A . n 
A 1 167 ALA 167 167 167 ALA ALA A . n 
A 1 168 SER 168 168 168 SER SER A . n 
A 1 169 TRP 169 169 169 TRP TRP A . n 
A 1 170 MET 170 170 170 MET MET A . n 
A 1 171 ALA 171 171 171 ALA ALA A . n 
A 1 172 THR 172 172 172 THR THR A . n 
A 1 173 TYR 173 173 173 TYR TYR A . n 
A 1 174 LEU 174 174 174 LEU LEU A . n 
A 1 175 ASN 175 175 175 ASN ASN A . n 
A 1 176 ASP 176 176 176 ASP ASP A . n 
A 1 177 HIS 177 177 177 HIS HIS A . n 
A 1 178 LEU 178 178 178 LEU LEU A . n 
A 1 179 GLU 179 179 179 GLU GLU A . n 
A 1 180 PRO 180 180 180 PRO PRO A . n 
A 1 181 TRP 181 181 181 TRP TRP A . n 
A 1 182 ILE 182 182 182 ILE ILE A . n 
A 1 183 GLN 183 183 183 GLN GLN A . n 
A 1 184 GLU 184 184 184 GLU GLU A . n 
A 1 185 ASN 185 185 185 ASN ASN A . n 
A 1 186 GLY 186 186 186 GLY GLY A . n 
A 1 187 GLY 187 187 187 GLY GLY A . n 
A 1 188 TRP 188 188 188 TRP TRP A . n 
A 1 189 ASP 189 189 189 ASP ASP A . n 
A 1 190 THR 190 190 190 THR THR A . n 
A 1 191 PHE 191 191 191 PHE PHE A . n 
A 1 192 VAL 192 192 192 VAL VAL A . n 
A 1 193 ASP 193 193 193 ASP ASP A . n 
A 1 194 LEU 194 194 194 LEU LEU A . n 
A 1 195 TYR 195 195 195 TYR TYR A . n 
A 1 196 GLY 196 196 196 GLY GLY A . n 
A 1 197 ASN 197 197 197 ASN ASN A . n 
A 1 198 ASN 198 198 ?   ?   ?   A . n 
A 1 199 ALA 199 199 ?   ?   ?   A . n 
A 1 200 ALA 200 200 ?   ?   ?   A . n 
A 1 201 ALA 201 201 ?   ?   ?   A . n 
A 1 202 GLU 202 202 ?   ?   ?   A . n 
A 1 203 SER 203 203 ?   ?   ?   A . n 
A 1 204 ARG 204 204 ?   ?   ?   A . n 
A 1 205 LYS 205 205 ?   ?   ?   A . n 
A 1 206 GLY 206 206 ?   ?   ?   A . n 
A 1 207 GLN 207 207 ?   ?   ?   A . n 
A 1 208 GLU 208 208 ?   ?   ?   A . n 
A 1 209 ARG 209 209 ?   ?   ?   A . n 
A 1 210 PHE 210 210 ?   ?   ?   A . n 
A 1 211 ASN 211 211 ?   ?   ?   A . n 
B 2 1   ALA 1   95  95  ALA ALA B . n 
B 2 2   PRO 2   96  96  PRO PRO B . n 
B 2 3   PRO 3   97  97  PRO PRO B . n 
B 2 4   ASN 4   98  98  ASN ASN B . n 
B 2 5   LEU 5   99  99  LEU LEU B . n 
B 2 6   TRP 6   100 100 TRP TRP B . n 
B 2 7   ALA 7   101 101 ALA ALA B . n 
B 2 8   ALA 8   102 102 ALA ALA B . n 
B 2 9   GLN 9   103 103 GLN GLN B . n 
B 2 10  ARG 10  104 104 ARG ARG B . n 
B 2 11  TYR 11  105 105 TYR TYR B . n 
B 2 12  GLY 12  106 106 GLY GLY B . n 
B 2 13  ARG 13  107 107 ARG ARG B . n 
B 2 14  GLU 14  108 108 GLU GLU B . n 
B 2 15  LEU 15  109 109 LEU LEU B . n 
B 2 16  ARG 16  110 110 ARG ARG B . n 
B 2 17  ARG 17  111 111 ARG ARG B . n 
B 2 18  MET 18  112 112 MET MET B . n 
B 2 19  SER 19  113 113 SER SER B . n 
B 2 20  ASP 20  114 114 ASP ASP B . n 
B 2 21  GLU 21  115 115 GLU GLU B . n 
B 2 22  PHE 22  116 116 PHE PHE B . n 
B 2 23  GLU 23  117 117 GLU GLU B . n 
B 2 24  GLY 24  118 118 GLY GLY B . n 
B 2 25  SER 25  119 119 SER SER B . n 
B 2 26  PHE 26  120 120 PHE PHE B . n 
B 2 27  LYS 27  121 121 LYS LYS B . n 
# 
loop_
_pdbx_nonpoly_scheme.asym_id 
_pdbx_nonpoly_scheme.entity_id 
_pdbx_nonpoly_scheme.mon_id 
_pdbx_nonpoly_scheme.ndb_seq_num 
_pdbx_nonpoly_scheme.pdb_seq_num 
_pdbx_nonpoly_scheme.auth_seq_num 
_pdbx_nonpoly_scheme.pdb_mon_id 
_pdbx_nonpoly_scheme.auth_mon_id 
_pdbx_nonpoly_scheme.pdb_strand_id 
_pdbx_nonpoly_scheme.pdb_ins_code 
C 3 HOH 1  2001 2001 HOH HOH A . 
C 3 HOH 2  2002 2002 HOH HOH A . 
C 3 HOH 3  2003 2003 HOH HOH A . 
C 3 HOH 4  2004 2004 HOH HOH A . 
C 3 HOH 5  2005 2005 HOH HOH A . 
C 3 HOH 6  2006 2006 HOH HOH A . 
C 3 HOH 7  2007 2007 HOH HOH A . 
C 3 HOH 8  2008 2008 HOH HOH A . 
C 3 HOH 9  2009 2009 HOH HOH A . 
C 3 HOH 10 2010 2010 HOH HOH A . 
C 3 HOH 11 2011 2011 HOH HOH A . 
C 3 HOH 12 2012 2012 HOH HOH A . 
C 3 HOH 13 2013 2013 HOH HOH A . 
C 3 HOH 14 2014 2014 HOH HOH A . 
C 3 HOH 15 2015 2015 HOH HOH A . 
C 3 HOH 16 2016 2016 HOH HOH A . 
C 3 HOH 17 2017 2017 HOH HOH A . 
C 3 HOH 18 2018 2018 HOH HOH A . 
C 3 HOH 19 2019 2019 HOH HOH A . 
C 3 HOH 20 2020 2020 HOH HOH A . 
C 3 HOH 21 2021 2021 HOH HOH A . 
C 3 HOH 22 2022 2022 HOH HOH A . 
C 3 HOH 23 2023 2023 HOH HOH A . 
C 3 HOH 24 2024 2024 HOH HOH A . 
C 3 HOH 25 2025 2025 HOH HOH A . 
C 3 HOH 26 2026 2026 HOH HOH A . 
C 3 HOH 27 2027 2027 HOH HOH A . 
C 3 HOH 28 2028 2028 HOH HOH A . 
C 3 HOH 29 2029 2029 HOH HOH A . 
C 3 HOH 30 2030 2030 HOH HOH A . 
C 3 HOH 31 2031 2031 HOH HOH A . 
D 3 HOH 1  2001 2001 HOH HOH B . 
D 3 HOH 2  2002 2002 HOH HOH B . 
D 3 HOH 3  2003 2003 HOH HOH B . 
D 3 HOH 4  2004 2004 HOH HOH B . 
D 3 HOH 5  2005 2005 HOH HOH B . 
D 3 HOH 6  2006 2006 HOH HOH B . 
# 
loop_
_pdbx_unobs_or_zero_occ_atoms.id 
_pdbx_unobs_or_zero_occ_atoms.PDB_model_num 
_pdbx_unobs_or_zero_occ_atoms.polymer_flag 
_pdbx_unobs_or_zero_occ_atoms.occupancy_flag 
_pdbx_unobs_or_zero_occ_atoms.auth_asym_id 
_pdbx_unobs_or_zero_occ_atoms.auth_comp_id 
_pdbx_unobs_or_zero_occ_atoms.auth_seq_id 
_pdbx_unobs_or_zero_occ_atoms.PDB_ins_code 
_pdbx_unobs_or_zero_occ_atoms.auth_atom_id 
_pdbx_unobs_or_zero_occ_atoms.label_alt_id 
_pdbx_unobs_or_zero_occ_atoms.label_asym_id 
_pdbx_unobs_or_zero_occ_atoms.label_comp_id 
_pdbx_unobs_or_zero_occ_atoms.label_seq_id 
_pdbx_unobs_or_zero_occ_atoms.label_atom_id 
1  1 Y 1 A ARG 102 ? CG  ? A ARG 102 CG  
2  1 Y 1 A ARG 102 ? CD  ? A ARG 102 CD  
3  1 Y 1 A ARG 102 ? NE  ? A ARG 102 NE  
4  1 Y 1 A ARG 102 ? CZ  ? A ARG 102 CZ  
5  1 Y 1 A ARG 102 ? NH1 ? A ARG 102 NH1 
6  1 Y 1 A ARG 102 ? NH2 ? A ARG 102 NH2 
7  1 Y 1 A ASN 197 ? CA  ? A ASN 197 CA  
8  1 Y 1 A ASN 197 ? C   ? A ASN 197 C   
9  1 Y 1 A ASN 197 ? O   ? A ASN 197 O   
10 1 Y 1 A ASN 197 ? CB  ? A ASN 197 CB  
11 1 Y 1 A ASN 197 ? CG  ? A ASN 197 CG  
12 1 Y 1 A ASN 197 ? OD1 ? A ASN 197 OD1 
13 1 Y 1 A ASN 197 ? ND2 ? A ASN 197 ND2 
# 
_software.name             CNS 
_software.classification   refinement 
_software.version          1.0 
_software.citation_id      ? 
_software.pdbx_ordinal     1 
# 
_cell.entry_id           2BZW 
_cell.length_a           91.748 
_cell.length_b           91.748 
_cell.length_c           58.545 
_cell.angle_alpha        90.00 
_cell.angle_beta         90.00 
_cell.angle_gamma        120.00 
_cell.Z_PDB              6 
_cell.pdbx_unique_axis   ? 
# 
_symmetry.entry_id                         2BZW 
_symmetry.space_group_name_H-M             'P 65' 
_symmetry.pdbx_full_space_group_name_H-M   ? 
_symmetry.cell_setting                     ? 
_symmetry.Int_Tables_number                170 
# 
_exptl.entry_id          2BZW 
_exptl.method            'X-RAY DIFFRACTION' 
_exptl.crystals_number   ? 
# 
_exptl_crystal.id                    1 
_exptl_crystal.density_meas          ? 
_exptl_crystal.density_Matthews      2.64 
_exptl_crystal.density_percent_sol   53.40 
_exptl_crystal.description           ? 
# 
_diffrn.id                     1 
_diffrn.ambient_temp           277.0 
_diffrn.ambient_temp_details   ? 
_diffrn.crystal_id             1 
# 
_diffrn_radiation.diffrn_id                        1 
_diffrn_radiation.wavelength_id                    1 
_diffrn_radiation.pdbx_monochromatic_or_laue_m_l   M 
_diffrn_radiation.monochromator                    ? 
_diffrn_radiation.pdbx_diffrn_protocol             'SINGLE WAVELENGTH' 
_diffrn_radiation.pdbx_scattering_type             x-ray 
# 
_diffrn_radiation_wavelength.id           1 
_diffrn_radiation_wavelength.wavelength   1.0000 
_diffrn_radiation_wavelength.wt           1.0 
# 
_diffrn_source.diffrn_id                   1 
_diffrn_source.source                      SYNCHROTRON 
_diffrn_source.type                        'SPRING-8 BEAMLINE BL41XU' 
_diffrn_source.pdbx_synchrotron_site       SPring-8 
_diffrn_source.pdbx_synchrotron_beamline   BL41XU 
_diffrn_source.pdbx_wavelength             1.0000 
_diffrn_source.pdbx_wavelength_list        ? 
# 
_reflns.pdbx_diffrn_id               1 
_reflns.pdbx_ordinal                 1 
_reflns.entry_id                     2BZW 
_reflns.observed_criterion_sigma_I   2.000 
_reflns.observed_criterion_sigma_F   ? 
_reflns.d_resolution_low             20.000 
_reflns.d_resolution_high            2.300 
_reflns.number_obs                   14382 
_reflns.number_all                   ? 
_reflns.percent_possible_obs         89.3 
_reflns.pdbx_Rmerge_I_obs            0.05000 
_reflns.pdbx_Rsym_value              ? 
_reflns.pdbx_netI_over_sigmaI        11.0000 
_reflns.B_iso_Wilson_estimate        ? 
_reflns.pdbx_redundancy              2.500 
# 
_refine.pdbx_refine_id                           'X-RAY DIFFRACTION' 
_refine.entry_id                                 2BZW 
_refine.pdbx_diffrn_id                           1 
_refine.pdbx_TLS_residual_ADP_flag               ? 
_refine.ls_number_reflns_obs                     11244 
_refine.ls_number_reflns_all                     ? 
_refine.pdbx_ls_sigma_I                          ? 
_refine.pdbx_ls_sigma_F                          1.0 
_refine.pdbx_data_cutoff_high_absF               10000 
_refine.pdbx_data_cutoff_low_absF                ? 
_refine.pdbx_data_cutoff_high_rms_absF           ? 
_refine.ls_d_res_low                             20.0 
_refine.ls_d_res_high                            2.3 
_refine.ls_percent_reflns_obs                    89.3 
_refine.ls_R_factor_obs                          0.2193 
_refine.ls_R_factor_all                          ? 
_refine.ls_R_factor_R_work                       0.2193 
_refine.ls_R_factor_R_free                       0.2479 
_refine.ls_R_factor_R_free_error                 ? 
_refine.ls_R_factor_R_free_error_details         ? 
_refine.ls_percent_reflns_R_free                 4.6 
_refine.ls_number_reflns_R_free                  574 
_refine.ls_number_parameters                     ? 
_refine.ls_number_restraints                     ? 
_refine.occupancy_min                            ? 
_refine.occupancy_max                            ? 
_refine.correlation_coeff_Fo_to_Fc               ? 
_refine.correlation_coeff_Fo_to_Fc_free          ? 
_refine.B_iso_mean                               ? 
_refine.aniso_B[1][1]                            -2.560 
_refine.aniso_B[2][2]                            -3.138 
_refine.aniso_B[3][3]                            5.698 
_refine.aniso_B[1][2]                            -3.255 
_refine.aniso_B[1][3]                            0.000 
_refine.aniso_B[2][3]                            0.000 
_refine.solvent_model_details                    ? 
_refine.solvent_model_param_ksol                 0.352073 
_refine.solvent_model_param_bsol                 38.0548 
_refine.pdbx_solvent_vdw_probe_radii             ? 
_refine.pdbx_solvent_ion_probe_radii             ? 
_refine.pdbx_solvent_shrinkage_radii             ? 
_refine.pdbx_ls_cross_valid_method               THROUGHOUT 
_refine.details                                  ? 
_refine.pdbx_starting_model                      ? 
_refine.pdbx_method_to_determine_struct          OTHER 
_refine.pdbx_isotropic_thermal_model             ? 
_refine.pdbx_stereochemistry_target_values       ? 
_refine.pdbx_stereochem_target_val_spec_case     ? 
_refine.pdbx_R_Free_selection_details            RANDOM 
_refine.pdbx_overall_ESU_R                       ? 
_refine.pdbx_overall_ESU_R_Free                  ? 
_refine.overall_SU_ML                            ? 
_refine.pdbx_overall_phase_error                 ? 
_refine.overall_SU_B                             ? 
_refine.overall_SU_R_Cruickshank_DPI             ? 
_refine.pdbx_overall_SU_R_free_Cruickshank_DPI   ? 
_refine.pdbx_overall_SU_R_Blow_DPI               ? 
_refine.pdbx_overall_SU_R_free_Blow_DPI          ? 
# 
_refine_hist.pdbx_refine_id                   'X-RAY DIFFRACTION' 
_refine_hist.cycle_id                         LAST 
_refine_hist.pdbx_number_atoms_protein        1389 
_refine_hist.pdbx_number_atoms_nucleic_acid   0 
_refine_hist.pdbx_number_atoms_ligand         0 
_refine_hist.number_atoms_solvent             37 
_refine_hist.number_atoms_total               1426 
_refine_hist.d_res_high                       2.3 
_refine_hist.d_res_low                        20.0 
# 
loop_
_refine_ls_restr.type 
_refine_ls_restr.dev_ideal 
_refine_ls_restr.dev_ideal_target 
_refine_ls_restr.weight 
_refine_ls_restr.number 
_refine_ls_restr.pdbx_refine_id 
_refine_ls_restr.pdbx_restraint_function 
c_bond_d                0.00677 ? ? ? 'X-RAY DIFFRACTION' ? 
c_bond_d_na             ?       ? ? ? 'X-RAY DIFFRACTION' ? 
c_bond_d_prot           ?       ? ? ? 'X-RAY DIFFRACTION' ? 
c_angle_d               ?       ? ? ? 'X-RAY DIFFRACTION' ? 
c_angle_d_na            ?       ? ? ? 'X-RAY DIFFRACTION' ? 
c_angle_d_prot          ?       ? ? ? 'X-RAY DIFFRACTION' ? 
c_angle_deg             1.19534 ? ? ? 'X-RAY DIFFRACTION' ? 
c_angle_deg_na          ?       ? ? ? 'X-RAY DIFFRACTION' ? 
c_angle_deg_prot        ?       ? ? ? 'X-RAY DIFFRACTION' ? 
c_dihedral_angle_d      ?       ? ? ? 'X-RAY DIFFRACTION' ? 
c_dihedral_angle_d_na   ?       ? ? ? 'X-RAY DIFFRACTION' ? 
c_dihedral_angle_d_prot ?       ? ? ? 'X-RAY DIFFRACTION' ? 
c_improper_angle_d      ?       ? ? ? 'X-RAY DIFFRACTION' ? 
c_improper_angle_d_na   ?       ? ? ? 'X-RAY DIFFRACTION' ? 
c_improper_angle_d_prot ?       ? ? ? 'X-RAY DIFFRACTION' ? 
c_mcbond_it             ?       ? ? ? 'X-RAY DIFFRACTION' ? 
c_mcangle_it            ?       ? ? ? 'X-RAY DIFFRACTION' ? 
c_scbond_it             ?       ? ? ? 'X-RAY DIFFRACTION' ? 
c_scangle_it            ?       ? ? ? 'X-RAY DIFFRACTION' ? 
# 
loop_
_pdbx_xplor_file.pdbx_refine_id 
_pdbx_xplor_file.serial_no 
_pdbx_xplor_file.param_file 
_pdbx_xplor_file.topol_file 
'X-RAY DIFFRACTION' 1 PROTEIN_REP.PARAM ? 
'X-RAY DIFFRACTION' 2 WATER_REP.PARAM   ? 
'X-RAY DIFFRACTION' 3 ION.PARAM         ? 
# 
_struct.entry_id                  2BZW 
_struct.title                     'The crystal structure of BCL-XL in complex with full-length BAD' 
_struct.pdbx_model_details        ? 
_struct.pdbx_CASP_flag            ? 
_struct.pdbx_model_type_details   ? 
# 
_struct_keywords.entry_id        2BZW 
_struct_keywords.pdbx_keywords   TRANSCRIPTION 
_struct_keywords.text            'TRANSCRIPTION, APOPTOSIS, PHOSPHORYLATION, TRANSCRIPTION COMPLEX, MITOCHONDRION, TRANSMEMBRANE' 
# 
loop_
_struct_asym.id 
_struct_asym.pdbx_blank_PDB_chainid_flag 
_struct_asym.pdbx_modified 
_struct_asym.entity_id 
_struct_asym.details 
A N N 1 ? 
B N N 2 ? 
C N N 3 ? 
D N N 3 ? 
# 
loop_
_struct_ref.id 
_struct_ref.db_name 
_struct_ref.db_code 
_struct_ref.entity_id 
_struct_ref.pdbx_seq_one_letter_code 
_struct_ref.pdbx_align_begin 
_struct_ref.pdbx_db_accession 
_struct_ref.pdbx_db_isoform 
1 UNP BCLX_MOUSE 1 ? ? Q64373 ? 
2 UNP BAD_MOUSE  2 ? ? Q61337 ? 
# 
loop_
_struct_ref_seq.align_id 
_struct_ref_seq.ref_id 
_struct_ref_seq.pdbx_PDB_id_code 
_struct_ref_seq.pdbx_strand_id 
_struct_ref_seq.seq_align_beg 
_struct_ref_seq.pdbx_seq_align_beg_ins_code 
_struct_ref_seq.seq_align_end 
_struct_ref_seq.pdbx_seq_align_end_ins_code 
_struct_ref_seq.pdbx_db_accession 
_struct_ref_seq.db_align_beg 
_struct_ref_seq.pdbx_db_align_beg_ins_code 
_struct_ref_seq.db_align_end 
_struct_ref_seq.pdbx_db_align_end_ins_code 
_struct_ref_seq.pdbx_auth_seq_align_beg 
_struct_ref_seq.pdbx_auth_seq_align_end 
1 1 2BZW A 1 ? 211 ? Q64373 1   ? 211 ? 1  211 
2 2 2BZW B 1 ? 27  ? Q61337 137 ? 163 ? 95 121 
# 
_pdbx_struct_assembly.id                   1 
_pdbx_struct_assembly.details              author_and_software_defined_assembly 
_pdbx_struct_assembly.method_details       PISA 
_pdbx_struct_assembly.oligomeric_details   dimeric 
_pdbx_struct_assembly.oligomeric_count     2 
# 
loop_
_pdbx_struct_assembly_prop.biol_id 
_pdbx_struct_assembly_prop.type 
_pdbx_struct_assembly_prop.value 
_pdbx_struct_assembly_prop.details 
1 'ABSA (A^2)' 2160  ? 
1 MORE         -15.3 ? 
1 'SSA (A^2)'  8080  ? 
# 
_pdbx_struct_assembly_gen.assembly_id       1 
_pdbx_struct_assembly_gen.oper_expression   1 
_pdbx_struct_assembly_gen.asym_id_list      A,B,C,D 
# 
_pdbx_struct_oper_list.id                   1 
_pdbx_struct_oper_list.type                 'identity operation' 
_pdbx_struct_oper_list.name                 1_555 
_pdbx_struct_oper_list.symmetry_operation   x,y,z 
_pdbx_struct_oper_list.matrix[1][1]         1.0000000000 
_pdbx_struct_oper_list.matrix[1][2]         0.0000000000 
_pdbx_struct_oper_list.matrix[1][3]         0.0000000000 
_pdbx_struct_oper_list.vector[1]            0.0000000000 
_pdbx_struct_oper_list.matrix[2][1]         0.0000000000 
_pdbx_struct_oper_list.matrix[2][2]         1.0000000000 
_pdbx_struct_oper_list.matrix[2][3]         0.0000000000 
_pdbx_struct_oper_list.vector[2]            0.0000000000 
_pdbx_struct_oper_list.matrix[3][1]         0.0000000000 
_pdbx_struct_oper_list.matrix[3][2]         0.0000000000 
_pdbx_struct_oper_list.matrix[3][3]         1.0000000000 
_pdbx_struct_oper_list.vector[3]            0.0000000000 
# 
_struct_biol.id   1 
# 
loop_
_struct_conf.conf_type_id 
_struct_conf.id 
_struct_conf.pdbx_PDB_helix_id 
_struct_conf.beg_label_comp_id 
_struct_conf.beg_label_asym_id 
_struct_conf.beg_label_seq_id 
_struct_conf.pdbx_beg_PDB_ins_code 
_struct_conf.end_label_comp_id 
_struct_conf.end_label_asym_id 
_struct_conf.end_label_seq_id 
_struct_conf.pdbx_end_PDB_ins_code 
_struct_conf.beg_auth_comp_id 
_struct_conf.beg_auth_asym_id 
_struct_conf.beg_auth_seq_id 
_struct_conf.end_auth_comp_id 
_struct_conf.end_auth_asym_id 
_struct_conf.end_auth_seq_id 
_struct_conf.pdbx_PDB_helix_class 
_struct_conf.details 
_struct_conf.pdbx_PDB_helix_length 
HELX_P HELX_P1  1  SER A 2   ? GLN A 19  ? SER A 2   GLN A 19  1 ? 18 
HELX_P HELX_P2  2  SER A 23  ? PHE A 27  ? SER A 23  PHE A 27  5 ? 5  
HELX_P HELX_P3  3  PRO A 82  ? TYR A 101 ? PRO A 82  TYR A 101 1 ? 20 
HELX_P HELX_P4  4  ARG A 102 ? SER A 106 ? ARG A 102 SER A 106 5 ? 5  
HELX_P HELX_P5  5  ASP A 107 ? LEU A 112 ? ASP A 107 LEU A 112 1 ? 6  
HELX_P HELX_P6  6  THR A 118 ? PHE A 131 ? THR A 118 PHE A 131 1 ? 14 
HELX_P HELX_P7  7  ASN A 136 ? LYS A 157 ? ASN A 136 LYS A 157 1 ? 22 
HELX_P HELX_P8  8  VAL A 161 ? LEU A 178 ? VAL A 161 LEU A 178 1 ? 18 
HELX_P HELX_P9  9  LEU A 178 ? ASN A 185 ? LEU A 178 ASN A 185 1 ? 8  
HELX_P HELX_P10 10 GLY A 187 ? TYR A 195 ? GLY A 187 TYR A 195 1 ? 9  
HELX_P HELX_P11 11 PRO B 2   ? ASN B 4   ? PRO B 96  ASN B 98  5 ? 3  
HELX_P HELX_P12 12 LEU B 5   ? SER B 25  ? LEU B 99  SER B 119 1 ? 21 
# 
_struct_conf_type.id          HELX_P 
_struct_conf_type.criteria    ? 
_struct_conf_type.reference   ? 
# 
loop_
_pdbx_validate_torsion.id 
_pdbx_validate_torsion.PDB_model_num 
_pdbx_validate_torsion.auth_comp_id 
_pdbx_validate_torsion.auth_asym_id 
_pdbx_validate_torsion.auth_seq_id 
_pdbx_validate_torsion.PDB_ins_code 
_pdbx_validate_torsion.label_alt_id 
_pdbx_validate_torsion.phi 
_pdbx_validate_torsion.psi 
1 1 SER A 106 ? ? -51.57  -88.52  
2 1 ASP A 107 ? ? -115.14 74.33   
3 1 TYR A 195 ? ? -68.87  -110.11 
# 
_pdbx_entry_details.entry_id                 2BZW 
_pdbx_entry_details.compound_details         'REGULATES THE CELL DEATH' 
_pdbx_entry_details.source_details           ? 
_pdbx_entry_details.nonpolymer_details       ? 
_pdbx_entry_details.sequence_details         ? 
_pdbx_entry_details.has_ligand_of_interest   ? 
# 
loop_
_pdbx_unobs_or_zero_occ_residues.id 
_pdbx_unobs_or_zero_occ_residues.PDB_model_num 
_pdbx_unobs_or_zero_occ_residues.polymer_flag 
_pdbx_unobs_or_zero_occ_residues.occupancy_flag 
_pdbx_unobs_or_zero_occ_residues.auth_asym_id 
_pdbx_unobs_or_zero_occ_residues.auth_comp_id 
_pdbx_unobs_or_zero_occ_residues.auth_seq_id 
_pdbx_unobs_or_zero_occ_residues.PDB_ins_code 
_pdbx_unobs_or_zero_occ_residues.label_asym_id 
_pdbx_unobs_or_zero_occ_residues.label_comp_id 
_pdbx_unobs_or_zero_occ_residues.label_seq_id 
1  1 Y 1 A MET 1   ? A MET 1   
2  1 Y 1 A VAL 30  ? A VAL 30  
3  1 Y 1 A GLU 31  ? A GLU 31  
4  1 Y 1 A GLU 32  ? A GLU 32  
5  1 Y 1 A ASN 33  ? A ASN 33  
6  1 Y 1 A ARG 34  ? A ARG 34  
7  1 Y 1 A THR 35  ? A THR 35  
8  1 Y 1 A GLU 36  ? A GLU 36  
9  1 Y 1 A ALA 37  ? A ALA 37  
10 1 Y 1 A PRO 38  ? A PRO 38  
11 1 Y 1 A GLU 39  ? A GLU 39  
12 1 Y 1 A GLU 40  ? A GLU 40  
13 1 Y 1 A THR 41  ? A THR 41  
14 1 Y 1 A GLU 42  ? A GLU 42  
15 1 Y 1 A ALA 43  ? A ALA 43  
16 1 Y 1 A GLU 44  ? A GLU 44  
17 1 Y 1 A ARG 45  ? A ARG 45  
18 1 Y 1 A GLU 46  ? A GLU 46  
19 1 Y 1 A THR 47  ? A THR 47  
20 1 Y 1 A PRO 48  ? A PRO 48  
21 1 Y 1 A SER 49  ? A SER 49  
22 1 Y 1 A ALA 50  ? A ALA 50  
23 1 Y 1 A ILE 51  ? A ILE 51  
24 1 Y 1 A ASN 52  ? A ASN 52  
25 1 Y 1 A GLY 53  ? A GLY 53  
26 1 Y 1 A ASN 54  ? A ASN 54  
27 1 Y 1 A PRO 55  ? A PRO 55  
28 1 Y 1 A SER 56  ? A SER 56  
29 1 Y 1 A TRP 57  ? A TRP 57  
30 1 Y 1 A HIS 58  ? A HIS 58  
31 1 Y 1 A LEU 59  ? A LEU 59  
32 1 Y 1 A ALA 60  ? A ALA 60  
33 1 Y 1 A ASP 61  ? A ASP 61  
34 1 Y 1 A SER 62  ? A SER 62  
35 1 Y 1 A PRO 63  ? A PRO 63  
36 1 Y 1 A ALA 64  ? A ALA 64  
37 1 Y 1 A VAL 65  ? A VAL 65  
38 1 Y 1 A ASN 66  ? A ASN 66  
39 1 Y 1 A GLY 67  ? A GLY 67  
40 1 Y 1 A ALA 68  ? A ALA 68  
41 1 Y 1 A THR 69  ? A THR 69  
42 1 Y 1 A GLY 70  ? A GLY 70  
43 1 Y 1 A HIS 71  ? A HIS 71  
44 1 Y 1 A SER 72  ? A SER 72  
45 1 Y 1 A SER 73  ? A SER 73  
46 1 Y 1 A SER 74  ? A SER 74  
47 1 Y 1 A LEU 75  ? A LEU 75  
48 1 Y 1 A ASP 76  ? A ASP 76  
49 1 Y 1 A ALA 77  ? A ALA 77  
50 1 Y 1 A ARG 78  ? A ARG 78  
51 1 Y 1 A GLU 79  ? A GLU 79  
52 1 Y 1 A VAL 80  ? A VAL 80  
53 1 Y 1 A ASN 198 ? A ASN 198 
54 1 Y 1 A ALA 199 ? A ALA 199 
55 1 Y 1 A ALA 200 ? A ALA 200 
56 1 Y 1 A ALA 201 ? A ALA 201 
57 1 Y 1 A GLU 202 ? A GLU 202 
58 1 Y 1 A SER 203 ? A SER 203 
59 1 Y 1 A ARG 204 ? A ARG 204 
60 1 Y 1 A LYS 205 ? A LYS 205 
61 1 Y 1 A GLY 206 ? A GLY 206 
62 1 Y 1 A GLN 207 ? A GLN 207 
63 1 Y 1 A GLU 208 ? A GLU 208 
64 1 Y 1 A ARG 209 ? A ARG 209 
65 1 Y 1 A PHE 210 ? A PHE 210 
66 1 Y 1 A ASN 211 ? A ASN 211 
# 
loop_
_chem_comp_atom.comp_id 
_chem_comp_atom.atom_id 
_chem_comp_atom.type_symbol 
_chem_comp_atom.pdbx_aromatic_flag 
_chem_comp_atom.pdbx_stereo_config 
_chem_comp_atom.pdbx_ordinal 
ALA N    N N N 1   
ALA CA   C N S 2   
ALA C    C N N 3   
ALA O    O N N 4   
ALA CB   C N N 5   
ALA OXT  O N N 6   
ALA H    H N N 7   
ALA H2   H N N 8   
ALA HA   H N N 9   
ALA HB1  H N N 10  
ALA HB2  H N N 11  
ALA HB3  H N N 12  
ALA HXT  H N N 13  
ARG N    N N N 14  
ARG CA   C N S 15  
ARG C    C N N 16  
ARG O    O N N 17  
ARG CB   C N N 18  
ARG CG   C N N 19  
ARG CD   C N N 20  
ARG NE   N N N 21  
ARG CZ   C N N 22  
ARG NH1  N N N 23  
ARG NH2  N N N 24  
ARG OXT  O N N 25  
ARG H    H N N 26  
ARG H2   H N N 27  
ARG HA   H N N 28  
ARG HB2  H N N 29  
ARG HB3  H N N 30  
ARG HG2  H N N 31  
ARG HG3  H N N 32  
ARG HD2  H N N 33  
ARG HD3  H N N 34  
ARG HE   H N N 35  
ARG HH11 H N N 36  
ARG HH12 H N N 37  
ARG HH21 H N N 38  
ARG HH22 H N N 39  
ARG HXT  H N N 40  
ASN N    N N N 41  
ASN CA   C N S 42  
ASN C    C N N 43  
ASN O    O N N 44  
ASN CB   C N N 45  
ASN CG   C N N 46  
ASN OD1  O N N 47  
ASN ND2  N N N 48  
ASN OXT  O N N 49  
ASN H    H N N 50  
ASN H2   H N N 51  
ASN HA   H N N 52  
ASN HB2  H N N 53  
ASN HB3  H N N 54  
ASN HD21 H N N 55  
ASN HD22 H N N 56  
ASN HXT  H N N 57  
ASP N    N N N 58  
ASP CA   C N S 59  
ASP C    C N N 60  
ASP O    O N N 61  
ASP CB   C N N 62  
ASP CG   C N N 63  
ASP OD1  O N N 64  
ASP OD2  O N N 65  
ASP OXT  O N N 66  
ASP H    H N N 67  
ASP H2   H N N 68  
ASP HA   H N N 69  
ASP HB2  H N N 70  
ASP HB3  H N N 71  
ASP HD2  H N N 72  
ASP HXT  H N N 73  
CYS N    N N N 74  
CYS CA   C N R 75  
CYS C    C N N 76  
CYS O    O N N 77  
CYS CB   C N N 78  
CYS SG   S N N 79  
CYS OXT  O N N 80  
CYS H    H N N 81  
CYS H2   H N N 82  
CYS HA   H N N 83  
CYS HB2  H N N 84  
CYS HB3  H N N 85  
CYS HG   H N N 86  
CYS HXT  H N N 87  
GLN N    N N N 88  
GLN CA   C N S 89  
GLN C    C N N 90  
GLN O    O N N 91  
GLN CB   C N N 92  
GLN CG   C N N 93  
GLN CD   C N N 94  
GLN OE1  O N N 95  
GLN NE2  N N N 96  
GLN OXT  O N N 97  
GLN H    H N N 98  
GLN H2   H N N 99  
GLN HA   H N N 100 
GLN HB2  H N N 101 
GLN HB3  H N N 102 
GLN HG2  H N N 103 
GLN HG3  H N N 104 
GLN HE21 H N N 105 
GLN HE22 H N N 106 
GLN HXT  H N N 107 
GLU N    N N N 108 
GLU CA   C N S 109 
GLU C    C N N 110 
GLU O    O N N 111 
GLU CB   C N N 112 
GLU CG   C N N 113 
GLU CD   C N N 114 
GLU OE1  O N N 115 
GLU OE2  O N N 116 
GLU OXT  O N N 117 
GLU H    H N N 118 
GLU H2   H N N 119 
GLU HA   H N N 120 
GLU HB2  H N N 121 
GLU HB3  H N N 122 
GLU HG2  H N N 123 
GLU HG3  H N N 124 
GLU HE2  H N N 125 
GLU HXT  H N N 126 
GLY N    N N N 127 
GLY CA   C N N 128 
GLY C    C N N 129 
GLY O    O N N 130 
GLY OXT  O N N 131 
GLY H    H N N 132 
GLY H2   H N N 133 
GLY HA2  H N N 134 
GLY HA3  H N N 135 
GLY HXT  H N N 136 
HIS N    N N N 137 
HIS CA   C N S 138 
HIS C    C N N 139 
HIS O    O N N 140 
HIS CB   C N N 141 
HIS CG   C Y N 142 
HIS ND1  N Y N 143 
HIS CD2  C Y N 144 
HIS CE1  C Y N 145 
HIS NE2  N Y N 146 
HIS OXT  O N N 147 
HIS H    H N N 148 
HIS H2   H N N 149 
HIS HA   H N N 150 
HIS HB2  H N N 151 
HIS HB3  H N N 152 
HIS HD1  H N N 153 
HIS HD2  H N N 154 
HIS HE1  H N N 155 
HIS HE2  H N N 156 
HIS HXT  H N N 157 
HOH O    O N N 158 
HOH H1   H N N 159 
HOH H2   H N N 160 
ILE N    N N N 161 
ILE CA   C N S 162 
ILE C    C N N 163 
ILE O    O N N 164 
ILE CB   C N S 165 
ILE CG1  C N N 166 
ILE CG2  C N N 167 
ILE CD1  C N N 168 
ILE OXT  O N N 169 
ILE H    H N N 170 
ILE H2   H N N 171 
ILE HA   H N N 172 
ILE HB   H N N 173 
ILE HG12 H N N 174 
ILE HG13 H N N 175 
ILE HG21 H N N 176 
ILE HG22 H N N 177 
ILE HG23 H N N 178 
ILE HD11 H N N 179 
ILE HD12 H N N 180 
ILE HD13 H N N 181 
ILE HXT  H N N 182 
LEU N    N N N 183 
LEU CA   C N S 184 
LEU C    C N N 185 
LEU O    O N N 186 
LEU CB   C N N 187 
LEU CG   C N N 188 
LEU CD1  C N N 189 
LEU CD2  C N N 190 
LEU OXT  O N N 191 
LEU H    H N N 192 
LEU H2   H N N 193 
LEU HA   H N N 194 
LEU HB2  H N N 195 
LEU HB3  H N N 196 
LEU HG   H N N 197 
LEU HD11 H N N 198 
LEU HD12 H N N 199 
LEU HD13 H N N 200 
LEU HD21 H N N 201 
LEU HD22 H N N 202 
LEU HD23 H N N 203 
LEU HXT  H N N 204 
LYS N    N N N 205 
LYS CA   C N S 206 
LYS C    C N N 207 
LYS O    O N N 208 
LYS CB   C N N 209 
LYS CG   C N N 210 
LYS CD   C N N 211 
LYS CE   C N N 212 
LYS NZ   N N N 213 
LYS OXT  O N N 214 
LYS H    H N N 215 
LYS H2   H N N 216 
LYS HA   H N N 217 
LYS HB2  H N N 218 
LYS HB3  H N N 219 
LYS HG2  H N N 220 
LYS HG3  H N N 221 
LYS HD2  H N N 222 
LYS HD3  H N N 223 
LYS HE2  H N N 224 
LYS HE3  H N N 225 
LYS HZ1  H N N 226 
LYS HZ2  H N N 227 
LYS HZ3  H N N 228 
LYS HXT  H N N 229 
MET N    N N N 230 
MET CA   C N S 231 
MET C    C N N 232 
MET O    O N N 233 
MET CB   C N N 234 
MET CG   C N N 235 
MET SD   S N N 236 
MET CE   C N N 237 
MET OXT  O N N 238 
MET H    H N N 239 
MET H2   H N N 240 
MET HA   H N N 241 
MET HB2  H N N 242 
MET HB3  H N N 243 
MET HG2  H N N 244 
MET HG3  H N N 245 
MET HE1  H N N 246 
MET HE2  H N N 247 
MET HE3  H N N 248 
MET HXT  H N N 249 
PHE N    N N N 250 
PHE CA   C N S 251 
PHE C    C N N 252 
PHE O    O N N 253 
PHE CB   C N N 254 
PHE CG   C Y N 255 
PHE CD1  C Y N 256 
PHE CD2  C Y N 257 
PHE CE1  C Y N 258 
PHE CE2  C Y N 259 
PHE CZ   C Y N 260 
PHE OXT  O N N 261 
PHE H    H N N 262 
PHE H2   H N N 263 
PHE HA   H N N 264 
PHE HB2  H N N 265 
PHE HB3  H N N 266 
PHE HD1  H N N 267 
PHE HD2  H N N 268 
PHE HE1  H N N 269 
PHE HE2  H N N 270 
PHE HZ   H N N 271 
PHE HXT  H N N 272 
PRO N    N N N 273 
PRO CA   C N S 274 
PRO C    C N N 275 
PRO O    O N N 276 
PRO CB   C N N 277 
PRO CG   C N N 278 
PRO CD   C N N 279 
PRO OXT  O N N 280 
PRO H    H N N 281 
PRO HA   H N N 282 
PRO HB2  H N N 283 
PRO HB3  H N N 284 
PRO HG2  H N N 285 
PRO HG3  H N N 286 
PRO HD2  H N N 287 
PRO HD3  H N N 288 
PRO HXT  H N N 289 
SER N    N N N 290 
SER CA   C N S 291 
SER C    C N N 292 
SER O    O N N 293 
SER CB   C N N 294 
SER OG   O N N 295 
SER OXT  O N N 296 
SER H    H N N 297 
SER H2   H N N 298 
SER HA   H N N 299 
SER HB2  H N N 300 
SER HB3  H N N 301 
SER HG   H N N 302 
SER HXT  H N N 303 
THR N    N N N 304 
THR CA   C N S 305 
THR C    C N N 306 
THR O    O N N 307 
THR CB   C N R 308 
THR OG1  O N N 309 
THR CG2  C N N 310 
THR OXT  O N N 311 
THR H    H N N 312 
THR H2   H N N 313 
THR HA   H N N 314 
THR HB   H N N 315 
THR HG1  H N N 316 
THR HG21 H N N 317 
THR HG22 H N N 318 
THR HG23 H N N 319 
THR HXT  H N N 320 
TRP N    N N N 321 
TRP CA   C N S 322 
TRP C    C N N 323 
TRP O    O N N 324 
TRP CB   C N N 325 
TRP CG   C Y N 326 
TRP CD1  C Y N 327 
TRP CD2  C Y N 328 
TRP NE1  N Y N 329 
TRP CE2  C Y N 330 
TRP CE3  C Y N 331 
TRP CZ2  C Y N 332 
TRP CZ3  C Y N 333 
TRP CH2  C Y N 334 
TRP OXT  O N N 335 
TRP H    H N N 336 
TRP H2   H N N 337 
TRP HA   H N N 338 
TRP HB2  H N N 339 
TRP HB3  H N N 340 
TRP HD1  H N N 341 
TRP HE1  H N N 342 
TRP HE3  H N N 343 
TRP HZ2  H N N 344 
TRP HZ3  H N N 345 
TRP HH2  H N N 346 
TRP HXT  H N N 347 
TYR N    N N N 348 
TYR CA   C N S 349 
TYR C    C N N 350 
TYR O    O N N 351 
TYR CB   C N N 352 
TYR CG   C Y N 353 
TYR CD1  C Y N 354 
TYR CD2  C Y N 355 
TYR CE1  C Y N 356 
TYR CE2  C Y N 357 
TYR CZ   C Y N 358 
TYR OH   O N N 359 
TYR OXT  O N N 360 
TYR H    H N N 361 
TYR H2   H N N 362 
TYR HA   H N N 363 
TYR HB2  H N N 364 
TYR HB3  H N N 365 
TYR HD1  H N N 366 
TYR HD2  H N N 367 
TYR HE1  H N N 368 
TYR HE2  H N N 369 
TYR HH   H N N 370 
TYR HXT  H N N 371 
VAL N    N N N 372 
VAL CA   C N S 373 
VAL C    C N N 374 
VAL O    O N N 375 
VAL CB   C N N 376 
VAL CG1  C N N 377 
VAL CG2  C N N 378 
VAL OXT  O N N 379 
VAL H    H N N 380 
VAL H2   H N N 381 
VAL HA   H N N 382 
VAL HB   H N N 383 
VAL HG11 H N N 384 
VAL HG12 H N N 385 
VAL HG13 H N N 386 
VAL HG21 H N N 387 
VAL HG22 H N N 388 
VAL HG23 H N N 389 
VAL HXT  H N N 390 
# 
loop_
_chem_comp_bond.comp_id 
_chem_comp_bond.atom_id_1 
_chem_comp_bond.atom_id_2 
_chem_comp_bond.value_order 
_chem_comp_bond.pdbx_aromatic_flag 
_chem_comp_bond.pdbx_stereo_config 
_chem_comp_bond.pdbx_ordinal 
ALA N   CA   sing N N 1   
ALA N   H    sing N N 2   
ALA N   H2   sing N N 3   
ALA CA  C    sing N N 4   
ALA CA  CB   sing N N 5   
ALA CA  HA   sing N N 6   
ALA C   O    doub N N 7   
ALA C   OXT  sing N N 8   
ALA CB  HB1  sing N N 9   
ALA CB  HB2  sing N N 10  
ALA CB  HB3  sing N N 11  
ALA OXT HXT  sing N N 12  
ARG N   CA   sing N N 13  
ARG N   H    sing N N 14  
ARG N   H2   sing N N 15  
ARG CA  C    sing N N 16  
ARG CA  CB   sing N N 17  
ARG CA  HA   sing N N 18  
ARG C   O    doub N N 19  
ARG C   OXT  sing N N 20  
ARG CB  CG   sing N N 21  
ARG CB  HB2  sing N N 22  
ARG CB  HB3  sing N N 23  
ARG CG  CD   sing N N 24  
ARG CG  HG2  sing N N 25  
ARG CG  HG3  sing N N 26  
ARG CD  NE   sing N N 27  
ARG CD  HD2  sing N N 28  
ARG CD  HD3  sing N N 29  
ARG NE  CZ   sing N N 30  
ARG NE  HE   sing N N 31  
ARG CZ  NH1  sing N N 32  
ARG CZ  NH2  doub N N 33  
ARG NH1 HH11 sing N N 34  
ARG NH1 HH12 sing N N 35  
ARG NH2 HH21 sing N N 36  
ARG NH2 HH22 sing N N 37  
ARG OXT HXT  sing N N 38  
ASN N   CA   sing N N 39  
ASN N   H    sing N N 40  
ASN N   H2   sing N N 41  
ASN CA  C    sing N N 42  
ASN CA  CB   sing N N 43  
ASN CA  HA   sing N N 44  
ASN C   O    doub N N 45  
ASN C   OXT  sing N N 46  
ASN CB  CG   sing N N 47  
ASN CB  HB2  sing N N 48  
ASN CB  HB3  sing N N 49  
ASN CG  OD1  doub N N 50  
ASN CG  ND2  sing N N 51  
ASN ND2 HD21 sing N N 52  
ASN ND2 HD22 sing N N 53  
ASN OXT HXT  sing N N 54  
ASP N   CA   sing N N 55  
ASP N   H    sing N N 56  
ASP N   H2   sing N N 57  
ASP CA  C    sing N N 58  
ASP CA  CB   sing N N 59  
ASP CA  HA   sing N N 60  
ASP C   O    doub N N 61  
ASP C   OXT  sing N N 62  
ASP CB  CG   sing N N 63  
ASP CB  HB2  sing N N 64  
ASP CB  HB3  sing N N 65  
ASP CG  OD1  doub N N 66  
ASP CG  OD2  sing N N 67  
ASP OD2 HD2  sing N N 68  
ASP OXT HXT  sing N N 69  
CYS N   CA   sing N N 70  
CYS N   H    sing N N 71  
CYS N   H2   sing N N 72  
CYS CA  C    sing N N 73  
CYS CA  CB   sing N N 74  
CYS CA  HA   sing N N 75  
CYS C   O    doub N N 76  
CYS C   OXT  sing N N 77  
CYS CB  SG   sing N N 78  
CYS CB  HB2  sing N N 79  
CYS CB  HB3  sing N N 80  
CYS SG  HG   sing N N 81  
CYS OXT HXT  sing N N 82  
GLN N   CA   sing N N 83  
GLN N   H    sing N N 84  
GLN N   H2   sing N N 85  
GLN CA  C    sing N N 86  
GLN CA  CB   sing N N 87  
GLN CA  HA   sing N N 88  
GLN C   O    doub N N 89  
GLN C   OXT  sing N N 90  
GLN CB  CG   sing N N 91  
GLN CB  HB2  sing N N 92  
GLN CB  HB3  sing N N 93  
GLN CG  CD   sing N N 94  
GLN CG  HG2  sing N N 95  
GLN CG  HG3  sing N N 96  
GLN CD  OE1  doub N N 97  
GLN CD  NE2  sing N N 98  
GLN NE2 HE21 sing N N 99  
GLN NE2 HE22 sing N N 100 
GLN OXT HXT  sing N N 101 
GLU N   CA   sing N N 102 
GLU N   H    sing N N 103 
GLU N   H2   sing N N 104 
GLU CA  C    sing N N 105 
GLU CA  CB   sing N N 106 
GLU CA  HA   sing N N 107 
GLU C   O    doub N N 108 
GLU C   OXT  sing N N 109 
GLU CB  CG   sing N N 110 
GLU CB  HB2  sing N N 111 
GLU CB  HB3  sing N N 112 
GLU CG  CD   sing N N 113 
GLU CG  HG2  sing N N 114 
GLU CG  HG3  sing N N 115 
GLU CD  OE1  doub N N 116 
GLU CD  OE2  sing N N 117 
GLU OE2 HE2  sing N N 118 
GLU OXT HXT  sing N N 119 
GLY N   CA   sing N N 120 
GLY N   H    sing N N 121 
GLY N   H2   sing N N 122 
GLY CA  C    sing N N 123 
GLY CA  HA2  sing N N 124 
GLY CA  HA3  sing N N 125 
GLY C   O    doub N N 126 
GLY C   OXT  sing N N 127 
GLY OXT HXT  sing N N 128 
HIS N   CA   sing N N 129 
HIS N   H    sing N N 130 
HIS N   H2   sing N N 131 
HIS CA  C    sing N N 132 
HIS CA  CB   sing N N 133 
HIS CA  HA   sing N N 134 
HIS C   O    doub N N 135 
HIS C   OXT  sing N N 136 
HIS CB  CG   sing N N 137 
HIS CB  HB2  sing N N 138 
HIS CB  HB3  sing N N 139 
HIS CG  ND1  sing Y N 140 
HIS CG  CD2  doub Y N 141 
HIS ND1 CE1  doub Y N 142 
HIS ND1 HD1  sing N N 143 
HIS CD2 NE2  sing Y N 144 
HIS CD2 HD2  sing N N 145 
HIS CE1 NE2  sing Y N 146 
HIS CE1 HE1  sing N N 147 
HIS NE2 HE2  sing N N 148 
HIS OXT HXT  sing N N 149 
HOH O   H1   sing N N 150 
HOH O   H2   sing N N 151 
ILE N   CA   sing N N 152 
ILE N   H    sing N N 153 
ILE N   H2   sing N N 154 
ILE CA  C    sing N N 155 
ILE CA  CB   sing N N 156 
ILE CA  HA   sing N N 157 
ILE C   O    doub N N 158 
ILE C   OXT  sing N N 159 
ILE CB  CG1  sing N N 160 
ILE CB  CG2  sing N N 161 
ILE CB  HB   sing N N 162 
ILE CG1 CD1  sing N N 163 
ILE CG1 HG12 sing N N 164 
ILE CG1 HG13 sing N N 165 
ILE CG2 HG21 sing N N 166 
ILE CG2 HG22 sing N N 167 
ILE CG2 HG23 sing N N 168 
ILE CD1 HD11 sing N N 169 
ILE CD1 HD12 sing N N 170 
ILE CD1 HD13 sing N N 171 
ILE OXT HXT  sing N N 172 
LEU N   CA   sing N N 173 
LEU N   H    sing N N 174 
LEU N   H2   sing N N 175 
LEU CA  C    sing N N 176 
LEU CA  CB   sing N N 177 
LEU CA  HA   sing N N 178 
LEU C   O    doub N N 179 
LEU C   OXT  sing N N 180 
LEU CB  CG   sing N N 181 
LEU CB  HB2  sing N N 182 
LEU CB  HB3  sing N N 183 
LEU CG  CD1  sing N N 184 
LEU CG  CD2  sing N N 185 
LEU CG  HG   sing N N 186 
LEU CD1 HD11 sing N N 187 
LEU CD1 HD12 sing N N 188 
LEU CD1 HD13 sing N N 189 
LEU CD2 HD21 sing N N 190 
LEU CD2 HD22 sing N N 191 
LEU CD2 HD23 sing N N 192 
LEU OXT HXT  sing N N 193 
LYS N   CA   sing N N 194 
LYS N   H    sing N N 195 
LYS N   H2   sing N N 196 
LYS CA  C    sing N N 197 
LYS CA  CB   sing N N 198 
LYS CA  HA   sing N N 199 
LYS C   O    doub N N 200 
LYS C   OXT  sing N N 201 
LYS CB  CG   sing N N 202 
LYS CB  HB2  sing N N 203 
LYS CB  HB3  sing N N 204 
LYS CG  CD   sing N N 205 
LYS CG  HG2  sing N N 206 
LYS CG  HG3  sing N N 207 
LYS CD  CE   sing N N 208 
LYS CD  HD2  sing N N 209 
LYS CD  HD3  sing N N 210 
LYS CE  NZ   sing N N 211 
LYS CE  HE2  sing N N 212 
LYS CE  HE3  sing N N 213 
LYS NZ  HZ1  sing N N 214 
LYS NZ  HZ2  sing N N 215 
LYS NZ  HZ3  sing N N 216 
LYS OXT HXT  sing N N 217 
MET N   CA   sing N N 218 
MET N   H    sing N N 219 
MET N   H2   sing N N 220 
MET CA  C    sing N N 221 
MET CA  CB   sing N N 222 
MET CA  HA   sing N N 223 
MET C   O    doub N N 224 
MET C   OXT  sing N N 225 
MET CB  CG   sing N N 226 
MET CB  HB2  sing N N 227 
MET CB  HB3  sing N N 228 
MET CG  SD   sing N N 229 
MET CG  HG2  sing N N 230 
MET CG  HG3  sing N N 231 
MET SD  CE   sing N N 232 
MET CE  HE1  sing N N 233 
MET CE  HE2  sing N N 234 
MET CE  HE3  sing N N 235 
MET OXT HXT  sing N N 236 
PHE N   CA   sing N N 237 
PHE N   H    sing N N 238 
PHE N   H2   sing N N 239 
PHE CA  C    sing N N 240 
PHE CA  CB   sing N N 241 
PHE CA  HA   sing N N 242 
PHE C   O    doub N N 243 
PHE C   OXT  sing N N 244 
PHE CB  CG   sing N N 245 
PHE CB  HB2  sing N N 246 
PHE CB  HB3  sing N N 247 
PHE CG  CD1  doub Y N 248 
PHE CG  CD2  sing Y N 249 
PHE CD1 CE1  sing Y N 250 
PHE CD1 HD1  sing N N 251 
PHE CD2 CE2  doub Y N 252 
PHE CD2 HD2  sing N N 253 
PHE CE1 CZ   doub Y N 254 
PHE CE1 HE1  sing N N 255 
PHE CE2 CZ   sing Y N 256 
PHE CE2 HE2  sing N N 257 
PHE CZ  HZ   sing N N 258 
PHE OXT HXT  sing N N 259 
PRO N   CA   sing N N 260 
PRO N   CD   sing N N 261 
PRO N   H    sing N N 262 
PRO CA  C    sing N N 263 
PRO CA  CB   sing N N 264 
PRO CA  HA   sing N N 265 
PRO C   O    doub N N 266 
PRO C   OXT  sing N N 267 
PRO CB  CG   sing N N 268 
PRO CB  HB2  sing N N 269 
PRO CB  HB3  sing N N 270 
PRO CG  CD   sing N N 271 
PRO CG  HG2  sing N N 272 
PRO CG  HG3  sing N N 273 
PRO CD  HD2  sing N N 274 
PRO CD  HD3  sing N N 275 
PRO OXT HXT  sing N N 276 
SER N   CA   sing N N 277 
SER N   H    sing N N 278 
SER N   H2   sing N N 279 
SER CA  C    sing N N 280 
SER CA  CB   sing N N 281 
SER CA  HA   sing N N 282 
SER C   O    doub N N 283 
SER C   OXT  sing N N 284 
SER CB  OG   sing N N 285 
SER CB  HB2  sing N N 286 
SER CB  HB3  sing N N 287 
SER OG  HG   sing N N 288 
SER OXT HXT  sing N N 289 
THR N   CA   sing N N 290 
THR N   H    sing N N 291 
THR N   H2   sing N N 292 
THR CA  C    sing N N 293 
THR CA  CB   sing N N 294 
THR CA  HA   sing N N 295 
THR C   O    doub N N 296 
THR C   OXT  sing N N 297 
THR CB  OG1  sing N N 298 
THR CB  CG2  sing N N 299 
THR CB  HB   sing N N 300 
THR OG1 HG1  sing N N 301 
THR CG2 HG21 sing N N 302 
THR CG2 HG22 sing N N 303 
THR CG2 HG23 sing N N 304 
THR OXT HXT  sing N N 305 
TRP N   CA   sing N N 306 
TRP N   H    sing N N 307 
TRP N   H2   sing N N 308 
TRP CA  C    sing N N 309 
TRP CA  CB   sing N N 310 
TRP CA  HA   sing N N 311 
TRP C   O    doub N N 312 
TRP C   OXT  sing N N 313 
TRP CB  CG   sing N N 314 
TRP CB  HB2  sing N N 315 
TRP CB  HB3  sing N N 316 
TRP CG  CD1  doub Y N 317 
TRP CG  CD2  sing Y N 318 
TRP CD1 NE1  sing Y N 319 
TRP CD1 HD1  sing N N 320 
TRP CD2 CE2  doub Y N 321 
TRP CD2 CE3  sing Y N 322 
TRP NE1 CE2  sing Y N 323 
TRP NE1 HE1  sing N N 324 
TRP CE2 CZ2  sing Y N 325 
TRP CE3 CZ3  doub Y N 326 
TRP CE3 HE3  sing N N 327 
TRP CZ2 CH2  doub Y N 328 
TRP CZ2 HZ2  sing N N 329 
TRP CZ3 CH2  sing Y N 330 
TRP CZ3 HZ3  sing N N 331 
TRP CH2 HH2  sing N N 332 
TRP OXT HXT  sing N N 333 
TYR N   CA   sing N N 334 
TYR N   H    sing N N 335 
TYR N   H2   sing N N 336 
TYR CA  C    sing N N 337 
TYR CA  CB   sing N N 338 
TYR CA  HA   sing N N 339 
TYR C   O    doub N N 340 
TYR C   OXT  sing N N 341 
TYR CB  CG   sing N N 342 
TYR CB  HB2  sing N N 343 
TYR CB  HB3  sing N N 344 
TYR CG  CD1  doub Y N 345 
TYR CG  CD2  sing Y N 346 
TYR CD1 CE1  sing Y N 347 
TYR CD1 HD1  sing N N 348 
TYR CD2 CE2  doub Y N 349 
TYR CD2 HD2  sing N N 350 
TYR CE1 CZ   doub Y N 351 
TYR CE1 HE1  sing N N 352 
TYR CE2 CZ   sing Y N 353 
TYR CE2 HE2  sing N N 354 
TYR CZ  OH   sing N N 355 
TYR OH  HH   sing N N 356 
TYR OXT HXT  sing N N 357 
VAL N   CA   sing N N 358 
VAL N   H    sing N N 359 
VAL N   H2   sing N N 360 
VAL CA  C    sing N N 361 
VAL CA  CB   sing N N 362 
VAL CA  HA   sing N N 363 
VAL C   O    doub N N 364 
VAL C   OXT  sing N N 365 
VAL CB  CG1  sing N N 366 
VAL CB  CG2  sing N N 367 
VAL CB  HB   sing N N 368 
VAL CG1 HG11 sing N N 369 
VAL CG1 HG12 sing N N 370 
VAL CG1 HG13 sing N N 371 
VAL CG2 HG21 sing N N 372 
VAL CG2 HG22 sing N N 373 
VAL CG2 HG23 sing N N 374 
VAL OXT HXT  sing N N 375 
# 
_atom_sites.entry_id                    2BZW 
_atom_sites.fract_transf_matrix[1][1]   0.00507556 
_atom_sites.fract_transf_matrix[1][2]   -0.00759131 
_atom_sites.fract_transf_matrix[1][3]   -0.00866030 
_atom_sites.fract_transf_matrix[2][1]   0.00202206 
_atom_sites.fract_transf_matrix[2][2]   -0.01213142 
_atom_sites.fract_transf_matrix[2][3]   0.00267343 
_atom_sites.fract_transf_matrix[3][1]   -0.01560940 
_atom_sites.fract_transf_matrix[3][2]   -0.00387019 
_atom_sites.fract_transf_matrix[3][3]   -0.00575577 
_atom_sites.fract_transf_vector[1]      0.870761 
_atom_sites.fract_transf_vector[2]      0.497494 
_atom_sites.fract_transf_vector[3]      -0.021032 
# 
loop_
_atom_type.symbol 
C 
N 
O 
S 
# 
loop_
_atom_site.group_PDB 
_atom_site.id 
_atom_site.type_symbol 
_atom_site.label_atom_id 
_atom_site.label_alt_id 
_atom_site.label_comp_id 
_atom_site.label_asym_id 
_atom_site.label_entity_id 
_atom_site.label_seq_id 
_atom_site.pdbx_PDB_ins_code 
_atom_site.Cartn_x 
_atom_site.Cartn_y 
_atom_site.Cartn_z 
_atom_site.occupancy 
_atom_site.B_iso_or_equiv 
_atom_site.pdbx_formal_charge 
_atom_site.auth_seq_id 
_atom_site.auth_comp_id 
_atom_site.auth_asym_id 
_atom_site.auth_atom_id 
_atom_site.pdbx_PDB_model_num 
ATOM   1    N N   . SER A 1 2   ? -10.689 11.548  6.336   1.00 52.60 ? 2    SER A N   1 
ATOM   2    C CA  . SER A 1 2   ? -11.938 10.778  6.065   1.00 53.11 ? 2    SER A CA  1 
ATOM   3    C C   . SER A 1 2   ? -11.909 9.420   6.757   1.00 53.15 ? 2    SER A C   1 
ATOM   4    O O   . SER A 1 2   ? -10.851 8.795   6.884   1.00 53.20 ? 2    SER A O   1 
ATOM   5    C CB  . SER A 1 2   ? -12.124 10.566  4.555   1.00 52.94 ? 2    SER A CB  1 
ATOM   6    O OG  . SER A 1 2   ? -12.406 11.780  3.880   1.00 53.38 ? 2    SER A OG  1 
ATOM   7    N N   . GLN A 1 3   ? -13.076 8.969   7.212   1.00 52.64 ? 3    GLN A N   1 
ATOM   8    C CA  . GLN A 1 3   ? -13.184 7.670   7.865   1.00 51.30 ? 3    GLN A CA  1 
ATOM   9    C C   . GLN A 1 3   ? -13.338 6.625   6.764   1.00 48.76 ? 3    GLN A C   1 
ATOM   10   O O   . GLN A 1 3   ? -12.993 5.454   6.943   1.00 47.47 ? 3    GLN A O   1 
ATOM   11   C CB  . GLN A 1 3   ? -14.391 7.638   8.813   1.00 53.67 ? 3    GLN A CB  1 
ATOM   12   C CG  . GLN A 1 3   ? -14.646 6.275   9.461   1.00 57.74 ? 3    GLN A CG  1 
ATOM   13   C CD  . GLN A 1 3   ? -15.880 5.575   8.897   1.00 60.53 ? 3    GLN A CD  1 
ATOM   14   O OE1 . GLN A 1 3   ? -16.070 4.369   9.088   1.00 61.08 ? 3    GLN A OE1 1 
ATOM   15   N NE2 . GLN A 1 3   ? -16.729 6.336   8.206   1.00 61.15 ? 3    GLN A NE2 1 
ATOM   16   N N   . SER A 1 4   ? -13.855 7.061   5.622   1.00 45.55 ? 4    SER A N   1 
ATOM   17   C CA  . SER A 1 4   ? -14.028 6.167   4.494   1.00 44.33 ? 4    SER A CA  1 
ATOM   18   C C   . SER A 1 4   ? -12.636 5.738   4.023   1.00 42.61 ? 4    SER A C   1 
ATOM   19   O O   . SER A 1 4   ? -12.459 4.632   3.512   1.00 43.02 ? 4    SER A O   1 
ATOM   20   C CB  . SER A 1 4   ? -14.787 6.873   3.371   1.00 45.12 ? 4    SER A CB  1 
ATOM   21   O OG  . SER A 1 4   ? -14.150 8.093   3.038   1.00 50.01 ? 4    SER A OG  1 
ATOM   22   N N   . ASN A 1 5   ? -11.648 6.616   4.206   1.00 39.75 ? 5    ASN A N   1 
ATOM   23   C CA  . ASN A 1 5   ? -10.275 6.302   3.820   1.00 37.08 ? 5    ASN A CA  1 
ATOM   24   C C   . ASN A 1 5   ? -9.663  5.279   4.771   1.00 35.18 ? 5    ASN A C   1 
ATOM   25   O O   . ASN A 1 5   ? -8.961  4.360   4.347   1.00 34.23 ? 5    ASN A O   1 
ATOM   26   C CB  . ASN A 1 5   ? -9.419  7.564   3.802   1.00 36.87 ? 5    ASN A CB  1 
ATOM   27   C CG  . ASN A 1 5   ? -9.436  8.254   2.458   1.00 37.48 ? 5    ASN A CG  1 
ATOM   28   O OD1 . ASN A 1 5   ? -8.761  9.263   2.262   1.00 38.41 ? 5    ASN A OD1 1 
ATOM   29   N ND2 . ASN A 1 5   ? -10.204 7.709   1.518   1.00 36.87 ? 5    ASN A ND2 1 
ATOM   30   N N   . ARG A 1 6   ? -9.925  5.445   6.061   1.00 33.01 ? 6    ARG A N   1 
ATOM   31   C CA  . ARG A 1 6   ? -9.411  4.513   7.046   1.00 31.91 ? 6    ARG A CA  1 
ATOM   32   C C   . ARG A 1 6   ? -10.140 3.197   6.814   1.00 30.49 ? 6    ARG A C   1 
ATOM   33   O O   . ARG A 1 6   ? -9.625  2.115   7.108   1.00 29.44 ? 6    ARG A O   1 
ATOM   34   C CB  . ARG A 1 6   ? -9.682  5.030   8.460   1.00 32.56 ? 6    ARG A CB  1 
ATOM   35   C CG  . ARG A 1 6   ? -8.780  4.406   9.513   1.00 35.95 ? 6    ARG A CG  1 
ATOM   36   C CD  . ARG A 1 6   ? -9.221  3.002   9.931   1.00 38.35 ? 6    ARG A CD  1 
ATOM   37   N NE  . ARG A 1 6   ? -8.117  2.211   10.483  1.00 40.34 ? 6    ARG A NE  1 
ATOM   38   C CZ  . ARG A 1 6   ? -7.318  2.606   11.474  1.00 41.86 ? 6    ARG A CZ  1 
ATOM   39   N NH1 . ARG A 1 6   ? -6.342  1.814   11.901  1.00 40.63 ? 6    ARG A NH1 1 
ATOM   40   N NH2 . ARG A 1 6   ? -7.490  3.794   12.042  1.00 43.54 ? 6    ARG A NH2 1 
ATOM   41   N N   . GLU A 1 7   ? -11.347 3.302   6.270   1.00 29.56 ? 7    GLU A N   1 
ATOM   42   C CA  . GLU A 1 7   ? -12.158 2.125   5.989   1.00 30.04 ? 7    GLU A CA  1 
ATOM   43   C C   . GLU A 1 7   ? -11.618 1.408   4.751   1.00 27.74 ? 7    GLU A C   1 
ATOM   44   O O   . GLU A 1 7   ? -11.700 0.184   4.643   1.00 27.68 ? 7    GLU A O   1 
ATOM   45   C CB  . GLU A 1 7   ? -13.604 2.543   5.773   1.00 33.06 ? 7    GLU A CB  1 
ATOM   46   C CG  . GLU A 1 7   ? -14.609 1.508   6.209   1.00 39.89 ? 7    GLU A CG  1 
ATOM   47   C CD  . GLU A 1 7   ? -16.021 2.057   6.204   1.00 44.65 ? 7    GLU A CD  1 
ATOM   48   O OE1 . GLU A 1 7   ? -16.256 3.090   6.877   1.00 44.95 ? 7    GLU A OE1 1 
ATOM   49   O OE2 . GLU A 1 7   ? -16.887 1.453   5.527   1.00 46.65 ? 7    GLU A OE2 1 
ATOM   50   N N   . LEU A 1 8   ? -11.072 2.183   3.819   1.00 25.36 ? 8    LEU A N   1 
ATOM   51   C CA  . LEU A 1 8   ? -10.475 1.633   2.613   1.00 22.93 ? 8    LEU A CA  1 
ATOM   52   C C   . LEU A 1 8   ? -9.239  0.841   3.034   1.00 21.41 ? 8    LEU A C   1 
ATOM   53   O O   . LEU A 1 8   ? -9.033  -0.294  2.600   1.00 21.52 ? 8    LEU A O   1 
ATOM   54   C CB  . LEU A 1 8   ? -10.071 2.760   1.656   1.00 23.06 ? 8    LEU A CB  1 
ATOM   55   C CG  . LEU A 1 8   ? -10.978 2.965   0.441   1.00 23.65 ? 8    LEU A CG  1 
ATOM   56   C CD1 . LEU A 1 8   ? -10.458 4.102   -0.410  1.00 23.14 ? 8    LEU A CD1 1 
ATOM   57   C CD2 . LEU A 1 8   ? -11.017 1.673   -0.374  1.00 25.73 ? 8    LEU A CD2 1 
ATOM   58   N N   . VAL A 1 9   ? -8.415  1.446   3.882   1.00 20.07 ? 9    VAL A N   1 
ATOM   59   C CA  . VAL A 1 9   ? -7.213  0.781   4.369   1.00 19.29 ? 9    VAL A CA  1 
ATOM   60   C C   . VAL A 1 9   ? -7.593  -0.506  5.105   1.00 19.18 ? 9    VAL A C   1 
ATOM   61   O O   . VAL A 1 9   ? -7.089  -1.584  4.801   1.00 20.17 ? 9    VAL A O   1 
ATOM   62   C CB  . VAL A 1 9   ? -6.406  1.690   5.339   1.00 16.57 ? 9    VAL A CB  1 
ATOM   63   C CG1 . VAL A 1 9   ? -5.240  0.910   5.955   1.00 16.35 ? 9    VAL A CG1 1 
ATOM   64   C CG2 . VAL A 1 9   ? -5.875  2.895   4.596   1.00 15.68 ? 9    VAL A CG2 1 
ATOM   65   N N   . VAL A 1 10  ? -8.489  -0.398  6.071   1.00 20.06 ? 10   VAL A N   1 
ATOM   66   C CA  . VAL A 1 10  ? -8.888  -1.573  6.818   1.00 20.68 ? 10   VAL A CA  1 
ATOM   67   C C   . VAL A 1 10  ? -9.452  -2.642  5.891   1.00 22.23 ? 10   VAL A C   1 
ATOM   68   O O   . VAL A 1 10  ? -9.141  -3.830  6.033   1.00 22.38 ? 10   VAL A O   1 
ATOM   69   C CB  . VAL A 1 10  ? -9.929  -1.222  7.904   1.00 20.13 ? 10   VAL A CB  1 
ATOM   70   C CG1 . VAL A 1 10  ? -10.327 -2.473  8.672   1.00 17.44 ? 10   VAL A CG1 1 
ATOM   71   C CG2 . VAL A 1 10  ? -9.351  -0.196  8.854   1.00 17.12 ? 10   VAL A CG2 1 
ATOM   72   N N   . ASP A 1 11  ? -10.269 -2.234  4.930   1.00 23.47 ? 11   ASP A N   1 
ATOM   73   C CA  . ASP A 1 11  ? -10.840 -3.218  4.027   1.00 25.74 ? 11   ASP A CA  1 
ATOM   74   C C   . ASP A 1 11  ? -9.749  -3.949  3.273   1.00 25.22 ? 11   ASP A C   1 
ATOM   75   O O   . ASP A 1 11  ? -9.703  -5.178  3.260   1.00 26.83 ? 11   ASP A O   1 
ATOM   76   C CB  . ASP A 1 11  ? -11.774 -2.573  3.007   1.00 28.67 ? 11   ASP A CB  1 
ATOM   77   C CG  . ASP A 1 11  ? -12.421 -3.606  2.089   1.00 32.26 ? 11   ASP A CG  1 
ATOM   78   O OD1 . ASP A 1 11  ? -13.568 -4.019  2.372   1.00 35.41 ? 11   ASP A OD1 1 
ATOM   79   O OD2 . ASP A 1 11  ? -11.778 -4.024  1.100   1.00 32.79 ? 11   ASP A OD2 1 
ATOM   80   N N   . PHE A 1 12  ? -8.867  -3.182  2.651   1.00 24.31 ? 12   PHE A N   1 
ATOM   81   C CA  . PHE A 1 12  ? -7.796  -3.757  1.855   1.00 23.88 ? 12   PHE A CA  1 
ATOM   82   C C   . PHE A 1 12  ? -6.846  -4.677  2.626   1.00 23.21 ? 12   PHE A C   1 
ATOM   83   O O   . PHE A 1 12  ? -6.515  -5.766  2.152   1.00 21.72 ? 12   PHE A O   1 
ATOM   84   C CB  . PHE A 1 12  ? -7.021  -2.632  1.170   1.00 22.47 ? 12   PHE A CB  1 
ATOM   85   C CG  . PHE A 1 12  ? -6.045  -3.114  0.146   1.00 21.50 ? 12   PHE A CG  1 
ATOM   86   C CD1 . PHE A 1 12  ? -4.770  -3.515  0.518   1.00 18.52 ? 12   PHE A CD1 1 
ATOM   87   C CD2 . PHE A 1 12  ? -6.402  -3.170  -1.199  1.00 20.93 ? 12   PHE A CD2 1 
ATOM   88   C CE1 . PHE A 1 12  ? -3.862  -3.962  -0.433  1.00 18.57 ? 12   PHE A CE1 1 
ATOM   89   C CE2 . PHE A 1 12  ? -5.498  -3.618  -2.155  1.00 20.40 ? 12   PHE A CE2 1 
ATOM   90   C CZ  . PHE A 1 12  ? -4.226  -4.013  -1.770  1.00 19.80 ? 12   PHE A CZ  1 
ATOM   91   N N   . LEU A 1 13  ? -6.405  -4.240  3.802   1.00 23.47 ? 13   LEU A N   1 
ATOM   92   C CA  . LEU A 1 13  ? -5.510  -5.053  4.615   1.00 23.43 ? 13   LEU A CA  1 
ATOM   93   C C   . LEU A 1 13  ? -6.195  -6.342  5.065   1.00 25.25 ? 13   LEU A C   1 
ATOM   94   O O   . LEU A 1 13  ? -5.580  -7.409  5.035   1.00 25.25 ? 13   LEU A O   1 
ATOM   95   C CB  . LEU A 1 13  ? -5.046  -4.280  5.839   1.00 22.22 ? 13   LEU A CB  1 
ATOM   96   C CG  . LEU A 1 13  ? -4.218  -3.027  5.577   1.00 24.41 ? 13   LEU A CG  1 
ATOM   97   C CD1 . LEU A 1 13  ? -3.822  -2.429  6.918   1.00 22.51 ? 13   LEU A CD1 1 
ATOM   98   C CD2 . LEU A 1 13  ? -2.979  -3.359  4.745   1.00 23.27 ? 13   LEU A CD2 1 
ATOM   99   N N   . SER A 1 14  ? -7.457  -6.241  5.494   1.00 25.51 ? 14   SER A N   1 
ATOM   100  C CA  . SER A 1 14  ? -8.216  -7.421  5.929   1.00 25.38 ? 14   SER A CA  1 
ATOM   101  C C   . SER A 1 14  ? -8.237  -8.427  4.789   1.00 24.59 ? 14   SER A C   1 
ATOM   102  O O   . SER A 1 14  ? -8.018  -9.624  4.984   1.00 23.88 ? 14   SER A O   1 
ATOM   103  C CB  . SER A 1 14  ? -9.661  -7.055  6.270   1.00 24.82 ? 14   SER A CB  1 
ATOM   104  O OG  . SER A 1 14  ? -9.717  -6.109  7.315   1.00 30.25 ? 14   SER A OG  1 
ATOM   105  N N   . TYR A 1 15  ? -8.525  -7.921  3.598   1.00 23.62 ? 15   TYR A N   1 
ATOM   106  C CA  . TYR A 1 15  ? -8.575  -8.746  2.404   1.00 25.16 ? 15   TYR A CA  1 
ATOM   107  C C   . TYR A 1 15  ? -7.231  -9.471  2.216   1.00 26.23 ? 15   TYR A C   1 
ATOM   108  O O   . TYR A 1 15  ? -7.181  -10.700 2.102   1.00 25.16 ? 15   TYR A O   1 
ATOM   109  C CB  . TYR A 1 15  ? -8.894  -7.855  1.194   1.00 23.89 ? 15   TYR A CB  1 
ATOM   110  C CG  . TYR A 1 15  ? -8.873  -8.561  -0.137  1.00 23.78 ? 15   TYR A CG  1 
ATOM   111  C CD1 . TYR A 1 15  ? -9.746  -9.617  -0.405  1.00 23.92 ? 15   TYR A CD1 1 
ATOM   112  C CD2 . TYR A 1 15  ? -7.963  -8.186  -1.127  1.00 23.81 ? 15   TYR A CD2 1 
ATOM   113  C CE1 . TYR A 1 15  ? -9.711  -10.285 -1.628  1.00 23.96 ? 15   TYR A CE1 1 
ATOM   114  C CE2 . TYR A 1 15  ? -7.917  -8.845  -2.355  1.00 23.23 ? 15   TYR A CE2 1 
ATOM   115  C CZ  . TYR A 1 15  ? -8.794  -9.892  -2.598  1.00 23.95 ? 15   TYR A CZ  1 
ATOM   116  O OH  . TYR A 1 15  ? -8.755  -10.543 -3.806  1.00 20.94 ? 15   TYR A OH  1 
ATOM   117  N N   . LYS A 1 16  ? -6.146  -8.700  2.206   1.00 26.26 ? 16   LYS A N   1 
ATOM   118  C CA  . LYS A 1 16  ? -4.818  -9.262  2.019   1.00 27.38 ? 16   LYS A CA  1 
ATOM   119  C C   . LYS A 1 16  ? -4.435  -10.255 3.095   1.00 28.96 ? 16   LYS A C   1 
ATOM   120  O O   . LYS A 1 16  ? -3.749  -11.243 2.822   1.00 29.50 ? 16   LYS A O   1 
ATOM   121  C CB  . LYS A 1 16  ? -3.779  -8.142  1.945   1.00 26.27 ? 16   LYS A CB  1 
ATOM   122  C CG  . LYS A 1 16  ? -3.912  -7.312  0.680   1.00 26.94 ? 16   LYS A CG  1 
ATOM   123  C CD  . LYS A 1 16  ? -3.773  -8.201  -0.547  1.00 25.43 ? 16   LYS A CD  1 
ATOM   124  C CE  . LYS A 1 16  ? -4.287  -7.517  -1.791  1.00 25.36 ? 16   LYS A CE  1 
ATOM   125  N NZ  . LYS A 1 16  ? -4.105  -8.377  -2.983  1.00 23.18 ? 16   LYS A NZ  1 
ATOM   126  N N   . LEU A 1 17  ? -4.878  -9.989  4.319   1.00 30.03 ? 17   LEU A N   1 
ATOM   127  C CA  . LEU A 1 17  ? -4.583  -10.863 5.438   1.00 30.24 ? 17   LEU A CA  1 
ATOM   128  C C   . LEU A 1 17  ? -5.368  -12.153 5.289   1.00 31.75 ? 17   LEU A C   1 
ATOM   129  O O   . LEU A 1 17  ? -4.792  -13.239 5.317   1.00 31.95 ? 17   LEU A O   1 
ATOM   130  C CB  . LEU A 1 17  ? -4.952  -10.179 6.757   1.00 30.03 ? 17   LEU A CB  1 
ATOM   131  C CG  . LEU A 1 17  ? -4.023  -9.056  7.230   1.00 29.11 ? 17   LEU A CG  1 
ATOM   132  C CD1 . LEU A 1 17  ? -4.731  -8.220  8.274   1.00 27.93 ? 17   LEU A CD1 1 
ATOM   133  C CD2 . LEU A 1 17  ? -2.737  -9.648  7.793   1.00 27.67 ? 17   LEU A CD2 1 
ATOM   134  N N   . SER A 1 18  ? -6.681  -12.031 5.116   1.00 33.29 ? 18   SER A N   1 
ATOM   135  C CA  . SER A 1 18  ? -7.541  -13.202 4.978   1.00 35.47 ? 18   SER A CA  1 
ATOM   136  C C   . SER A 1 18  ? -7.011  -14.086 3.866   1.00 36.64 ? 18   SER A C   1 
ATOM   137  O O   . SER A 1 18  ? -7.008  -15.305 3.967   1.00 37.89 ? 18   SER A O   1 
ATOM   138  C CB  . SER A 1 18  ? -8.981  -12.785 4.662   1.00 34.98 ? 18   SER A CB  1 
ATOM   139  O OG  . SER A 1 18  ? -9.098  -12.291 3.339   1.00 38.38 ? 18   SER A OG  1 
ATOM   140  N N   . GLN A 1 19  ? -6.551  -13.437 2.809   1.00 37.55 ? 19   GLN A N   1 
ATOM   141  C CA  . GLN A 1 19  ? -6.003  -14.101 1.644   1.00 38.26 ? 19   GLN A CA  1 
ATOM   142  C C   . GLN A 1 19  ? -4.872  -15.077 1.990   1.00 39.82 ? 19   GLN A C   1 
ATOM   143  O O   . GLN A 1 19  ? -4.520  -15.934 1.185   1.00 40.24 ? 19   GLN A O   1 
ATOM   144  C CB  . GLN A 1 19  ? -5.499  -13.029 0.690   1.00 37.97 ? 19   GLN A CB  1 
ATOM   145  C CG  . GLN A 1 19  ? -5.682  -13.334 -0.759  1.00 35.53 ? 19   GLN A CG  1 
ATOM   146  C CD  . GLN A 1 19  ? -5.722  -12.072 -1.583  1.00 35.74 ? 19   GLN A CD  1 
ATOM   147  O OE1 . GLN A 1 19  ? -4.831  -11.226 -1.486  1.00 35.52 ? 19   GLN A OE1 1 
ATOM   148  N NE2 . GLN A 1 19  ? -6.755  -11.935 -2.402  1.00 35.84 ? 19   GLN A NE2 1 
ATOM   149  N N   . LYS A 1 20  ? -4.301  -14.950 3.182   1.00 40.97 ? 20   LYS A N   1 
ATOM   150  C CA  . LYS A 1 20  ? -3.215  -15.840 3.590   1.00 42.12 ? 20   LYS A CA  1 
ATOM   151  C C   . LYS A 1 20  ? -3.550  -16.613 4.865   1.00 42.53 ? 20   LYS A C   1 
ATOM   152  O O   . LYS A 1 20  ? -2.659  -17.124 5.547   1.00 41.88 ? 20   LYS A O   1 
ATOM   153  C CB  . LYS A 1 20  ? -1.920  -15.047 3.788   1.00 42.38 ? 20   LYS A CB  1 
ATOM   154  C CG  . LYS A 1 20  ? -1.329  -14.495 2.502   1.00 45.12 ? 20   LYS A CG  1 
ATOM   155  C CD  . LYS A 1 20  ? -0.243  -15.400 1.936   1.00 46.74 ? 20   LYS A CD  1 
ATOM   156  C CE  . LYS A 1 20  ? 0.259   -14.869 0.594   1.00 48.73 ? 20   LYS A CE  1 
ATOM   157  N NZ  . LYS A 1 20  ? 1.370   -15.697 0.042   1.00 49.59 ? 20   LYS A NZ  1 
ATOM   158  N N   . GLY A 1 21  ? -4.840  -16.685 5.182   1.00 43.14 ? 21   GLY A N   1 
ATOM   159  C CA  . GLY A 1 21  ? -5.272  -17.423 6.354   1.00 44.51 ? 21   GLY A CA  1 
ATOM   160  C C   . GLY A 1 21  ? -5.432  -16.620 7.624   1.00 44.83 ? 21   GLY A C   1 
ATOM   161  O O   . GLY A 1 21  ? -5.988  -17.118 8.604   1.00 46.32 ? 21   GLY A O   1 
ATOM   162  N N   . TYR A 1 22  ? -4.960  -15.380 7.617   1.00 44.83 ? 22   TYR A N   1 
ATOM   163  C CA  . TYR A 1 22  ? -5.057  -14.535 8.800   1.00 44.57 ? 22   TYR A CA  1 
ATOM   164  C C   . TYR A 1 22  ? -6.315  -13.686 8.793   1.00 44.61 ? 22   TYR A C   1 
ATOM   165  O O   . TYR A 1 22  ? -6.878  -13.398 7.743   1.00 43.89 ? 22   TYR A O   1 
ATOM   166  C CB  . TYR A 1 22  ? -3.834  -13.633 8.898   1.00 45.11 ? 22   TYR A CB  1 
ATOM   167  C CG  . TYR A 1 22  ? -2.535  -14.377 8.746   1.00 45.85 ? 22   TYR A CG  1 
ATOM   168  C CD1 . TYR A 1 22  ? -2.182  -15.389 9.635   1.00 46.27 ? 22   TYR A CD1 1 
ATOM   169  C CD2 . TYR A 1 22  ? -1.655  -14.069 7.711   1.00 46.74 ? 22   TYR A CD2 1 
ATOM   170  C CE1 . TYR A 1 22  ? -0.979  -16.079 9.497   1.00 46.94 ? 22   TYR A CE1 1 
ATOM   171  C CE2 . TYR A 1 22  ? -0.450  -14.750 7.565   1.00 47.39 ? 22   TYR A CE2 1 
ATOM   172  C CZ  . TYR A 1 22  ? -0.121  -15.752 8.461   1.00 47.34 ? 22   TYR A CZ  1 
ATOM   173  O OH  . TYR A 1 22  ? 1.070   -16.426 8.320   1.00 49.46 ? 22   TYR A OH  1 
ATOM   174  N N   . SER A 1 23  ? -6.749  -13.290 9.982   1.00 45.12 ? 23   SER A N   1 
ATOM   175  C CA  . SER A 1 23  ? -7.945  -12.480 10.144  1.00 46.71 ? 23   SER A CA  1 
ATOM   176  C C   . SER A 1 23  ? -7.580  -11.141 10.773  1.00 47.04 ? 23   SER A C   1 
ATOM   177  O O   . SER A 1 23  ? -6.931  -11.095 11.820  1.00 47.65 ? 23   SER A O   1 
ATOM   178  C CB  . SER A 1 23  ? -8.950  -13.213 11.032  1.00 47.41 ? 23   SER A CB  1 
ATOM   179  O OG  . SER A 1 23  ? -10.015 -12.361 11.404  1.00 50.01 ? 23   SER A OG  1 
ATOM   180  N N   . TRP A 1 24  ? -8.006  -10.057 10.132  1.00 46.22 ? 24   TRP A N   1 
ATOM   181  C CA  . TRP A 1 24  ? -7.710  -8.716  10.618  1.00 45.96 ? 24   TRP A CA  1 
ATOM   182  C C   . TRP A 1 24  ? -8.085  -8.486  12.078  1.00 47.25 ? 24   TRP A C   1 
ATOM   183  O O   . TRP A 1 24  ? -7.426  -7.721  12.782  1.00 46.87 ? 24   TRP A O   1 
ATOM   184  C CB  . TRP A 1 24  ? -8.400  -7.679  9.728   1.00 43.68 ? 24   TRP A CB  1 
ATOM   185  C CG  . TRP A 1 24  ? -8.471  -6.309  10.332  1.00 42.18 ? 24   TRP A CG  1 
ATOM   186  C CD1 . TRP A 1 24  ? -9.491  -5.799  11.076  1.00 40.84 ? 24   TRP A CD1 1 
ATOM   187  C CD2 . TRP A 1 24  ? -7.468  -5.285  10.274  1.00 41.71 ? 24   TRP A CD2 1 
ATOM   188  N NE1 . TRP A 1 24  ? -9.191  -4.523  11.485  1.00 40.56 ? 24   TRP A NE1 1 
ATOM   189  C CE2 . TRP A 1 24  ? -7.955  -4.182  11.006  1.00 40.98 ? 24   TRP A CE2 1 
ATOM   190  C CE3 . TRP A 1 24  ? -6.207  -5.194  9.676   1.00 41.40 ? 24   TRP A CE3 1 
ATOM   191  C CZ2 . TRP A 1 24  ? -7.224  -2.997  11.157  1.00 41.09 ? 24   TRP A CZ2 1 
ATOM   192  C CZ3 . TRP A 1 24  ? -5.478  -4.013  9.829   1.00 41.76 ? 24   TRP A CZ3 1 
ATOM   193  C CH2 . TRP A 1 24  ? -5.992  -2.933  10.563  1.00 40.74 ? 24   TRP A CH2 1 
ATOM   194  N N   . SER A 1 25  ? -9.138  -9.151  12.537  1.00 49.30 ? 25   SER A N   1 
ATOM   195  C CA  . SER A 1 25  ? -9.578  -8.981  13.914  1.00 51.12 ? 25   SER A CA  1 
ATOM   196  C C   . SER A 1 25  ? -8.589  -9.559  14.926  1.00 52.10 ? 25   SER A C   1 
ATOM   197  O O   . SER A 1 25  ? -8.705  -9.312  16.129  1.00 52.52 ? 25   SER A O   1 
ATOM   198  C CB  . SER A 1 25  ? -10.947 -9.623  14.103  1.00 51.73 ? 25   SER A CB  1 
ATOM   199  O OG  . SER A 1 25  ? -11.569 -9.106  15.266  1.00 53.17 ? 25   SER A OG  1 
ATOM   200  N N   . GLN A 1 26  ? -7.620  -10.328 14.433  1.00 52.46 ? 26   GLN A N   1 
ATOM   201  C CA  . GLN A 1 26  ? -6.600  -10.940 15.283  1.00 53.25 ? 26   GLN A CA  1 
ATOM   202  C C   . GLN A 1 26  ? -5.529  -9.921  15.664  1.00 54.03 ? 26   GLN A C   1 
ATOM   203  O O   . GLN A 1 26  ? -4.591  -10.242 16.394  1.00 52.68 ? 26   GLN A O   1 
ATOM   204  C CB  . GLN A 1 26  ? -5.910  -12.090 14.548  1.00 54.13 ? 26   GLN A CB  1 
ATOM   205  C CG  . GLN A 1 26  ? -6.768  -13.303 14.241  1.00 56.20 ? 26   GLN A CG  1 
ATOM   206  C CD  . GLN A 1 26  ? -6.069  -14.270 13.289  1.00 57.56 ? 26   GLN A CD  1 
ATOM   207  O OE1 . GLN A 1 26  ? -6.498  -15.412 13.111  1.00 59.35 ? 26   GLN A OE1 1 
ATOM   208  N NE2 . GLN A 1 26  ? -4.993  -13.806 12.661  1.00 58.32 ? 26   GLN A NE2 1 
ATOM   209  N N   . PHE A 1 27  ? -5.664  -8.696  15.162  1.00 55.29 ? 27   PHE A N   1 
ATOM   210  C CA  . PHE A 1 27  ? -4.673  -7.661  15.432  1.00 56.49 ? 27   PHE A CA  1 
ATOM   211  C C   . PHE A 1 27  ? -5.268  -6.289  15.743  1.00 58.17 ? 27   PHE A C   1 
ATOM   212  O O   . PHE A 1 27  ? -4.536  -5.362  16.084  1.00 58.25 ? 27   PHE A O   1 
ATOM   213  C CB  . PHE A 1 27  ? -3.727  -7.540  14.234  1.00 55.44 ? 27   PHE A CB  1 
ATOM   214  C CG  . PHE A 1 27  ? -3.352  -8.863  13.622  1.00 54.06 ? 27   PHE A CG  1 
ATOM   215  C CD1 . PHE A 1 27  ? -2.548  -9.766  14.311  1.00 53.90 ? 27   PHE A CD1 1 
ATOM   216  C CD2 . PHE A 1 27  ? -3.826  -9.218  12.362  1.00 53.36 ? 27   PHE A CD2 1 
ATOM   217  C CE1 . PHE A 1 27  ? -2.220  -11.004 13.754  1.00 53.14 ? 27   PHE A CE1 1 
ATOM   218  C CE2 . PHE A 1 27  ? -3.506  -10.452 11.796  1.00 52.73 ? 27   PHE A CE2 1 
ATOM   219  C CZ  . PHE A 1 27  ? -2.702  -11.346 12.493  1.00 52.86 ? 27   PHE A CZ  1 
ATOM   220  N N   . SER A 1 28  ? -6.586  -6.151  15.620  1.00 61.39 ? 28   SER A N   1 
ATOM   221  C CA  . SER A 1 28  ? -7.234  -4.873  15.900  1.00 64.77 ? 28   SER A CA  1 
ATOM   222  C C   . SER A 1 28  ? -8.408  -4.942  16.859  1.00 66.62 ? 28   SER A C   1 
ATOM   223  O O   . SER A 1 28  ? -9.103  -5.956  16.958  1.00 67.27 ? 28   SER A O   1 
ATOM   224  C CB  . SER A 1 28  ? -7.690  -4.204  14.606  1.00 65.63 ? 28   SER A CB  1 
ATOM   225  O OG  . SER A 1 28  ? -6.625  -3.477  14.023  1.00 68.55 ? 28   SER A OG  1 
ATOM   226  N N   . ASP A 1 29  ? -8.619  -3.825  17.549  1.00 68.28 ? 29   ASP A N   1 
ATOM   227  C CA  . ASP A 1 29  ? -9.678  -3.666  18.538  1.00 69.97 ? 29   ASP A CA  1 
ATOM   228  C C   . ASP A 1 29  ? -11.063 -4.004  17.983  1.00 70.09 ? 29   ASP A C   1 
ATOM   229  O O   . ASP A 1 29  ? -11.702 -3.182  17.323  1.00 70.20 ? 29   ASP A O   1 
ATOM   230  C CB  . ASP A 1 29  ? -9.652  -2.229  19.057  1.00 70.97 ? 29   ASP A CB  1 
ATOM   231  C CG  . ASP A 1 29  ? -8.254  -1.621  19.013  1.00 71.81 ? 29   ASP A CG  1 
ATOM   232  O OD1 . ASP A 1 29  ? -7.329  -2.176  19.648  1.00 71.45 ? 29   ASP A OD1 1 
ATOM   233  O OD2 . ASP A 1 29  ? -8.081  -0.588  18.331  1.00 72.28 ? 29   ASP A OD2 1 
ATOM   234  N N   . ILE A 1 81  ? -20.630 6.379   -6.826  1.00 74.21 ? 81   ILE A N   1 
ATOM   235  C CA  . ILE A 1 81  ? -20.760 6.957   -5.494  1.00 74.26 ? 81   ILE A CA  1 
ATOM   236  C C   . ILE A 1 81  ? -20.480 5.943   -4.365  1.00 73.84 ? 81   ILE A C   1 
ATOM   237  O O   . ILE A 1 81  ? -19.863 6.293   -3.354  1.00 73.92 ? 81   ILE A O   1 
ATOM   238  C CB  . ILE A 1 81  ? -22.183 7.554   -5.286  1.00 74.82 ? 81   ILE A CB  1 
ATOM   239  C CG1 . ILE A 1 81  ? -22.654 8.255   -6.571  1.00 74.25 ? 81   ILE A CG1 1 
ATOM   240  C CG2 . ILE A 1 81  ? -22.164 8.544   -4.115  1.00 74.23 ? 81   ILE A CG2 1 
ATOM   241  C CD1 . ILE A 1 81  ? -24.096 8.742   -6.529  1.00 72.84 ? 81   ILE A CD1 1 
ATOM   242  N N   . PRO A 1 82  ? -20.922 4.672   -4.526  1.00 72.78 ? 82   PRO A N   1 
ATOM   243  C CA  . PRO A 1 82  ? -20.708 3.637   -3.504  1.00 71.04 ? 82   PRO A CA  1 
ATOM   244  C C   . PRO A 1 82  ? -19.253 3.243   -3.234  1.00 68.25 ? 82   PRO A C   1 
ATOM   245  O O   . PRO A 1 82  ? -18.392 3.339   -4.113  1.00 67.28 ? 82   PRO A O   1 
ATOM   246  C CB  . PRO A 1 82  ? -21.543 2.460   -4.021  1.00 71.86 ? 82   PRO A CB  1 
ATOM   247  C CG  . PRO A 1 82  ? -21.441 2.619   -5.503  1.00 72.27 ? 82   PRO A CG  1 
ATOM   248  C CD  . PRO A 1 82  ? -21.658 4.109   -5.676  1.00 72.47 ? 82   PRO A CD  1 
ATOM   249  N N   . MET A 1 83  ? -19.003 2.791   -2.007  1.00 64.97 ? 83   MET A N   1 
ATOM   250  C CA  . MET A 1 83  ? -17.674 2.383   -1.579  1.00 61.14 ? 83   MET A CA  1 
ATOM   251  C C   . MET A 1 83  ? -17.427 0.901   -1.861  1.00 56.82 ? 83   MET A C   1 
ATOM   252  O O   . MET A 1 83  ? -16.275 0.469   -1.954  1.00 56.18 ? 83   MET A O   1 
ATOM   253  C CB  . MET A 1 83  ? -17.495 2.657   -0.081  1.00 64.42 ? 83   MET A CB  1 
ATOM   254  C CG  . MET A 1 83  ? -16.097 3.137   0.301   1.00 68.43 ? 83   MET A CG  1 
ATOM   255  S SD  . MET A 1 83  ? -15.838 3.289   2.094   1.00 74.26 ? 83   MET A SD  1 
ATOM   256  C CE  . MET A 1 83  ? -14.181 2.587   2.269   1.00 72.70 ? 83   MET A CE  1 
ATOM   257  N N   . ALA A 1 84  ? -18.501 0.124   -1.992  1.00 50.77 ? 84   ALA A N   1 
ATOM   258  C CA  . ALA A 1 84  ? -18.370 -1.300  -2.272  1.00 44.66 ? 84   ALA A CA  1 
ATOM   259  C C   . ALA A 1 84  ? -17.660 -1.478  -3.615  1.00 41.16 ? 84   ALA A C   1 
ATOM   260  O O   . ALA A 1 84  ? -16.772 -2.317  -3.748  1.00 40.01 ? 84   ALA A O   1 
ATOM   261  C CB  . ALA A 1 84  ? -19.741 -1.963  -2.299  1.00 42.68 ? 84   ALA A CB  1 
ATOM   262  N N   . ALA A 1 85  ? -18.043 -0.676  -4.605  1.00 37.32 ? 85   ALA A N   1 
ATOM   263  C CA  . ALA A 1 85  ? -17.424 -0.749  -5.928  1.00 34.70 ? 85   ALA A CA  1 
ATOM   264  C C   . ALA A 1 85  ? -15.964 -0.317  -5.858  1.00 33.19 ? 85   ALA A C   1 
ATOM   265  O O   . ALA A 1 85  ? -15.122 -0.828  -6.596  1.00 34.09 ? 85   ALA A O   1 
ATOM   266  C CB  . ALA A 1 85  ? -18.179 0.135   -6.916  1.00 33.80 ? 85   ALA A CB  1 
ATOM   267  N N   . VAL A 1 86  ? -15.671 0.635   -4.976  1.00 30.51 ? 86   VAL A N   1 
ATOM   268  C CA  . VAL A 1 86  ? -14.305 1.126   -4.804  1.00 27.70 ? 86   VAL A CA  1 
ATOM   269  C C   . VAL A 1 86  ? -13.443 0.069   -4.128  1.00 26.44 ? 86   VAL A C   1 
ATOM   270  O O   . VAL A 1 86  ? -12.344 -0.231  -4.590  1.00 25.61 ? 86   VAL A O   1 
ATOM   271  C CB  . VAL A 1 86  ? -14.262 2.415   -3.953  1.00 24.48 ? 86   VAL A CB  1 
ATOM   272  C CG1 . VAL A 1 86  ? -12.845 2.718   -3.544  1.00 22.41 ? 86   VAL A CG1 1 
ATOM   273  C CG2 . VAL A 1 86  ? -14.814 3.575   -4.755  1.00 24.87 ? 86   VAL A CG2 1 
ATOM   274  N N   . LYS A 1 87  ? -13.942 -0.483  -3.027  1.00 24.53 ? 87   LYS A N   1 
ATOM   275  C CA  . LYS A 1 87  ? -13.203 -1.511  -2.311  1.00 24.35 ? 87   LYS A CA  1 
ATOM   276  C C   . LYS A 1 87  ? -12.864 -2.655  -3.249  1.00 23.15 ? 87   LYS A C   1 
ATOM   277  O O   . LYS A 1 87  ? -11.768 -3.196  -3.190  1.00 24.12 ? 87   LYS A O   1 
ATOM   278  C CB  . LYS A 1 87  ? -14.017 -2.040  -1.130  1.00 23.58 ? 87   LYS A CB  1 
ATOM   279  C CG  . LYS A 1 87  ? -14.212 -1.024  -0.017  1.00 25.90 ? 87   LYS A CG  1 
ATOM   280  C CD  . LYS A 1 87  ? -14.936 -1.636  1.170   1.00 28.45 ? 87   LYS A CD  1 
ATOM   281  C CE  . LYS A 1 87  ? -15.188 -0.602  2.255   1.00 30.71 ? 87   LYS A CE  1 
ATOM   282  N NZ  . LYS A 1 87  ? -15.981 -1.165  3.389   1.00 32.77 ? 87   LYS A NZ  1 
ATOM   283  N N   . GLN A 1 88  ? -13.806 -3.007  -4.118  1.00 22.30 ? 88   GLN A N   1 
ATOM   284  C CA  . GLN A 1 88  ? -13.620 -4.095  -5.069  1.00 23.37 ? 88   GLN A CA  1 
ATOM   285  C C   . GLN A 1 88  ? -12.574 -3.776  -6.130  1.00 21.97 ? 88   GLN A C   1 
ATOM   286  O O   . GLN A 1 88  ? -11.741 -4.621  -6.458  1.00 22.26 ? 88   GLN A O   1 
ATOM   287  C CB  . GLN A 1 88  ? -14.953 -4.428  -5.741  1.00 27.66 ? 88   GLN A CB  1 
ATOM   288  C CG  . GLN A 1 88  ? -14.908 -5.582  -6.743  1.00 33.96 ? 88   GLN A CG  1 
ATOM   289  C CD  . GLN A 1 88  ? -14.360 -6.876  -6.142  1.00 39.50 ? 88   GLN A CD  1 
ATOM   290  O OE1 . GLN A 1 88  ? -14.794 -7.322  -5.070  1.00 39.91 ? 88   GLN A OE1 1 
ATOM   291  N NE2 . GLN A 1 88  ? -13.405 -7.490  -6.841  1.00 41.13 ? 88   GLN A NE2 1 
ATOM   292  N N   . ALA A 1 89  ? -12.615 -2.562  -6.669  1.00 20.22 ? 89   ALA A N   1 
ATOM   293  C CA  . ALA A 1 89  ? -11.655 -2.165  -7.693  1.00 19.42 ? 89   ALA A CA  1 
ATOM   294  C C   . ALA A 1 89  ? -10.259 -2.197  -7.110  1.00 19.07 ? 89   ALA A C   1 
ATOM   295  O O   . ALA A 1 89  ? -9.333  -2.703  -7.726  1.00 20.18 ? 89   ALA A O   1 
ATOM   296  C CB  . ALA A 1 89  ? -11.969 -0.773  -8.198  1.00 17.66 ? 89   ALA A CB  1 
ATOM   297  N N   . LEU A 1 90  ? -10.119 -1.668  -5.903  1.00 19.30 ? 90   LEU A N   1 
ATOM   298  C CA  . LEU A 1 90  ? -8.828  -1.628  -5.244  1.00 18.91 ? 90   LEU A CA  1 
ATOM   299  C C   . LEU A 1 90  ? -8.324  -3.040  -4.996  1.00 20.09 ? 90   LEU A C   1 
ATOM   300  O O   . LEU A 1 90  ? -7.160  -3.355  -5.271  1.00 20.13 ? 90   LEU A O   1 
ATOM   301  C CB  . LEU A 1 90  ? -8.938  -0.873  -3.928  1.00 17.70 ? 90   LEU A CB  1 
ATOM   302  C CG  . LEU A 1 90  ? -7.649  -0.263  -3.382  1.00 20.11 ? 90   LEU A CG  1 
ATOM   303  C CD1 . LEU A 1 90  ? -7.057  0.715   -4.389  1.00 20.30 ? 90   LEU A CD1 1 
ATOM   304  C CD2 . LEU A 1 90  ? -7.966  0.459   -2.080  1.00 22.30 ? 90   LEU A CD2 1 
ATOM   305  N N   . ARG A 1 91  ? -9.200  -3.894  -4.479  1.00 20.09 ? 91   ARG A N   1 
ATOM   306  C CA  . ARG A 1 91  ? -8.823  -5.273  -4.222  1.00 21.59 ? 91   ARG A CA  1 
ATOM   307  C C   . ARG A 1 91  ? -8.282  -5.892  -5.506  1.00 22.08 ? 91   ARG A C   1 
ATOM   308  O O   . ARG A 1 91  ? -7.219  -6.514  -5.505  1.00 23.20 ? 91   ARG A O   1 
ATOM   309  C CB  . ARG A 1 91  ? -10.025 -6.081  -3.727  1.00 22.56 ? 91   ARG A CB  1 
ATOM   310  C CG  . ARG A 1 91  ? -10.442 -5.763  -2.313  1.00 24.90 ? 91   ARG A CG  1 
ATOM   311  C CD  . ARG A 1 91  ? -11.552 -6.690  -1.859  1.00 30.64 ? 91   ARG A CD  1 
ATOM   312  N NE  . ARG A 1 91  ? -11.803 -6.540  -0.426  1.00 36.04 ? 91   ARG A NE  1 
ATOM   313  C CZ  . ARG A 1 91  ? -12.466 -7.417  0.326   1.00 35.84 ? 91   ARG A CZ  1 
ATOM   314  N NH1 . ARG A 1 91  ? -12.964 -8.529  -0.213  1.00 36.06 ? 91   ARG A NH1 1 
ATOM   315  N NH2 . ARG A 1 91  ? -12.609 -7.188  1.627   1.00 33.87 ? 91   ARG A NH2 1 
ATOM   316  N N   . GLU A 1 92  ? -9.010  -5.719  -6.601  1.00 20.88 ? 92   GLU A N   1 
ATOM   317  C CA  . GLU A 1 92  ? -8.572  -6.279  -7.864  1.00 22.82 ? 92   GLU A CA  1 
ATOM   318  C C   . GLU A 1 92  ? -7.290  -5.634  -8.338  1.00 22.34 ? 92   GLU A C   1 
ATOM   319  O O   . GLU A 1 92  ? -6.341  -6.333  -8.681  1.00 26.07 ? 92   GLU A O   1 
ATOM   320  C CB  . GLU A 1 92  ? -9.646  -6.109  -8.926  1.00 26.53 ? 92   GLU A CB  1 
ATOM   321  C CG  . GLU A 1 92  ? -10.969 -6.675  -8.497  1.00 32.14 ? 92   GLU A CG  1 
ATOM   322  C CD  . GLU A 1 92  ? -12.006 -6.594  -9.586  1.00 35.41 ? 92   GLU A CD  1 
ATOM   323  O OE1 . GLU A 1 92  ? -12.125 -5.524  -10.234 1.00 37.43 ? 92   GLU A OE1 1 
ATOM   324  O OE2 . GLU A 1 92  ? -12.708 -7.603  -9.779  1.00 36.42 ? 92   GLU A OE2 1 
ATOM   325  N N   . ALA A 1 93  ? -7.258  -4.307  -8.370  1.00 19.41 ? 93   ALA A N   1 
ATOM   326  C CA  . ALA A 1 93  ? -6.066  -3.605  -8.808  1.00 17.20 ? 93   ALA A CA  1 
ATOM   327  C C   . ALA A 1 93  ? -4.871  -4.139  -8.030  1.00 16.39 ? 93   ALA A C   1 
ATOM   328  O O   . ALA A 1 93  ? -3.809  -4.401  -8.592  1.00 17.22 ? 93   ALA A O   1 
ATOM   329  C CB  . ALA A 1 93  ? -6.222  -2.122  -8.569  1.00 17.19 ? 93   ALA A CB  1 
ATOM   330  N N   . GLY A 1 94  ? -5.061  -4.309  -6.731  1.00 14.55 ? 94   GLY A N   1 
ATOM   331  C CA  . GLY A 1 94  ? -3.994  -4.810  -5.893  1.00 15.50 ? 94   GLY A CA  1 
ATOM   332  C C   . GLY A 1 94  ? -3.532  -6.199  -6.276  1.00 16.58 ? 94   GLY A C   1 
ATOM   333  O O   . GLY A 1 94  ? -2.330  -6.451  -6.344  1.00 17.60 ? 94   GLY A O   1 
ATOM   334  N N   . ASP A 1 95  ? -4.474  -7.110  -6.508  1.00 18.07 ? 95   ASP A N   1 
ATOM   335  C CA  . ASP A 1 95  ? -4.122  -8.470  -6.890  1.00 18.58 ? 95   ASP A CA  1 
ATOM   336  C C   . ASP A 1 95  ? -3.364  -8.442  -8.208  1.00 20.22 ? 95   ASP A C   1 
ATOM   337  O O   . ASP A 1 95  ? -2.345  -9.117  -8.363  1.00 21.58 ? 95   ASP A O   1 
ATOM   338  C CB  . ASP A 1 95  ? -5.363  -9.340  -7.054  1.00 19.00 ? 95   ASP A CB  1 
ATOM   339  C CG  . ASP A 1 95  ? -6.084  -9.587  -5.747  1.00 21.00 ? 95   ASP A CG  1 
ATOM   340  O OD1 . ASP A 1 95  ? -5.413  -9.682  -4.705  1.00 24.12 ? 95   ASP A OD1 1 
ATOM   341  O OD2 . ASP A 1 95  ? -7.326  -9.707  -5.763  1.00 21.67 ? 95   ASP A OD2 1 
ATOM   342  N N   . GLU A 1 96  ? -3.848  -7.655  -9.162  1.00 20.29 ? 96   GLU A N   1 
ATOM   343  C CA  . GLU A 1 96  ? -3.169  -7.600  -10.441 1.00 21.79 ? 96   GLU A CA  1 
ATOM   344  C C   . GLU A 1 96  ? -1.759  -7.066  -10.281 1.00 22.55 ? 96   GLU A C   1 
ATOM   345  O O   . GLU A 1 96  ? -0.814  -7.633  -10.820 1.00 23.28 ? 96   GLU A O   1 
ATOM   346  C CB  . GLU A 1 96  ? -3.915  -6.729  -11.450 1.00 20.71 ? 96   GLU A CB  1 
ATOM   347  C CG  . GLU A 1 96  ? -3.198  -6.716  -12.794 1.00 21.74 ? 96   GLU A CG  1 
ATOM   348  C CD  . GLU A 1 96  ? -3.816  -5.787  -13.814 1.00 24.03 ? 96   GLU A CD  1 
ATOM   349  O OE1 . GLU A 1 96  ? -3.278  -5.722  -14.938 1.00 23.39 ? 96   GLU A OE1 1 
ATOM   350  O OE2 . GLU A 1 96  ? -4.831  -5.120  -13.510 1.00 27.06 ? 96   GLU A OE2 1 
ATOM   351  N N   . PHE A 1 97  ? -1.610  -5.979  -9.533  1.00 23.03 ? 97   PHE A N   1 
ATOM   352  C CA  . PHE A 1 97  ? -0.290  -5.389  -9.348  1.00 22.01 ? 97   PHE A CA  1 
ATOM   353  C C   . PHE A 1 97  ? 0.672   -6.362  -8.673  1.00 23.07 ? 97   PHE A C   1 
ATOM   354  O O   . PHE A 1 97  ? 1.820   -6.500  -9.090  1.00 23.56 ? 97   PHE A O   1 
ATOM   355  C CB  . PHE A 1 97  ? -0.401  -4.096  -8.534  1.00 20.60 ? 97   PHE A CB  1 
ATOM   356  C CG  . PHE A 1 97  ? 0.891   -3.336  -8.421  1.00 18.34 ? 97   PHE A CG  1 
ATOM   357  C CD1 . PHE A 1 97  ? 1.865   -3.719  -7.500  1.00 17.75 ? 97   PHE A CD1 1 
ATOM   358  C CD2 . PHE A 1 97  ? 1.136   -2.246  -9.242  1.00 15.73 ? 97   PHE A CD2 1 
ATOM   359  C CE1 . PHE A 1 97  ? 3.064   -3.027  -7.398  1.00 16.69 ? 97   PHE A CE1 1 
ATOM   360  C CE2 . PHE A 1 97  ? 2.332   -1.542  -9.153  1.00 16.68 ? 97   PHE A CE2 1 
ATOM   361  C CZ  . PHE A 1 97  ? 3.299   -1.931  -8.228  1.00 17.34 ? 97   PHE A CZ  1 
ATOM   362  N N   . GLU A 1 98  ? 0.202   -7.036  -7.633  1.00 23.61 ? 98   GLU A N   1 
ATOM   363  C CA  . GLU A 1 98  ? 1.041   -7.984  -6.918  1.00 25.71 ? 98   GLU A CA  1 
ATOM   364  C C   . GLU A 1 98  ? 1.413   -9.150  -7.819  1.00 26.63 ? 98   GLU A C   1 
ATOM   365  O O   . GLU A 1 98  ? 2.468   -9.762  -7.668  1.00 26.41 ? 98   GLU A O   1 
ATOM   366  C CB  . GLU A 1 98  ? 0.303   -8.503  -5.682  1.00 25.57 ? 98   GLU A CB  1 
ATOM   367  C CG  . GLU A 1 98  ? 0.362   -7.554  -4.507  1.00 28.41 ? 98   GLU A CG  1 
ATOM   368  C CD  . GLU A 1 98  ? -0.876  -7.618  -3.642  1.00 28.33 ? 98   GLU A CD  1 
ATOM   369  O OE1 . GLU A 1 98  ? -1.278  -8.737  -3.253  1.00 28.19 ? 98   GLU A OE1 1 
ATOM   370  O OE2 . GLU A 1 98  ? -1.444  -6.541  -3.353  1.00 27.64 ? 98   GLU A OE2 1 
ATOM   371  N N   . LEU A 1 99  ? 0.528   -9.446  -8.762  1.00 27.57 ? 99   LEU A N   1 
ATOM   372  C CA  . LEU A 1 99  ? 0.718   -10.549 -9.692  1.00 26.52 ? 99   LEU A CA  1 
ATOM   373  C C   . LEU A 1 99  ? 1.733   -10.204 -10.783 1.00 25.39 ? 99   LEU A C   1 
ATOM   374  O O   . LEU A 1 99  ? 2.629   -10.985 -11.079 1.00 25.51 ? 99   LEU A O   1 
ATOM   375  C CB  . LEU A 1 99  ? -0.643  -10.905 -10.299 1.00 28.26 ? 99   LEU A CB  1 
ATOM   376  C CG  . LEU A 1 99  ? -0.895  -12.178 -11.112 1.00 30.71 ? 99   LEU A CG  1 
ATOM   377  C CD1 . LEU A 1 99  ? -2.401  -12.429 -11.142 1.00 31.90 ? 99   LEU A CD1 1 
ATOM   378  C CD2 . LEU A 1 99  ? -0.348  -12.050 -12.530 1.00 29.80 ? 99   LEU A CD2 1 
ATOM   379  N N   . ARG A 1 100 ? 1.591   -9.024  -11.370 1.00 23.59 ? 100  ARG A N   1 
ATOM   380  C CA  . ARG A 1 100 ? 2.483   -8.586  -12.429 1.00 23.31 ? 100  ARG A CA  1 
ATOM   381  C C   . ARG A 1 100 ? 3.872   -8.179  -11.934 1.00 24.05 ? 100  ARG A C   1 
ATOM   382  O O   . ARG A 1 100 ? 4.819   -8.112  -12.720 1.00 25.54 ? 100  ARG A O   1 
ATOM   383  C CB  . ARG A 1 100 ? 1.856   -7.415  -13.187 1.00 22.37 ? 100  ARG A CB  1 
ATOM   384  C CG  . ARG A 1 100 ? 0.533   -7.744  -13.847 1.00 24.77 ? 100  ARG A CG  1 
ATOM   385  C CD  . ARG A 1 100 ? 0.205   -6.690  -14.887 1.00 26.32 ? 100  ARG A CD  1 
ATOM   386  N NE  . ARG A 1 100 ? -1.044  -6.949  -15.595 1.00 27.91 ? 100  ARG A NE  1 
ATOM   387  C CZ  . ARG A 1 100 ? -1.230  -7.913  -16.491 1.00 28.70 ? 100  ARG A CZ  1 
ATOM   388  N NH1 . ARG A 1 100 ? -0.250  -8.746  -16.815 1.00 27.69 ? 100  ARG A NH1 1 
ATOM   389  N NH2 . ARG A 1 100 ? -2.412  -8.034  -17.076 1.00 29.94 ? 100  ARG A NH2 1 
ATOM   390  N N   . TYR A 1 101 ? 3.994   -7.897  -10.641 1.00 21.79 ? 101  TYR A N   1 
ATOM   391  C CA  . TYR A 1 101 ? 5.273   -7.499  -10.078 1.00 20.92 ? 101  TYR A CA  1 
ATOM   392  C C   . TYR A 1 101 ? 5.586   -8.303  -8.823  1.00 22.89 ? 101  TYR A C   1 
ATOM   393  O O   . TYR A 1 101 ? 5.932   -7.726  -7.787  1.00 22.11 ? 101  TYR A O   1 
ATOM   394  C CB  . TYR A 1 101 ? 5.246   -6.008  -9.746  1.00 19.42 ? 101  TYR A CB  1 
ATOM   395  C CG  . TYR A 1 101 ? 4.946   -5.127  -10.935 1.00 18.50 ? 101  TYR A CG  1 
ATOM   396  C CD1 . TYR A 1 101 ? 5.888   -4.943  -11.943 1.00 17.99 ? 101  TYR A CD1 1 
ATOM   397  C CD2 . TYR A 1 101 ? 3.714   -4.488  -11.066 1.00 18.66 ? 101  TYR A CD2 1 
ATOM   398  C CE1 . TYR A 1 101 ? 5.617   -4.149  -13.050 1.00 15.68 ? 101  TYR A CE1 1 
ATOM   399  C CE2 . TYR A 1 101 ? 3.432   -3.690  -12.184 1.00 17.96 ? 101  TYR A CE2 1 
ATOM   400  C CZ  . TYR A 1 101 ? 4.392   -3.531  -13.166 1.00 16.94 ? 101  TYR A CZ  1 
ATOM   401  O OH  . TYR A 1 101 ? 4.129   -2.766  -14.281 1.00 19.00 ? 101  TYR A OH  1 
ATOM   402  N N   . ARG A 1 102 ? 5.468   -9.632  -8.928  1.00 24.80 ? 102  ARG A N   1 
ATOM   403  C CA  . ARG A 1 102 ? 5.717   -10.543 -7.804  1.00 25.46 ? 102  ARG A CA  1 
ATOM   404  C C   . ARG A 1 102 ? 7.051   -10.277 -7.127  1.00 27.01 ? 102  ARG A C   1 
ATOM   405  O O   . ARG A 1 102 ? 7.160   -10.331 -5.904  1.00 27.40 ? 102  ARG A O   1 
ATOM   406  C CB  . ARG A 1 102 ? 5.655   -11.994 -8.274  1.00 24.63 ? 102  ARG A CB  1 
ATOM   407  N N   . ARG A 1 103 ? 8.064   -9.972  -7.927  1.00 29.15 ? 103  ARG A N   1 
ATOM   408  C CA  . ARG A 1 103 ? 9.403   -9.703  -7.413  1.00 32.16 ? 103  ARG A CA  1 
ATOM   409  C C   . ARG A 1 103 ? 9.459   -8.668  -6.302  1.00 31.52 ? 103  ARG A C   1 
ATOM   410  O O   . ARG A 1 103 ? 10.113  -8.883  -5.286  1.00 31.95 ? 103  ARG A O   1 
ATOM   411  C CB  . ARG A 1 103 ? 10.312  -9.281  -8.563  1.00 36.18 ? 103  ARG A CB  1 
ATOM   412  C CG  . ARG A 1 103 ? 10.430  -10.364 -9.625  1.00 43.58 ? 103  ARG A CG  1 
ATOM   413  C CD  . ARG A 1 103 ? 10.860  -9.795  -10.963 1.00 49.96 ? 103  ARG A CD  1 
ATOM   414  N NE  . ARG A 1 103 ? 10.084  -8.606  -11.333 1.00 54.88 ? 103  ARG A NE  1 
ATOM   415  C CZ  . ARG A 1 103 ? 8.759   -8.563  -11.475 1.00 54.55 ? 103  ARG A CZ  1 
ATOM   416  N NH1 . ARG A 1 103 ? 8.014   -9.647  -11.278 1.00 53.33 ? 103  ARG A NH1 1 
ATOM   417  N NH2 . ARG A 1 103 ? 8.179   -7.420  -11.825 1.00 55.16 ? 103  ARG A NH2 1 
ATOM   418  N N   . ALA A 1 104 ? 8.770   -7.550  -6.487  1.00 31.45 ? 104  ALA A N   1 
ATOM   419  C CA  . ALA A 1 104 ? 8.769   -6.486  -5.486  1.00 31.09 ? 104  ALA A CA  1 
ATOM   420  C C   . ALA A 1 104 ? 8.081   -6.862  -4.182  1.00 30.75 ? 104  ALA A C   1 
ATOM   421  O O   . ALA A 1 104 ? 8.047   -6.057  -3.264  1.00 32.33 ? 104  ALA A O   1 
ATOM   422  C CB  . ALA A 1 104 ? 8.117   -5.233  -6.057  1.00 30.53 ? 104  ALA A CB  1 
ATOM   423  N N   . PHE A 1 105 ? 7.538   -8.072  -4.091  1.00 30.24 ? 105  PHE A N   1 
ATOM   424  C CA  . PHE A 1 105 ? 6.841   -8.493  -2.878  1.00 30.29 ? 105  PHE A CA  1 
ATOM   425  C C   . PHE A 1 105 ? 7.338   -9.812  -2.325  1.00 32.42 ? 105  PHE A C   1 
ATOM   426  O O   . PHE A 1 105 ? 6.785   -10.315 -1.352  1.00 33.25 ? 105  PHE A O   1 
ATOM   427  C CB  . PHE A 1 105 ? 5.333   -8.604  -3.138  1.00 27.10 ? 105  PHE A CB  1 
ATOM   428  C CG  . PHE A 1 105 ? 4.702   -7.322  -3.586  1.00 24.98 ? 105  PHE A CG  1 
ATOM   429  C CD1 . PHE A 1 105 ? 4.514   -6.274  -2.692  1.00 25.35 ? 105  PHE A CD1 1 
ATOM   430  C CD2 . PHE A 1 105 ? 4.348   -7.138  -4.916  1.00 23.56 ? 105  PHE A CD2 1 
ATOM   431  C CE1 . PHE A 1 105 ? 3.986   -5.056  -3.119  1.00 23.88 ? 105  PHE A CE1 1 
ATOM   432  C CE2 . PHE A 1 105 ? 3.823   -5.927  -5.348  1.00 22.66 ? 105  PHE A CE2 1 
ATOM   433  C CZ  . PHE A 1 105 ? 3.644   -4.885  -4.447  1.00 22.82 ? 105  PHE A CZ  1 
ATOM   434  N N   . SER A 1 106 ? 8.375   -10.370 -2.945  1.00 36.23 ? 106  SER A N   1 
ATOM   435  C CA  . SER A 1 106 ? 8.943   -11.643 -2.502  1.00 38.25 ? 106  SER A CA  1 
ATOM   436  C C   . SER A 1 106 ? 9.268   -11.647 -1.018  1.00 39.29 ? 106  SER A C   1 
ATOM   437  O O   . SER A 1 106 ? 8.437   -12.041 -0.199  1.00 42.25 ? 106  SER A O   1 
ATOM   438  C CB  . SER A 1 106 ? 10.189  -11.988 -3.313  1.00 38.03 ? 106  SER A CB  1 
ATOM   439  O OG  . SER A 1 106 ? 9.818   -12.529 -4.568  1.00 38.68 ? 106  SER A OG  1 
ATOM   440  N N   . ASP A 1 107 ? 10.466  -11.221 -0.650  1.00 39.86 ? 107  ASP A N   1 
ATOM   441  C CA  . ASP A 1 107 ? 10.799  -11.199 0.766   1.00 41.43 ? 107  ASP A CA  1 
ATOM   442  C C   . ASP A 1 107 ? 11.003  -9.755  1.181   1.00 40.25 ? 107  ASP A C   1 
ATOM   443  O O   . ASP A 1 107 ? 12.124  -9.302  1.388   1.00 39.84 ? 107  ASP A O   1 
ATOM   444  C CB  . ASP A 1 107 ? 12.067  -12.011 1.041   1.00 45.32 ? 107  ASP A CB  1 
ATOM   445  C CG  . ASP A 1 107 ? 11.936  -12.894 2.271   1.00 48.54 ? 107  ASP A CG  1 
ATOM   446  O OD1 . ASP A 1 107 ? 11.582  -12.383 3.360   1.00 50.48 ? 107  ASP A OD1 1 
ATOM   447  O OD2 . ASP A 1 107 ? 12.173  -14.112 2.144   1.00 52.89 ? 107  ASP A OD2 1 
ATOM   448  N N   . LEU A 1 108 ? 9.893   -9.039  1.296   1.00 38.87 ? 108  LEU A N   1 
ATOM   449  C CA  . LEU A 1 108 ? 9.916   -7.635  1.667   1.00 38.34 ? 108  LEU A CA  1 
ATOM   450  C C   . LEU A 1 108 ? 10.624  -7.439  3.007   1.00 37.72 ? 108  LEU A C   1 
ATOM   451  O O   . LEU A 1 108 ? 11.546  -6.629  3.131   1.00 36.34 ? 108  LEU A O   1 
ATOM   452  C CB  . LEU A 1 108 ? 8.479   -7.113  1.730   1.00 36.59 ? 108  LEU A CB  1 
ATOM   453  C CG  . LEU A 1 108 ? 8.235   -5.610  1.605   1.00 34.94 ? 108  LEU A CG  1 
ATOM   454  C CD1 . LEU A 1 108 ? 8.850   -5.090  0.329   1.00 33.61 ? 108  LEU A CD1 1 
ATOM   455  C CD2 . LEU A 1 108 ? 6.742   -5.351  1.608   1.00 35.88 ? 108  LEU A CD2 1 
ATOM   456  N N   . THR A 1 109 ? 10.188  -8.194  4.007   1.00 38.79 ? 109  THR A N   1 
ATOM   457  C CA  . THR A 1 109 ? 10.773  -8.123  5.336   1.00 39.74 ? 109  THR A CA  1 
ATOM   458  C C   . THR A 1 109 ? 12.295  -8.301  5.284   1.00 39.51 ? 109  THR A C   1 
ATOM   459  O O   . THR A 1 109 ? 13.012  -7.818  6.159   1.00 41.09 ? 109  THR A O   1 
ATOM   460  C CB  . THR A 1 109 ? 10.132  -9.191  6.271   1.00 40.47 ? 109  THR A CB  1 
ATOM   461  O OG1 . THR A 1 109 ? 9.813   -10.368 5.512   1.00 41.40 ? 109  THR A OG1 1 
ATOM   462  C CG2 . THR A 1 109 ? 8.851   -8.651  6.912   1.00 39.46 ? 109  THR A CG2 1 
ATOM   463  N N   . SER A 1 110 ? 12.782  -8.980  4.248   1.00 38.43 ? 110  SER A N   1 
ATOM   464  C CA  . SER A 1 110 ? 14.217  -9.199  4.076   1.00 37.77 ? 110  SER A CA  1 
ATOM   465  C C   . SER A 1 110 ? 14.804  -8.112  3.184   1.00 37.26 ? 110  SER A C   1 
ATOM   466  O O   . SER A 1 110 ? 15.892  -7.611  3.435   1.00 37.37 ? 110  SER A O   1 
ATOM   467  C CB  . SER A 1 110 ? 14.484  -10.561 3.428   1.00 38.36 ? 110  SER A CB  1 
ATOM   468  O OG  . SER A 1 110 ? 13.901  -11.615 4.171   1.00 39.57 ? 110  SER A OG  1 
ATOM   469  N N   . GLN A 1 111 ? 14.075  -7.761  2.129   1.00 37.31 ? 111  GLN A N   1 
ATOM   470  C CA  . GLN A 1 111 ? 14.507  -6.732  1.190   1.00 37.62 ? 111  GLN A CA  1 
ATOM   471  C C   . GLN A 1 111 ? 14.711  -5.391  1.859   1.00 39.32 ? 111  GLN A C   1 
ATOM   472  O O   . GLN A 1 111 ? 15.458  -4.554  1.366   1.00 40.00 ? 111  GLN A O   1 
ATOM   473  C CB  . GLN A 1 111 ? 13.472  -6.544  0.074   1.00 34.76 ? 111  GLN A CB  1 
ATOM   474  C CG  . GLN A 1 111 ? 13.522  -7.587  -1.017  1.00 33.16 ? 111  GLN A CG  1 
ATOM   475  C CD  . GLN A 1 111 ? 12.600  -7.260  -2.171  1.00 32.21 ? 111  GLN A CD  1 
ATOM   476  O OE1 . GLN A 1 111 ? 11.619  -7.960  -2.409  1.00 32.78 ? 111  GLN A OE1 1 
ATOM   477  N NE2 . GLN A 1 111 ? 12.907  -6.189  -2.892  1.00 30.84 ? 111  GLN A NE2 1 
ATOM   478  N N   . LEU A 1 112 ? 14.046  -5.183  2.986   1.00 41.22 ? 112  LEU A N   1 
ATOM   479  C CA  . LEU A 1 112 ? 14.145  -3.908  3.666   1.00 42.42 ? 112  LEU A CA  1 
ATOM   480  C C   . LEU A 1 112 ? 14.750  -3.948  5.066   1.00 44.92 ? 112  LEU A C   1 
ATOM   481  O O   . LEU A 1 112 ? 14.986  -2.894  5.664   1.00 47.02 ? 112  LEU A O   1 
ATOM   482  C CB  . LEU A 1 112 ? 12.760  -3.261  3.701   1.00 40.87 ? 112  LEU A CB  1 
ATOM   483  C CG  . LEU A 1 112 ? 12.139  -3.006  2.322   1.00 39.05 ? 112  LEU A CG  1 
ATOM   484  C CD1 . LEU A 1 112 ? 10.707  -2.569  2.478   1.00 39.36 ? 112  LEU A CD1 1 
ATOM   485  C CD2 . LEU A 1 112 ? 12.929  -1.952  1.579   1.00 38.16 ? 112  LEU A CD2 1 
ATOM   486  N N   . HIS A 1 113 ? 15.003  -5.145  5.592   1.00 46.36 ? 113  HIS A N   1 
ATOM   487  C CA  . HIS A 1 113 ? 15.596  -5.270  6.926   1.00 48.07 ? 113  HIS A CA  1 
ATOM   488  C C   . HIS A 1 113 ? 14.613  -4.703  7.933   1.00 47.77 ? 113  HIS A C   1 
ATOM   489  O O   . HIS A 1 113 ? 14.987  -3.956  8.841   1.00 47.04 ? 113  HIS A O   1 
ATOM   490  C CB  . HIS A 1 113 ? 16.899  -4.466  7.009   1.00 50.53 ? 113  HIS A CB  1 
ATOM   491  C CG  . HIS A 1 113 ? 17.860  -4.739  5.891   1.00 54.63 ? 113  HIS A CG  1 
ATOM   492  N ND1 . HIS A 1 113 ? 18.486  -5.959  5.723   1.00 54.51 ? 113  HIS A ND1 1 
ATOM   493  C CD2 . HIS A 1 113 ? 18.322  -3.938  4.899   1.00 55.27 ? 113  HIS A CD2 1 
ATOM   494  C CE1 . HIS A 1 113 ? 19.292  -5.895  4.678   1.00 55.39 ? 113  HIS A CE1 1 
ATOM   495  N NE2 . HIS A 1 113 ? 19.212  -4.681  4.160   1.00 55.79 ? 113  HIS A NE2 1 
ATOM   496  N N   . ILE A 1 114 ? 13.351  -5.068  7.770   1.00 48.23 ? 114  ILE A N   1 
ATOM   497  C CA  . ILE A 1 114 ? 12.310  -4.559  8.644   1.00 49.28 ? 114  ILE A CA  1 
ATOM   498  C C   . ILE A 1 114 ? 12.195  -5.194  10.023  1.00 49.04 ? 114  ILE A C   1 
ATOM   499  O O   . ILE A 1 114 ? 12.215  -6.414  10.178  1.00 49.44 ? 114  ILE A O   1 
ATOM   500  C CB  . ILE A 1 114 ? 10.952  -4.618  7.929   1.00 49.75 ? 114  ILE A CB  1 
ATOM   501  C CG1 . ILE A 1 114 ? 10.973  -3.619  6.768   1.00 49.50 ? 114  ILE A CG1 1 
ATOM   502  C CG2 . ILE A 1 114 ? 9.816   -4.324  8.909   1.00 50.00 ? 114  ILE A CG2 1 
ATOM   503  C CD1 . ILE A 1 114 ? 9.689   -3.526  6.013   1.00 51.20 ? 114  ILE A CD1 1 
ATOM   504  N N   . THR A 1 115 ? 12.078  -4.320  11.020  1.00 49.28 ? 115  THR A N   1 
ATOM   505  C CA  . THR A 1 115 ? 11.944  -4.698  12.426  1.00 47.19 ? 115  THR A CA  1 
ATOM   506  C C   . THR A 1 115 ? 10.952  -3.700  13.042  1.00 45.67 ? 115  THR A C   1 
ATOM   507  O O   . THR A 1 115 ? 10.692  -2.642  12.466  1.00 45.06 ? 115  THR A O   1 
ATOM   508  C CB  . THR A 1 115 ? 13.319  -4.602  13.179  1.00 46.38 ? 115  THR A CB  1 
ATOM   509  O OG1 . THR A 1 115 ? 13.660  -3.233  13.413  1.00 44.58 ? 115  THR A OG1 1 
ATOM   510  C CG2 . THR A 1 115 ? 14.424  -5.222  12.349  1.00 46.56 ? 115  THR A CG2 1 
ATOM   511  N N   . PRO A 1 116 ? 10.363  -4.029  14.203  1.00 44.76 ? 116  PRO A N   1 
ATOM   512  C CA  . PRO A 1 116 ? 9.425   -3.062  14.781  1.00 43.04 ? 116  PRO A CA  1 
ATOM   513  C C   . PRO A 1 116 ? 10.129  -1.726  15.053  1.00 42.32 ? 116  PRO A C   1 
ATOM   514  O O   . PRO A 1 116 ? 9.478   -0.681  15.165  1.00 42.89 ? 116  PRO A O   1 
ATOM   515  C CB  . PRO A 1 116 ? 8.967   -3.756  16.064  1.00 42.62 ? 116  PRO A CB  1 
ATOM   516  C CG  . PRO A 1 116 ? 9.000   -5.209  15.682  1.00 42.93 ? 116  PRO A CG  1 
ATOM   517  C CD  . PRO A 1 116 ? 10.319  -5.308  14.939  1.00 44.09 ? 116  PRO A CD  1 
ATOM   518  N N   . GLY A 1 117 ? 11.461  -1.773  15.149  1.00 40.02 ? 117  GLY A N   1 
ATOM   519  C CA  . GLY A 1 117 ? 12.249  -0.579  15.410  1.00 36.46 ? 117  GLY A CA  1 
ATOM   520  C C   . GLY A 1 117 ? 12.495  0.314   14.204  1.00 35.22 ? 117  GLY A C   1 
ATOM   521  O O   . GLY A 1 117 ? 12.540  1.537   14.339  1.00 35.80 ? 117  GLY A O   1 
ATOM   522  N N   . THR A 1 118 ? 12.638  -0.282  13.024  1.00 32.74 ? 118  THR A N   1 
ATOM   523  C CA  . THR A 1 118 ? 12.893  0.477   11.802  1.00 31.56 ? 118  THR A CA  1 
ATOM   524  C C   . THR A 1 118 ? 11.694  0.534   10.862  1.00 29.02 ? 118  THR A C   1 
ATOM   525  O O   . THR A 1 118 ? 11.733  1.210   9.833   1.00 29.16 ? 118  THR A O   1 
ATOM   526  C CB  . THR A 1 118 ? 14.046  -0.147  11.010  1.00 33.53 ? 118  THR A CB  1 
ATOM   527  O OG1 . THR A 1 118 ? 14.822  -0.985  11.873  1.00 37.39 ? 118  THR A OG1 1 
ATOM   528  C CG2 . THR A 1 118 ? 14.940  0.939   10.437  1.00 36.88 ? 118  THR A CG2 1 
ATOM   529  N N   . ALA A 1 119 ? 10.636  -0.185  11.214  1.00 26.05 ? 119  ALA A N   1 
ATOM   530  C CA  . ALA A 1 119 ? 9.438   -0.255  10.390  1.00 23.73 ? 119  ALA A CA  1 
ATOM   531  C C   . ALA A 1 119 ? 8.904   1.082   9.895   1.00 22.38 ? 119  ALA A C   1 
ATOM   532  O O   . ALA A 1 119 ? 8.735   1.274   8.697   1.00 22.40 ? 119  ALA A O   1 
ATOM   533  C CB  . ALA A 1 119 ? 8.345   -1.005  11.133  1.00 23.77 ? 119  ALA A CB  1 
ATOM   534  N N   . TYR A 1 120 ? 8.633   2.007   10.805  1.00 21.36 ? 120  TYR A N   1 
ATOM   535  C CA  . TYR A 1 120 ? 8.109   3.298   10.396  1.00 20.23 ? 120  TYR A CA  1 
ATOM   536  C C   . TYR A 1 120 ? 8.997   4.023   9.388   1.00 21.27 ? 120  TYR A C   1 
ATOM   537  O O   . TYR A 1 120 ? 8.528   4.439   8.324   1.00 21.76 ? 120  TYR A O   1 
ATOM   538  C CB  . TYR A 1 120 ? 7.900   4.211   11.594  1.00 19.09 ? 120  TYR A CB  1 
ATOM   539  C CG  . TYR A 1 120 ? 7.336   5.544   11.175  1.00 17.99 ? 120  TYR A CG  1 
ATOM   540  C CD1 . TYR A 1 120 ? 6.040   5.639   10.676  1.00 16.05 ? 120  TYR A CD1 1 
ATOM   541  C CD2 . TYR A 1 120 ? 8.112   6.701   11.231  1.00 17.44 ? 120  TYR A CD2 1 
ATOM   542  C CE1 . TYR A 1 120 ? 5.525   6.844   10.247  1.00 19.25 ? 120  TYR A CE1 1 
ATOM   543  C CE2 . TYR A 1 120 ? 7.610   7.921   10.801  1.00 18.56 ? 120  TYR A CE2 1 
ATOM   544  C CZ  . TYR A 1 120 ? 6.310   7.986   10.312  1.00 21.22 ? 120  TYR A CZ  1 
ATOM   545  O OH  . TYR A 1 120 ? 5.781   9.194   9.916   1.00 21.34 ? 120  TYR A OH  1 
ATOM   546  N N   . GLN A 1 121 ? 10.270  4.191   9.738   1.00 21.94 ? 121  GLN A N   1 
ATOM   547  C CA  . GLN A 1 121 ? 11.228  4.868   8.872   1.00 22.37 ? 121  GLN A CA  1 
ATOM   548  C C   . GLN A 1 121 ? 11.259  4.223   7.502   1.00 22.12 ? 121  GLN A C   1 
ATOM   549  O O   . GLN A 1 121 ? 11.214  4.919   6.488   1.00 22.71 ? 121  GLN A O   1 
ATOM   550  C CB  . GLN A 1 121 ? 12.620  4.819   9.488   1.00 25.76 ? 121  GLN A CB  1 
ATOM   551  C CG  . GLN A 1 121 ? 12.682  5.419   10.877  1.00 33.82 ? 121  GLN A CG  1 
ATOM   552  C CD  . GLN A 1 121 ? 13.959  5.046   11.613  1.00 39.14 ? 121  GLN A CD  1 
ATOM   553  O OE1 . GLN A 1 121 ? 15.062  5.460   11.227  1.00 42.78 ? 121  GLN A OE1 1 
ATOM   554  N NE2 . GLN A 1 121 ? 13.817  4.251   12.679  1.00 38.67 ? 121  GLN A NE2 1 
ATOM   555  N N   . SER A 1 122 ? 11.343  2.893   7.477   1.00 21.90 ? 122  SER A N   1 
ATOM   556  C CA  . SER A 1 122 ? 11.362  2.148   6.221   1.00 21.54 ? 122  SER A CA  1 
ATOM   557  C C   . SER A 1 122 ? 10.078  2.430   5.453   1.00 20.19 ? 122  SER A C   1 
ATOM   558  O O   . SER A 1 122 ? 10.107  2.779   4.278   1.00 20.02 ? 122  SER A O   1 
ATOM   559  C CB  . SER A 1 122 ? 11.476  0.648   6.482   1.00 21.80 ? 122  SER A CB  1 
ATOM   560  O OG  . SER A 1 122 ? 12.761  0.318   6.963   1.00 25.11 ? 122  SER A OG  1 
ATOM   561  N N   . PHE A 1 123 ? 8.947   2.282   6.126   1.00 18.24 ? 123  PHE A N   1 
ATOM   562  C CA  . PHE A 1 123 ? 7.672   2.544   5.486   1.00 17.98 ? 123  PHE A CA  1 
ATOM   563  C C   . PHE A 1 123 ? 7.670   3.920   4.824   1.00 17.95 ? 123  PHE A C   1 
ATOM   564  O O   . PHE A 1 123 ? 7.406   4.047   3.634   1.00 18.75 ? 123  PHE A O   1 
ATOM   565  C CB  . PHE A 1 123 ? 6.540   2.498   6.510   1.00 16.00 ? 123  PHE A CB  1 
ATOM   566  C CG  . PHE A 1 123 ? 5.207   2.895   5.951   1.00 13.54 ? 123  PHE A CG  1 
ATOM   567  C CD1 . PHE A 1 123 ? 4.375   1.951   5.362   1.00 12.10 ? 123  PHE A CD1 1 
ATOM   568  C CD2 . PHE A 1 123 ? 4.799   4.227   5.969   1.00 13.37 ? 123  PHE A CD2 1 
ATOM   569  C CE1 . PHE A 1 123 ? 3.155   2.326   4.795   1.00 11.81 ? 123  PHE A CE1 1 
ATOM   570  C CE2 . PHE A 1 123 ? 3.576   4.611   5.401   1.00 12.84 ? 123  PHE A CE2 1 
ATOM   571  C CZ  . PHE A 1 123 ? 2.756   3.661   4.816   1.00 10.43 ? 123  PHE A CZ  1 
ATOM   572  N N   . GLU A 1 124 ? 7.968   4.943   5.614   1.00 17.77 ? 124  GLU A N   1 
ATOM   573  C CA  . GLU A 1 124 ? 7.971   6.320   5.145   1.00 18.01 ? 124  GLU A CA  1 
ATOM   574  C C   . GLU A 1 124 ? 8.983   6.587   4.027   1.00 18.37 ? 124  GLU A C   1 
ATOM   575  O O   . GLU A 1 124 ? 8.737   7.406   3.135   1.00 16.37 ? 124  GLU A O   1 
ATOM   576  C CB  . GLU A 1 124 ? 8.235   7.240   6.341   1.00 20.60 ? 124  GLU A CB  1 
ATOM   577  C CG  . GLU A 1 124 ? 7.424   8.541   6.394   1.00 25.68 ? 124  GLU A CG  1 
ATOM   578  C CD  . GLU A 1 124 ? 5.894   8.356   6.404   1.00 27.68 ? 124  GLU A CD  1 
ATOM   579  O OE1 . GLU A 1 124 ? 5.369   7.376   6.988   1.00 27.20 ? 124  GLU A OE1 1 
ATOM   580  O OE2 . GLU A 1 124 ? 5.209   9.231   5.830   1.00 30.01 ? 124  GLU A OE2 1 
ATOM   581  N N   . GLN A 1 125 ? 10.122  5.900   4.069   1.00 19.04 ? 125  GLN A N   1 
ATOM   582  C CA  . GLN A 1 125 ? 11.145  6.085   3.048   1.00 19.62 ? 125  GLN A CA  1 
ATOM   583  C C   . GLN A 1 125 ? 10.644  5.548   1.714   1.00 19.50 ? 125  GLN A C   1 
ATOM   584  O O   . GLN A 1 125 ? 10.768  6.205   0.674   1.00 20.02 ? 125  GLN A O   1 
ATOM   585  C CB  . GLN A 1 125 ? 12.427  5.357   3.432   1.00 23.27 ? 125  GLN A CB  1 
ATOM   586  C CG  . GLN A 1 125 ? 13.631  5.825   2.639   1.00 28.67 ? 125  GLN A CG  1 
ATOM   587  C CD  . GLN A 1 125 ? 14.029  7.242   3.012   1.00 31.76 ? 125  GLN A CD  1 
ATOM   588  O OE1 . GLN A 1 125 ? 14.609  7.478   4.077   1.00 31.49 ? 125  GLN A OE1 1 
ATOM   589  N NE2 . GLN A 1 125 ? 13.700  8.196   2.146   1.00 35.03 ? 125  GLN A NE2 1 
ATOM   590  N N   . VAL A 1 126 ? 10.085  4.343   1.747   1.00 16.68 ? 126  VAL A N   1 
ATOM   591  C CA  . VAL A 1 126 ? 9.542   3.724   0.545   1.00 14.67 ? 126  VAL A CA  1 
ATOM   592  C C   . VAL A 1 126 ? 8.450   4.619   -0.042  1.00 13.90 ? 126  VAL A C   1 
ATOM   593  O O   . VAL A 1 126 ? 8.475   4.952   -1.222  1.00 15.02 ? 126  VAL A O   1 
ATOM   594  C CB  . VAL A 1 126 ? 8.926   2.318   0.850   1.00 13.14 ? 126  VAL A CB  1 
ATOM   595  C CG1 . VAL A 1 126 ? 8.001   1.890   -0.283  1.00 11.52 ? 126  VAL A CG1 1 
ATOM   596  C CG2 . VAL A 1 126 ? 10.026  1.288   1.018   1.00 10.13 ? 126  VAL A CG2 1 
ATOM   597  N N   . VAL A 1 127 ? 7.502   5.018   0.796   1.00 12.62 ? 127  VAL A N   1 
ATOM   598  C CA  . VAL A 1 127 ? 6.388   5.839   0.351   1.00 13.49 ? 127  VAL A CA  1 
ATOM   599  C C   . VAL A 1 127 ? 6.742   7.254   -0.115  1.00 14.07 ? 127  VAL A C   1 
ATOM   600  O O   . VAL A 1 127 ? 6.197   7.743   -1.103  1.00 14.40 ? 127  VAL A O   1 
ATOM   601  C CB  . VAL A 1 127 ? 5.306   5.906   1.445   1.00 11.54 ? 127  VAL A CB  1 
ATOM   602  C CG1 . VAL A 1 127 ? 4.204   6.855   1.042   1.00 11.19 ? 127  VAL A CG1 1 
ATOM   603  C CG2 . VAL A 1 127 ? 4.723   4.534   1.654   1.00 12.07 ? 127  VAL A CG2 1 
ATOM   604  N N   . ASN A 1 128 ? 7.639   7.927   0.586   1.00 16.32 ? 128  ASN A N   1 
ATOM   605  C CA  . ASN A 1 128 ? 7.994   9.264   0.157   1.00 17.91 ? 128  ASN A CA  1 
ATOM   606  C C   . ASN A 1 128 ? 8.653   9.183   -1.204  1.00 18.65 ? 128  ASN A C   1 
ATOM   607  O O   . ASN A 1 128 ? 8.477   10.069  -2.040  1.00 20.19 ? 128  ASN A O   1 
ATOM   608  C CB  . ASN A 1 128 ? 8.938   9.939   1.152   1.00 17.23 ? 128  ASN A CB  1 
ATOM   609  C CG  . ASN A 1 128 ? 8.252   10.311  2.438   1.00 19.42 ? 128  ASN A CG  1 
ATOM   610  O OD1 . ASN A 1 128 ? 7.081   10.692  2.441   1.00 20.80 ? 128  ASN A OD1 1 
ATOM   611  N ND2 . ASN A 1 128 ? 8.979   10.218  3.546   1.00 20.78 ? 128  ASN A ND2 1 
ATOM   612  N N   . GLU A 1 129 ? 9.407   8.115   -1.434  1.00 18.45 ? 129  GLU A N   1 
ATOM   613  C CA  . GLU A 1 129 ? 10.080  7.954   -2.715  1.00 18.74 ? 129  GLU A CA  1 
ATOM   614  C C   . GLU A 1 129 ? 9.041   7.637   -3.795  1.00 19.32 ? 129  GLU A C   1 
ATOM   615  O O   . GLU A 1 129 ? 9.018   8.258   -4.854  1.00 19.57 ? 129  GLU A O   1 
ATOM   616  C CB  . GLU A 1 129 ? 11.124  6.835   -2.615  1.00 19.66 ? 129  GLU A CB  1 
ATOM   617  C CG  . GLU A 1 129 ? 11.888  6.592   -3.897  1.00 21.68 ? 129  GLU A CG  1 
ATOM   618  C CD  . GLU A 1 129 ? 12.785  7.756   -4.302  1.00 23.81 ? 129  GLU A CD  1 
ATOM   619  O OE1 . GLU A 1 129 ? 13.177  7.800   -5.491  1.00 24.30 ? 129  GLU A OE1 1 
ATOM   620  O OE2 . GLU A 1 129 ? 13.115  8.614   -3.443  1.00 23.59 ? 129  GLU A OE2 1 
ATOM   621  N N   . LEU A 1 130 ? 8.167   6.678   -3.499  1.00 19.25 ? 130  LEU A N   1 
ATOM   622  C CA  . LEU A 1 130 ? 7.107   6.258   -4.414  1.00 18.09 ? 130  LEU A CA  1 
ATOM   623  C C   . LEU A 1 130 ? 6.339   7.462   -4.970  1.00 18.41 ? 130  LEU A C   1 
ATOM   624  O O   . LEU A 1 130 ? 6.030   7.521   -6.155  1.00 17.57 ? 130  LEU A O   1 
ATOM   625  C CB  . LEU A 1 130 ? 6.135   5.337   -3.674  1.00 16.25 ? 130  LEU A CB  1 
ATOM   626  C CG  . LEU A 1 130 ? 5.191   4.382   -4.419  1.00 17.47 ? 130  LEU A CG  1 
ATOM   627  C CD1 . LEU A 1 130 ? 3.869   4.351   -3.658  1.00 13.92 ? 130  LEU A CD1 1 
ATOM   628  C CD2 . LEU A 1 130 ? 4.964   4.809   -5.863  1.00 13.94 ? 130  LEU A CD2 1 
ATOM   629  N N   . PHE A 1 131 ? 6.023   8.418   -4.105  1.00 19.74 ? 131  PHE A N   1 
ATOM   630  C CA  . PHE A 1 131 ? 5.278   9.603   -4.524  1.00 19.61 ? 131  PHE A CA  1 
ATOM   631  C C   . PHE A 1 131 ? 6.163   10.844  -4.628  1.00 22.10 ? 131  PHE A C   1 
ATOM   632  O O   . PHE A 1 131 ? 5.664   11.960  -4.771  1.00 21.57 ? 131  PHE A O   1 
ATOM   633  C CB  . PHE A 1 131 ? 4.132   9.877   -3.544  1.00 15.46 ? 131  PHE A CB  1 
ATOM   634  C CG  . PHE A 1 131 ? 3.084   8.791   -3.504  1.00 13.07 ? 131  PHE A CG  1 
ATOM   635  C CD1 . PHE A 1 131 ? 2.224   8.593   -4.575  1.00 9.40  ? 131  PHE A CD1 1 
ATOM   636  C CD2 . PHE A 1 131 ? 2.943   7.981   -2.374  1.00 13.16 ? 131  PHE A CD2 1 
ATOM   637  C CE1 . PHE A 1 131 ? 1.232   7.608   -4.531  1.00 9.57  ? 131  PHE A CE1 1 
ATOM   638  C CE2 . PHE A 1 131 ? 1.952   6.986   -2.316  1.00 11.38 ? 131  PHE A CE2 1 
ATOM   639  C CZ  . PHE A 1 131 ? 1.094   6.800   -3.398  1.00 11.03 ? 131  PHE A CZ  1 
ATOM   640  N N   . ARG A 1 132 ? 7.477   10.654  -4.566  1.00 25.90 ? 132  ARG A N   1 
ATOM   641  C CA  . ARG A 1 132 ? 8.403   11.782  -4.648  1.00 29.40 ? 132  ARG A CA  1 
ATOM   642  C C   . ARG A 1 132 ? 8.083   12.739  -5.797  1.00 29.72 ? 132  ARG A C   1 
ATOM   643  O O   . ARG A 1 132 ? 8.103   13.961  -5.639  1.00 29.40 ? 132  ARG A O   1 
ATOM   644  C CB  . ARG A 1 132 ? 9.836   11.278  -4.838  1.00 32.55 ? 132  ARG A CB  1 
ATOM   645  C CG  . ARG A 1 132 ? 10.762  12.344  -5.399  1.00 36.13 ? 132  ARG A CG  1 
ATOM   646  C CD  . ARG A 1 132 ? 12.118  11.806  -5.779  1.00 40.51 ? 132  ARG A CD  1 
ATOM   647  N NE  . ARG A 1 132 ? 13.019  11.680  -4.638  1.00 45.35 ? 132  ARG A NE  1 
ATOM   648  C CZ  . ARG A 1 132 ? 14.315  11.402  -4.752  1.00 48.57 ? 132  ARG A CZ  1 
ATOM   649  N NH1 . ARG A 1 132 ? 15.079  11.299  -3.672  1.00 49.25 ? 132  ARG A NH1 1 
ATOM   650  N NH2 . ARG A 1 132 ? 14.849  11.229  -5.957  1.00 50.31 ? 132  ARG A NH2 1 
ATOM   651  N N   . ASP A 1 133 ? 7.785   12.143  -6.944  1.00 29.91 ? 133  ASP A N   1 
ATOM   652  C CA  . ASP A 1 133 ? 7.503   12.828  -8.199  1.00 28.90 ? 133  ASP A CA  1 
ATOM   653  C C   . ASP A 1 133 ? 6.076   13.351  -8.373  1.00 27.09 ? 133  ASP A C   1 
ATOM   654  O O   . ASP A 1 133 ? 5.824   14.230  -9.196  1.00 26.58 ? 133  ASP A O   1 
ATOM   655  C CB  . ASP A 1 133 ? 7.818   11.845  -9.327  1.00 32.62 ? 133  ASP A CB  1 
ATOM   656  C CG  . ASP A 1 133 ? 8.387   12.518  -10.530 1.00 35.89 ? 133  ASP A CG  1 
ATOM   657  O OD1 . ASP A 1 133 ? 9.169   13.469  -10.332 1.00 38.91 ? 133  ASP A OD1 1 
ATOM   658  O OD2 . ASP A 1 133 ? 8.071   12.095  -11.664 1.00 39.49 ? 133  ASP A OD2 1 
ATOM   659  N N   . GLY A 1 134 ? 5.140   12.796  -7.616  1.00 24.37 ? 134  GLY A N   1 
ATOM   660  C CA  . GLY A 1 134 ? 3.756   13.204  -7.744  1.00 20.67 ? 134  GLY A CA  1 
ATOM   661  C C   . GLY A 1 134 ? 2.841   12.013  -7.534  1.00 19.41 ? 134  GLY A C   1 
ATOM   662  O O   . GLY A 1 134 ? 3.232   11.038  -6.890  1.00 19.32 ? 134  GLY A O   1 
ATOM   663  N N   . VAL A 1 135 ? 1.641   12.059  -8.103  1.00 17.95 ? 135  VAL A N   1 
ATOM   664  C CA  . VAL A 1 135 ? 0.694   10.974  -7.908  1.00 16.76 ? 135  VAL A CA  1 
ATOM   665  C C   . VAL A 1 135 ? -0.003  10.474  -9.169  1.00 17.04 ? 135  VAL A C   1 
ATOM   666  O O   . VAL A 1 135 ? -0.283  11.255  -10.076 1.00 17.21 ? 135  VAL A O   1 
ATOM   667  C CB  . VAL A 1 135 ? -0.392  11.404  -6.904  1.00 15.96 ? 135  VAL A CB  1 
ATOM   668  C CG1 . VAL A 1 135 ? -1.299  10.246  -6.589  1.00 16.20 ? 135  VAL A CG1 1 
ATOM   669  C CG2 . VAL A 1 135 ? 0.247   11.937  -5.646  1.00 15.83 ? 135  VAL A CG2 1 
ATOM   670  N N   . ASN A 1 136 ? -0.267  9.162   -9.194  1.00 17.84 ? 136  ASN A N   1 
ATOM   671  C CA  . ASN A 1 136 ? -0.970  8.446   -10.273 1.00 18.61 ? 136  ASN A CA  1 
ATOM   672  C C   . ASN A 1 136 ? -1.872  7.499   -9.520  1.00 18.17 ? 136  ASN A C   1 
ATOM   673  O O   . ASN A 1 136 ? -1.680  7.270   -8.322  1.00 18.04 ? 136  ASN A O   1 
ATOM   674  C CB  . ASN A 1 136 ? -0.094  7.472   -11.085 1.00 21.07 ? 136  ASN A CB  1 
ATOM   675  C CG  . ASN A 1 136 ? 1.117   8.094   -11.670 1.00 24.90 ? 136  ASN A CG  1 
ATOM   676  O OD1 . ASN A 1 136 ? 1.099   9.240   -12.123 1.00 31.21 ? 136  ASN A OD1 1 
ATOM   677  N ND2 . ASN A 1 136 ? 2.194   7.329   -11.704 1.00 25.00 ? 136  ASN A ND2 1 
ATOM   678  N N   . TRP A 1 137 ? -2.811  6.903   -10.244 1.00 15.50 ? 137  TRP A N   1 
ATOM   679  C CA  . TRP A 1 137 ? -3.675  5.906   -9.657  1.00 15.90 ? 137  TRP A CA  1 
ATOM   680  C C   . TRP A 1 137 ? -2.790  4.670   -9.490  1.00 15.18 ? 137  TRP A C   1 
ATOM   681  O O   . TRP A 1 137 ? -2.929  3.911   -8.530  1.00 15.12 ? 137  TRP A O   1 
ATOM   682  C CB  . TRP A 1 137 ? -4.839  5.595   -10.592 1.00 16.25 ? 137  TRP A CB  1 
ATOM   683  C CG  . TRP A 1 137 ? -5.847  6.698   -10.629 1.00 16.76 ? 137  TRP A CG  1 
ATOM   684  C CD1 . TRP A 1 137 ? -6.146  7.507   -11.687 1.00 15.44 ? 137  TRP A CD1 1 
ATOM   685  C CD2 . TRP A 1 137 ? -6.696  7.111   -9.552  1.00 15.22 ? 137  TRP A CD2 1 
ATOM   686  N NE1 . TRP A 1 137 ? -7.132  8.395   -11.336 1.00 15.97 ? 137  TRP A NE1 1 
ATOM   687  C CE2 . TRP A 1 137 ? -7.488  8.172   -10.030 1.00 15.31 ? 137  TRP A CE2 1 
ATOM   688  C CE3 . TRP A 1 137 ? -6.864  6.681   -8.227  1.00 13.66 ? 137  TRP A CE3 1 
ATOM   689  C CZ2 . TRP A 1 137 ? -8.441  8.816   -9.227  1.00 15.78 ? 137  TRP A CZ2 1 
ATOM   690  C CZ3 . TRP A 1 137 ? -7.807  7.318   -7.432  1.00 14.61 ? 137  TRP A CZ3 1 
ATOM   691  C CH2 . TRP A 1 137 ? -8.585  8.374   -7.933  1.00 14.36 ? 137  TRP A CH2 1 
ATOM   692  N N   . GLY A 1 138 ? -1.864  4.498   -10.430 1.00 14.12 ? 138  GLY A N   1 
ATOM   693  C CA  . GLY A 1 138 ? -0.952  3.372   -10.394 1.00 12.06 ? 138  GLY A CA  1 
ATOM   694  C C   . GLY A 1 138 ? -0.117  3.330   -9.131  1.00 12.58 ? 138  GLY A C   1 
ATOM   695  O O   . GLY A 1 138 ? 0.010   2.275   -8.517  1.00 12.59 ? 138  GLY A O   1 
ATOM   696  N N   . ARG A 1 139 ? 0.452   4.472   -8.742  1.00 12.89 ? 139  ARG A N   1 
ATOM   697  C CA  . ARG A 1 139 ? 1.281   4.565   -7.538  1.00 11.51 ? 139  ARG A CA  1 
ATOM   698  C C   . ARG A 1 139 ? 0.456   4.316   -6.282  1.00 12.09 ? 139  ARG A C   1 
ATOM   699  O O   . ARG A 1 139 ? 0.936   3.719   -5.319  1.00 10.35 ? 139  ARG A O   1 
ATOM   700  C CB  . ARG A 1 139 ? 1.933   5.943   -7.461  1.00 11.19 ? 139  ARG A CB  1 
ATOM   701  C CG  . ARG A 1 139 ? 2.779   6.273   -8.679  1.00 11.30 ? 139  ARG A CG  1 
ATOM   702  C CD  . ARG A 1 139 ? 3.520   7.585   -8.517  1.00 10.70 ? 139  ARG A CD  1 
ATOM   703  N NE  . ARG A 1 139 ? 4.391   7.872   -9.655  1.00 10.67 ? 139  ARG A NE  1 
ATOM   704  C CZ  . ARG A 1 139 ? 5.163   8.950   -9.742  1.00 13.26 ? 139  ARG A CZ  1 
ATOM   705  N NH1 . ARG A 1 139 ? 5.170   9.841   -8.753  1.00 11.98 ? 139  ARG A NH1 1 
ATOM   706  N NH2 . ARG A 1 139 ? 5.924   9.142   -10.812 1.00 11.21 ? 139  ARG A NH2 1 
ATOM   707  N N   . ILE A 1 140 ? -0.791  4.780   -6.311  1.00 12.52 ? 140  ILE A N   1 
ATOM   708  C CA  . ILE A 1 140 ? -1.724  4.617   -5.204  1.00 10.96 ? 140  ILE A CA  1 
ATOM   709  C C   . ILE A 1 140 ? -2.024  3.131   -5.002  1.00 12.29 ? 140  ILE A C   1 
ATOM   710  O O   . ILE A 1 140 ? -2.131  2.657   -3.866  1.00 11.82 ? 140  ILE A O   1 
ATOM   711  C CB  . ILE A 1 140 ? -3.040  5.396   -5.485  1.00 9.91  ? 140  ILE A CB  1 
ATOM   712  C CG1 . ILE A 1 140 ? -2.801  6.895   -5.283  1.00 8.99  ? 140  ILE A CG1 1 
ATOM   713  C CG2 . ILE A 1 140 ? -4.168  4.880   -4.603  1.00 8.78  ? 140  ILE A CG2 1 
ATOM   714  C CD1 . ILE A 1 140 ? -4.031  7.779   -5.567  1.00 6.33  ? 140  ILE A CD1 1 
ATOM   715  N N   . VAL A 1 141 ? -2.158  2.396   -6.104  1.00 11.59 ? 141  VAL A N   1 
ATOM   716  C CA  . VAL A 1 141 ? -2.416  0.968   -6.005  1.00 11.40 ? 141  VAL A CA  1 
ATOM   717  C C   . VAL A 1 141 ? -1.149  0.333   -5.439  1.00 12.42 ? 141  VAL A C   1 
ATOM   718  O O   . VAL A 1 141 ? -1.211  -0.575  -4.601  1.00 12.64 ? 141  VAL A O   1 
ATOM   719  C CB  . VAL A 1 141 ? -2.745  0.341   -7.387  1.00 10.82 ? 141  VAL A CB  1 
ATOM   720  C CG1 . VAL A 1 141 ? -2.604  -1.184  -7.327  1.00 11.00 ? 141  VAL A CG1 1 
ATOM   721  C CG2 . VAL A 1 141 ? -4.169  0.693   -7.789  1.00 9.49  ? 141  VAL A CG2 1 
ATOM   722  N N   . ALA A 1 142 ? 0.002   0.822   -5.897  1.00 11.81 ? 142  ALA A N   1 
ATOM   723  C CA  . ALA A 1 142 ? 1.282   0.297   -5.433  1.00 11.85 ? 142  ALA A CA  1 
ATOM   724  C C   . ALA A 1 142 ? 1.384   0.543   -3.942  1.00 12.41 ? 142  ALA A C   1 
ATOM   725  O O   . ALA A 1 142 ? 1.850   -0.315  -3.199  1.00 14.27 ? 142  ALA A O   1 
ATOM   726  C CB  . ALA A 1 142 ? 2.440   0.980   -6.167  1.00 9.06  ? 142  ALA A CB  1 
ATOM   727  N N   . PHE A 1 143 ? 0.939   1.724   -3.517  1.00 13.84 ? 143  PHE A N   1 
ATOM   728  C CA  . PHE A 1 143 ? 0.956   2.137   -2.110  1.00 13.52 ? 143  PHE A CA  1 
ATOM   729  C C   . PHE A 1 143 ? 0.190   1.132   -1.261  1.00 14.81 ? 143  PHE A C   1 
ATOM   730  O O   . PHE A 1 143 ? 0.674   0.684   -0.223  1.00 15.09 ? 143  PHE A O   1 
ATOM   731  C CB  . PHE A 1 143 ? 0.320   3.534   -1.979  1.00 14.16 ? 143  PHE A CB  1 
ATOM   732  C CG  . PHE A 1 143 ? -0.016  3.944   -0.557  1.00 12.45 ? 143  PHE A CG  1 
ATOM   733  C CD1 . PHE A 1 143 ? 0.965   4.447   0.294   1.00 12.14 ? 143  PHE A CD1 1 
ATOM   734  C CD2 . PHE A 1 143 ? -1.324  3.839   -0.082  1.00 9.37  ? 143  PHE A CD2 1 
ATOM   735  C CE1 . PHE A 1 143 ? 0.651   4.841   1.598   1.00 12.31 ? 143  PHE A CE1 1 
ATOM   736  C CE2 . PHE A 1 143 ? -1.650  4.228   1.218   1.00 9.52  ? 143  PHE A CE2 1 
ATOM   737  C CZ  . PHE A 1 143 ? -0.663  4.730   2.063   1.00 11.02 ? 143  PHE A CZ  1 
ATOM   738  N N   . PHE A 1 144 ? -1.009  0.776   -1.714  1.00 15.47 ? 144  PHE A N   1 
ATOM   739  C CA  . PHE A 1 144 ? -1.840  -0.175  -0.991  1.00 15.83 ? 144  PHE A CA  1 
ATOM   740  C C   . PHE A 1 144 ? -1.232  -1.565  -0.911  1.00 16.13 ? 144  PHE A C   1 
ATOM   741  O O   . PHE A 1 144 ? -1.147  -2.135  0.178   1.00 16.11 ? 144  PHE A O   1 
ATOM   742  C CB  . PHE A 1 144 ? -3.222  -0.242  -1.635  1.00 16.42 ? 144  PHE A CB  1 
ATOM   743  C CG  . PHE A 1 144 ? -4.166  0.789   -1.116  1.00 16.60 ? 144  PHE A CG  1 
ATOM   744  C CD1 . PHE A 1 144 ? -4.871  0.565   0.065   1.00 16.74 ? 144  PHE A CD1 1 
ATOM   745  C CD2 . PHE A 1 144 ? -4.318  2.004   -1.774  1.00 15.80 ? 144  PHE A CD2 1 
ATOM   746  C CE1 . PHE A 1 144 ? -5.721  1.544   0.593   1.00 17.27 ? 144  PHE A CE1 1 
ATOM   747  C CE2 . PHE A 1 144 ? -5.160  2.992   -1.261  1.00 17.17 ? 144  PHE A CE2 1 
ATOM   748  C CZ  . PHE A 1 144 ? -5.864  2.762   -0.073  1.00 17.98 ? 144  PHE A CZ  1 
ATOM   749  N N   . SER A 1 145 ? -0.815  -2.110  -2.056  1.00 15.32 ? 145  SER A N   1 
ATOM   750  C CA  . SER A 1 145 ? -0.217  -3.446  -2.089  1.00 15.67 ? 145  SER A CA  1 
ATOM   751  C C   . SER A 1 145 ? 1.001   -3.510  -1.179  1.00 16.11 ? 145  SER A C   1 
ATOM   752  O O   . SER A 1 145 ? 1.185   -4.483  -0.451  1.00 18.07 ? 145  SER A O   1 
ATOM   753  C CB  . SER A 1 145 ? 0.198   -3.825  -3.514  1.00 14.31 ? 145  SER A CB  1 
ATOM   754  O OG  . SER A 1 145 ? -0.923  -3.933  -4.364  1.00 15.94 ? 145  SER A OG  1 
ATOM   755  N N   . PHE A 1 146 ? 1.832   -2.474  -1.227  1.00 14.98 ? 146  PHE A N   1 
ATOM   756  C CA  . PHE A 1 146 ? 3.022   -2.431  -0.395  1.00 15.62 ? 146  PHE A CA  1 
ATOM   757  C C   . PHE A 1 146 ? 2.648   -2.574  1.083   1.00 15.74 ? 146  PHE A C   1 
ATOM   758  O O   . PHE A 1 146 ? 3.185   -3.418  1.799   1.00 15.98 ? 146  PHE A O   1 
ATOM   759  C CB  . PHE A 1 146 ? 3.769   -1.118  -0.619  1.00 15.75 ? 146  PHE A CB  1 
ATOM   760  C CG  . PHE A 1 146 ? 4.883   -0.875  0.364   1.00 17.69 ? 146  PHE A CG  1 
ATOM   761  C CD1 . PHE A 1 146 ? 5.919   -1.796  0.510   1.00 18.89 ? 146  PHE A CD1 1 
ATOM   762  C CD2 . PHE A 1 146 ? 4.911   0.283   1.128   1.00 16.71 ? 146  PHE A CD2 1 
ATOM   763  C CE1 . PHE A 1 146 ? 6.970   -1.558  1.399   1.00 18.72 ? 146  PHE A CE1 1 
ATOM   764  C CE2 . PHE A 1 146 ? 5.954   0.532   2.018   1.00 18.56 ? 146  PHE A CE2 1 
ATOM   765  C CZ  . PHE A 1 146 ? 6.987   -0.391  2.153   1.00 18.98 ? 146  PHE A CZ  1 
ATOM   766  N N   . GLY A 1 147 ? 1.724   -1.740  1.540   1.00 16.09 ? 147  GLY A N   1 
ATOM   767  C CA  . GLY A 1 147 ? 1.309   -1.819  2.925   1.00 15.54 ? 147  GLY A CA  1 
ATOM   768  C C   . GLY A 1 147 ? 0.732   -3.183  3.242   1.00 16.15 ? 147  GLY A C   1 
ATOM   769  O O   . GLY A 1 147 ? 0.941   -3.707  4.347   1.00 16.28 ? 147  GLY A O   1 
ATOM   770  N N   . GLY A 1 148 ? 0.002   -3.755  2.281   1.00 14.32 ? 148  GLY A N   1 
ATOM   771  C CA  . GLY A 1 148 ? -0.602  -5.067  2.474   1.00 16.10 ? 148  GLY A CA  1 
ATOM   772  C C   . GLY A 1 148 ? 0.437   -6.164  2.650   1.00 17.57 ? 148  GLY A C   1 
ATOM   773  O O   . GLY A 1 148 ? 0.370   -6.965  3.585   1.00 16.67 ? 148  GLY A O   1 
ATOM   774  N N   . ALA A 1 149 ? 1.412   -6.186  1.742   1.00 18.60 ? 149  ALA A N   1 
ATOM   775  C CA  . ALA A 1 149 ? 2.490   -7.170  1.776   1.00 18.24 ? 149  ALA A CA  1 
ATOM   776  C C   . ALA A 1 149 ? 3.237   -7.012  3.077   1.00 18.38 ? 149  ALA A C   1 
ATOM   777  O O   . ALA A 1 149 ? 3.661   -7.982  3.695   1.00 17.78 ? 149  ALA A O   1 
ATOM   778  C CB  . ALA A 1 149 ? 3.454   -6.945  0.608   1.00 15.58 ? 149  ALA A CB  1 
ATOM   779  N N   . LEU A 1 150 ? 3.400   -5.766  3.485   1.00 18.85 ? 150  LEU A N   1 
ATOM   780  C CA  . LEU A 1 150 ? 4.115   -5.471  4.707   1.00 22.13 ? 150  LEU A CA  1 
ATOM   781  C C   . LEU A 1 150 ? 3.462   -6.132  5.934   1.00 23.58 ? 150  LEU A C   1 
ATOM   782  O O   . LEU A 1 150 ? 4.158   -6.726  6.765   1.00 22.67 ? 150  LEU A O   1 
ATOM   783  C CB  . LEU A 1 150 ? 4.195   -3.953  4.874   1.00 21.13 ? 150  LEU A CB  1 
ATOM   784  C CG  . LEU A 1 150 ? 5.423   -3.407  5.590   1.00 20.86 ? 150  LEU A CG  1 
ATOM   785  C CD1 . LEU A 1 150 ? 6.671   -3.940  4.906   1.00 18.57 ? 150  LEU A CD1 1 
ATOM   786  C CD2 . LEU A 1 150 ? 5.391   -1.876  5.575   1.00 19.71 ? 150  LEU A CD2 1 
ATOM   787  N N   . CYS A 1 151 ? 2.132   -6.036  6.031   1.00 24.80 ? 151  CYS A N   1 
ATOM   788  C CA  . CYS A 1 151 ? 1.375   -6.611  7.144   1.00 27.06 ? 151  CYS A CA  1 
ATOM   789  C C   . CYS A 1 151 ? 1.422   -8.126  7.146   1.00 28.68 ? 151  CYS A C   1 
ATOM   790  O O   . CYS A 1 151 ? 1.734   -8.752  8.154   1.00 28.57 ? 151  CYS A O   1 
ATOM   791  C CB  . CYS A 1 151 ? -0.091  -6.177  7.072   1.00 27.68 ? 151  CYS A CB  1 
ATOM   792  S SG  . CYS A 1 151 ? -0.375  -4.429  7.387   1.00 26.17 ? 151  CYS A SG  1 
ATOM   793  N N   . VAL A 1 152 ? 1.080   -8.705  6.003   1.00 30.83 ? 152  VAL A N   1 
ATOM   794  C CA  . VAL A 1 152 ? 1.078   -10.144 5.832   1.00 32.09 ? 152  VAL A CA  1 
ATOM   795  C C   . VAL A 1 152 ? 2.401   -10.777 6.260   1.00 33.71 ? 152  VAL A C   1 
ATOM   796  O O   . VAL A 1 152 ? 2.416   -11.833 6.889   1.00 34.89 ? 152  VAL A O   1 
ATOM   797  C CB  . VAL A 1 152 ? 0.792   -10.515 4.359   1.00 30.91 ? 152  VAL A CB  1 
ATOM   798  C CG1 . VAL A 1 152 ? 1.188   -11.955 4.098   1.00 32.37 ? 152  VAL A CG1 1 
ATOM   799  C CG2 . VAL A 1 152 ? -0.679  -10.318 4.052   1.00 28.97 ? 152  VAL A CG2 1 
ATOM   800  N N   . GLU A 1 153 ? 3.511   -10.136 5.919   1.00 34.55 ? 153  GLU A N   1 
ATOM   801  C CA  . GLU A 1 153 ? 4.815   -10.671 6.271   1.00 35.95 ? 153  GLU A CA  1 
ATOM   802  C C   . GLU A 1 153 ? 5.223   -10.393 7.718   1.00 36.83 ? 153  GLU A C   1 
ATOM   803  O O   . GLU A 1 153 ? 6.027   -11.131 8.297   1.00 37.87 ? 153  GLU A O   1 
ATOM   804  C CB  . GLU A 1 153 ? 5.863   -10.144 5.297   1.00 36.19 ? 153  GLU A CB  1 
ATOM   805  C CG  . GLU A 1 153 ? 5.679   -10.721 3.897   1.00 40.57 ? 153  GLU A CG  1 
ATOM   806  C CD  . GLU A 1 153 ? 6.797   -10.343 2.932   1.00 41.90 ? 153  GLU A CD  1 
ATOM   807  O OE1 . GLU A 1 153 ? 7.984   -10.424 3.335   1.00 43.41 ? 153  GLU A OE1 1 
ATOM   808  O OE2 . GLU A 1 153 ? 6.484   -9.984  1.771   1.00 39.81 ? 153  GLU A OE2 1 
ATOM   809  N N   . SER A 1 154 ? 4.676   -9.333  8.303   1.00 36.29 ? 154  SER A N   1 
ATOM   810  C CA  . SER A 1 154 ? 4.979   -9.008  9.689   1.00 35.51 ? 154  SER A CA  1 
ATOM   811  C C   . SER A 1 154 ? 4.371   -10.105 10.543  1.00 36.88 ? 154  SER A C   1 
ATOM   812  O O   . SER A 1 154 ? 4.961   -10.552 11.526  1.00 36.47 ? 154  SER A O   1 
ATOM   813  C CB  . SER A 1 154 ? 4.369   -7.665  10.062  1.00 33.85 ? 154  SER A CB  1 
ATOM   814  O OG  . SER A 1 154 ? 4.959   -6.645  9.289   1.00 32.19 ? 154  SER A OG  1 
ATOM   815  N N   . VAL A 1 155 ? 3.178   -10.534 10.150  1.00 38.15 ? 155  VAL A N   1 
ATOM   816  C CA  . VAL A 1 155 ? 2.476   -11.591 10.853  1.00 40.30 ? 155  VAL A CA  1 
ATOM   817  C C   . VAL A 1 155 ? 3.222   -12.908 10.653  1.00 43.30 ? 155  VAL A C   1 
ATOM   818  O O   . VAL A 1 155 ? 3.330   -13.717 11.581  1.00 44.22 ? 155  VAL A O   1 
ATOM   819  C CB  . VAL A 1 155 ? 1.034   -11.743 10.325  1.00 39.69 ? 155  VAL A CB  1 
ATOM   820  C CG1 . VAL A 1 155 ? 0.356   -12.936 10.987  1.00 38.88 ? 155  VAL A CG1 1 
ATOM   821  C CG2 . VAL A 1 155 ? 0.250   -10.470 10.590  1.00 38.64 ? 155  VAL A CG2 1 
ATOM   822  N N   . ASP A 1 156 ? 3.743   -13.116 9.443   1.00 44.95 ? 156  ASP A N   1 
ATOM   823  C CA  . ASP A 1 156 ? 4.471   -14.342 9.135   1.00 45.82 ? 156  ASP A CA  1 
ATOM   824  C C   . ASP A 1 156 ? 5.727   -14.468 9.976   1.00 46.22 ? 156  ASP A C   1 
ATOM   825  O O   . ASP A 1 156 ? 6.163   -15.576 10.281  1.00 47.18 ? 156  ASP A O   1 
ATOM   826  C CB  . ASP A 1 156 ? 4.875   -14.399 7.658   1.00 46.15 ? 156  ASP A CB  1 
ATOM   827  C CG  . ASP A 1 156 ? 3.685   -14.362 6.722   1.00 48.58 ? 156  ASP A CG  1 
ATOM   828  O OD1 . ASP A 1 156 ? 2.639   -14.959 7.058   1.00 47.69 ? 156  ASP A OD1 1 
ATOM   829  O OD2 . ASP A 1 156 ? 3.802   -13.746 5.637   1.00 50.03 ? 156  ASP A OD2 1 
ATOM   830  N N   . LYS A 1 157 ? 6.310   -13.337 10.359  1.00 45.78 ? 157  LYS A N   1 
ATOM   831  C CA  . LYS A 1 157 ? 7.535   -13.374 11.141  1.00 45.37 ? 157  LYS A CA  1 
ATOM   832  C C   . LYS A 1 157 ? 7.386   -12.922 12.583  1.00 45.51 ? 157  LYS A C   1 
ATOM   833  O O   . LYS A 1 157 ? 8.260   -12.252 13.133  1.00 46.03 ? 157  LYS A O   1 
ATOM   834  C CB  . LYS A 1 157 ? 8.614   -12.561 10.434  1.00 45.05 ? 157  LYS A CB  1 
ATOM   835  C CG  . LYS A 1 157 ? 8.894   -13.071 9.037   1.00 45.13 ? 157  LYS A CG  1 
ATOM   836  C CD  . LYS A 1 157 ? 10.019  -12.314 8.384   1.00 46.25 ? 157  LYS A CD  1 
ATOM   837  C CE  . LYS A 1 157 ? 10.258  -12.807 6.970   1.00 46.16 ? 157  LYS A CE  1 
ATOM   838  N NZ  . LYS A 1 157 ? 11.384  -12.064 6.336   1.00 47.15 ? 157  LYS A NZ  1 
ATOM   839  N N   . GLU A 1 158 ? 6.268   -13.293 13.192  1.00 45.02 ? 158  GLU A N   1 
ATOM   840  C CA  . GLU A 1 158 ? 6.013   -12.964 14.584  1.00 45.34 ? 158  GLU A CA  1 
ATOM   841  C C   . GLU A 1 158 ? 6.147   -11.489 14.959  1.00 44.58 ? 158  GLU A C   1 
ATOM   842  O O   . GLU A 1 158 ? 6.648   -11.166 16.038  1.00 45.26 ? 158  GLU A O   1 
ATOM   843  C CB  . GLU A 1 158 ? 6.926   -13.805 15.481  1.00 47.19 ? 158  GLU A CB  1 
ATOM   844  C CG  . GLU A 1 158 ? 6.774   -15.306 15.268  1.00 50.57 ? 158  GLU A CG  1 
ATOM   845  C CD  . GLU A 1 158 ? 5.313   -15.734 15.206  1.00 53.49 ? 158  GLU A CD  1 
ATOM   846  O OE1 . GLU A 1 158 ? 4.567   -15.467 16.176  1.00 54.79 ? 158  GLU A OE1 1 
ATOM   847  O OE2 . GLU A 1 158 ? 4.909   -16.333 14.183  1.00 55.09 ? 158  GLU A OE2 1 
ATOM   848  N N   . MET A 1 159 ? 5.705   -10.599 14.076  1.00 42.24 ? 159  MET A N   1 
ATOM   849  C CA  . MET A 1 159 ? 5.750   -9.171  14.363  1.00 40.28 ? 159  MET A CA  1 
ATOM   850  C C   . MET A 1 159 ? 4.352   -8.620  14.153  1.00 38.51 ? 159  MET A C   1 
ATOM   851  O O   . MET A 1 159 ? 4.185   -7.510  13.657  1.00 40.04 ? 159  MET A O   1 
ATOM   852  C CB  . MET A 1 159 ? 6.712   -8.439  13.426  1.00 41.25 ? 159  MET A CB  1 
ATOM   853  C CG  . MET A 1 159 ? 8.143   -8.913  13.466  1.00 42.96 ? 159  MET A CG  1 
ATOM   854  S SD  . MET A 1 159 ? 9.183   -7.911  12.376  1.00 46.67 ? 159  MET A SD  1 
ATOM   855  C CE  . MET A 1 159 ? 10.776  -8.064  13.236  1.00 45.95 ? 159  MET A CE  1 
ATOM   856  N N   . GLN A 1 160 ? 3.347   -9.402  14.525  1.00 35.88 ? 160  GLN A N   1 
ATOM   857  C CA  . GLN A 1 160 ? 1.959   -8.989  14.362  1.00 34.83 ? 160  GLN A CA  1 
ATOM   858  C C   . GLN A 1 160 ? 1.655   -7.597  14.914  1.00 32.85 ? 160  GLN A C   1 
ATOM   859  O O   . GLN A 1 160 ? 0.685   -6.964  14.508  1.00 32.53 ? 160  GLN A O   1 
ATOM   860  C CB  . GLN A 1 160 ? 1.025   -10.022 14.999  1.00 37.55 ? 160  GLN A CB  1 
ATOM   861  C CG  . GLN A 1 160 ? 1.624   -10.750 16.194  1.00 43.03 ? 160  GLN A CG  1 
ATOM   862  C CD  . GLN A 1 160 ? 2.657   -11.799 15.792  1.00 46.71 ? 160  GLN A CD  1 
ATOM   863  O OE1 . GLN A 1 160 ? 3.402   -12.309 16.632  1.00 49.40 ? 160  GLN A OE1 1 
ATOM   864  N NE2 . GLN A 1 160 ? 2.695   -12.133 14.506  1.00 49.41 ? 160  GLN A NE2 1 
ATOM   865  N N   . VAL A 1 161 ? 2.491   -7.112  15.823  1.00 31.23 ? 161  VAL A N   1 
ATOM   866  C CA  . VAL A 1 161 ? 2.285   -5.791  16.408  1.00 30.43 ? 161  VAL A CA  1 
ATOM   867  C C   . VAL A 1 161 ? 2.238   -4.700  15.336  1.00 29.51 ? 161  VAL A C   1 
ATOM   868  O O   . VAL A 1 161 ? 1.531   -3.701  15.486  1.00 29.22 ? 161  VAL A O   1 
ATOM   869  C CB  . VAL A 1 161 ? 3.414   -5.441  17.419  1.00 30.70 ? 161  VAL A CB  1 
ATOM   870  C CG1 . VAL A 1 161 ? 4.768   -5.445  16.714  1.00 30.41 ? 161  VAL A CG1 1 
ATOM   871  C CG2 . VAL A 1 161 ? 3.153   -4.081  18.045  1.00 28.63 ? 161  VAL A CG2 1 
ATOM   872  N N   . LEU A 1 162 ? 2.986   -4.905  14.255  1.00 27.31 ? 162  LEU A N   1 
ATOM   873  C CA  . LEU A 1 162 ? 3.058   -3.937  13.164  1.00 25.14 ? 162  LEU A CA  1 
ATOM   874  C C   . LEU A 1 162 ? 1.770   -3.753  12.357  1.00 24.73 ? 162  LEU A C   1 
ATOM   875  O O   . LEU A 1 162 ? 1.520   -2.675  11.814  1.00 26.00 ? 162  LEU A O   1 
ATOM   876  C CB  . LEU A 1 162 ? 4.199   -4.312  12.215  1.00 22.18 ? 162  LEU A CB  1 
ATOM   877  C CG  . LEU A 1 162 ? 5.611   -4.280  12.808  1.00 22.90 ? 162  LEU A CG  1 
ATOM   878  C CD1 . LEU A 1 162 ? 6.607   -4.761  11.780  1.00 21.63 ? 162  LEU A CD1 1 
ATOM   879  C CD2 . LEU A 1 162 ? 5.960   -2.875  13.261  1.00 24.19 ? 162  LEU A CD2 1 
ATOM   880  N N   . VAL A 1 163 ? 0.947   -4.791  12.277  1.00 23.18 ? 163  VAL A N   1 
ATOM   881  C CA  . VAL A 1 163 ? -0.278  -4.699  11.499  1.00 20.94 ? 163  VAL A CA  1 
ATOM   882  C C   . VAL A 1 163 ? -1.085  -3.421  11.688  1.00 21.98 ? 163  VAL A C   1 
ATOM   883  O O   . VAL A 1 163 ? -1.285  -2.663  10.736  1.00 22.94 ? 163  VAL A O   1 
ATOM   884  C CB  . VAL A 1 163 ? -1.220  -5.864  11.782  1.00 20.29 ? 163  VAL A CB  1 
ATOM   885  C CG1 . VAL A 1 163 ? -2.455  -5.729  10.895  1.00 18.49 ? 163  VAL A CG1 1 
ATOM   886  C CG2 . VAL A 1 163 ? -0.509  -7.187  11.536  1.00 18.51 ? 163  VAL A CG2 1 
ATOM   887  N N   . SER A 1 164 ? -1.560  -3.182  12.907  1.00 21.33 ? 164  SER A N   1 
ATOM   888  C CA  . SER A 1 164 ? -2.376  -2.002  13.176  1.00 21.66 ? 164  SER A CA  1 
ATOM   889  C C   . SER A 1 164 ? -1.574  -0.726  13.044  1.00 20.41 ? 164  SER A C   1 
ATOM   890  O O   . SER A 1 164 ? -2.121  0.318   12.704  1.00 20.96 ? 164  SER A O   1 
ATOM   891  C CB  . SER A 1 164 ? -3.002  -2.068  14.575  1.00 21.17 ? 164  SER A CB  1 
ATOM   892  O OG  . SER A 1 164 ? -2.000  -2.072  15.574  1.00 24.69 ? 164  SER A OG  1 
ATOM   893  N N   . ARG A 1 165 ? -0.279  -0.805  13.312  1.00 19.43 ? 165  ARG A N   1 
ATOM   894  C CA  . ARG A 1 165 ? 0.567   0.370   13.194  1.00 20.86 ? 165  ARG A CA  1 
ATOM   895  C C   . ARG A 1 165 ? 0.658   0.790   11.737  1.00 21.52 ? 165  ARG A C   1 
ATOM   896  O O   . ARG A 1 165 ? 0.573   1.972   11.408  1.00 23.62 ? 165  ARG A O   1 
ATOM   897  C CB  . ARG A 1 165 ? 1.951   0.067   13.738  1.00 22.06 ? 165  ARG A CB  1 
ATOM   898  C CG  . ARG A 1 165 ? 1.960   -0.050  15.235  1.00 23.45 ? 165  ARG A CG  1 
ATOM   899  C CD  . ARG A 1 165 ? 3.336   -0.358  15.724  1.00 25.03 ? 165  ARG A CD  1 
ATOM   900  N NE  . ARG A 1 165 ? 3.377   -0.425  17.177  1.00 25.56 ? 165  ARG A NE  1 
ATOM   901  C CZ  . ARG A 1 165 ? 4.441   -0.820  17.865  1.00 25.51 ? 165  ARG A CZ  1 
ATOM   902  N NH1 . ARG A 1 165 ? 5.547   -1.183  17.222  1.00 22.09 ? 165  ARG A NH1 1 
ATOM   903  N NH2 . ARG A 1 165 ? 4.394   -0.856  19.192  1.00 24.18 ? 165  ARG A NH2 1 
ATOM   904  N N   . ILE A 1 166 ? 0.822   -0.199  10.870  1.00 20.80 ? 166  ILE A N   1 
ATOM   905  C CA  . ILE A 1 166 ? 0.917   0.028   9.442   1.00 17.68 ? 166  ILE A CA  1 
ATOM   906  C C   . ILE A 1 166 ? -0.369  0.656   8.943   1.00 17.73 ? 166  ILE A C   1 
ATOM   907  O O   . ILE A 1 166 ? -0.337  1.615   8.171   1.00 18.49 ? 166  ILE A O   1 
ATOM   908  C CB  . ILE A 1 166 ? 1.173   -1.299  8.713   1.00 16.75 ? 166  ILE A CB  1 
ATOM   909  C CG1 . ILE A 1 166 ? 2.603   -1.761  9.005   1.00 13.32 ? 166  ILE A CG1 1 
ATOM   910  C CG2 . ILE A 1 166 ? 0.909   -1.144  7.230   1.00 14.32 ? 166  ILE A CG2 1 
ATOM   911  C CD1 . ILE A 1 166 ? 2.889   -3.168  8.577   1.00 15.02 ? 166  ILE A CD1 1 
ATOM   912  N N   . ALA A 1 167 ? -1.504  0.120   9.386   1.00 16.16 ? 167  ALA A N   1 
ATOM   913  C CA  . ALA A 1 167 ? -2.788  0.665   8.966   1.00 17.29 ? 167  ALA A CA  1 
ATOM   914  C C   . ALA A 1 167 ? -2.827  2.154   9.310   1.00 17.21 ? 167  ALA A C   1 
ATOM   915  O O   . ALA A 1 167 ? -3.205  2.982   8.487   1.00 18.60 ? 167  ALA A O   1 
ATOM   916  C CB  . ALA A 1 167 ? -3.934  -0.074  9.652   1.00 14.38 ? 167  ALA A CB  1 
ATOM   917  N N   . SER A 1 168 ? -2.409  2.490   10.522  1.00 17.64 ? 168  SER A N   1 
ATOM   918  C CA  . SER A 1 168 ? -2.400  3.876   10.956  1.00 18.41 ? 168  SER A CA  1 
ATOM   919  C C   . SER A 1 168 ? -1.526  4.721   10.033  1.00 19.02 ? 168  SER A C   1 
ATOM   920  O O   . SER A 1 168 ? -1.944  5.787   9.582   1.00 19.17 ? 168  SER A O   1 
ATOM   921  C CB  . SER A 1 168 ? -1.891  3.974   12.399  1.00 20.31 ? 168  SER A CB  1 
ATOM   922  O OG  . SER A 1 168 ? -1.998  5.303   12.894  1.00 19.68 ? 168  SER A OG  1 
ATOM   923  N N   . TRP A 1 169 ? -0.322  4.241   9.733   1.00 18.87 ? 169  TRP A N   1 
ATOM   924  C CA  . TRP A 1 169 ? 0.577   4.997   8.866   1.00 18.50 ? 169  TRP A CA  1 
ATOM   925  C C   . TRP A 1 169 ? -0.022  5.209   7.484   1.00 19.38 ? 169  TRP A C   1 
ATOM   926  O O   . TRP A 1 169 ? 0.138   6.281   6.889   1.00 17.89 ? 169  TRP A O   1 
ATOM   927  C CB  . TRP A 1 169 ? 1.934   4.297   8.733   1.00 17.79 ? 169  TRP A CB  1 
ATOM   928  C CG  . TRP A 1 169 ? 2.638   4.075   10.039  1.00 19.64 ? 169  TRP A CG  1 
ATOM   929  C CD1 . TRP A 1 169 ? 2.509   4.819   11.177  1.00 19.26 ? 169  TRP A CD1 1 
ATOM   930  C CD2 . TRP A 1 169 ? 3.579   3.035   10.346  1.00 20.14 ? 169  TRP A CD2 1 
ATOM   931  N NE1 . TRP A 1 169 ? 3.302   4.303   12.173  1.00 20.44 ? 169  TRP A NE1 1 
ATOM   932  C CE2 . TRP A 1 169 ? 3.970   3.209   11.693  1.00 19.49 ? 169  TRP A CE2 1 
ATOM   933  C CE3 . TRP A 1 169 ? 4.128   1.974   9.616   1.00 21.24 ? 169  TRP A CE3 1 
ATOM   934  C CZ2 . TRP A 1 169 ? 4.885   2.359   12.327  1.00 18.80 ? 169  TRP A CZ2 1 
ATOM   935  C CZ3 . TRP A 1 169 ? 5.043   1.125   10.251  1.00 21.19 ? 169  TRP A CZ3 1 
ATOM   936  C CH2 . TRP A 1 169 ? 5.408   1.327   11.594  1.00 18.63 ? 169  TRP A CH2 1 
ATOM   937  N N   . MET A 1 170 ? -0.713  4.184   6.979   1.00 19.44 ? 170  MET A N   1 
ATOM   938  C CA  . MET A 1 170 ? -1.333  4.254   5.657   1.00 18.65 ? 170  MET A CA  1 
ATOM   939  C C   . MET A 1 170 ? -2.464  5.274   5.646   1.00 19.19 ? 170  MET A C   1 
ATOM   940  O O   . MET A 1 170 ? -2.517  6.141   4.777   1.00 19.20 ? 170  MET A O   1 
ATOM   941  C CB  . MET A 1 170 ? -1.869  2.882   5.241   1.00 17.74 ? 170  MET A CB  1 
ATOM   942  C CG  . MET A 1 170 ? -0.792  1.814   4.978   1.00 18.37 ? 170  MET A CG  1 
ATOM   943  S SD  . MET A 1 170 ? -1.479  0.188   4.433   1.00 20.12 ? 170  MET A SD  1 
ATOM   944  C CE  . MET A 1 170 ? -2.238  0.616   2.882   1.00 14.32 ? 170  MET A CE  1 
ATOM   945  N N   . ALA A 1 171 ? -3.361  5.173   6.620   1.00 19.19 ? 171  ALA A N   1 
ATOM   946  C CA  . ALA A 1 171 ? -4.491  6.090   6.712   1.00 20.02 ? 171  ALA A CA  1 
ATOM   947  C C   . ALA A 1 171 ? -3.992  7.526   6.844   1.00 19.89 ? 171  ALA A C   1 
ATOM   948  O O   . ALA A 1 171 ? -4.473  8.435   6.162   1.00 21.30 ? 171  ALA A O   1 
ATOM   949  C CB  . ALA A 1 171 ? -5.377  5.723   7.907   1.00 18.57 ? 171  ALA A CB  1 
ATOM   950  N N   . THR A 1 172 ? -3.022  7.724   7.728   1.00 19.12 ? 172  THR A N   1 
ATOM   951  C CA  . THR A 1 172 ? -2.451  9.040   7.945   1.00 16.41 ? 172  THR A CA  1 
ATOM   952  C C   . THR A 1 172 ? -1.877  9.552   6.632   1.00 18.15 ? 172  THR A C   1 
ATOM   953  O O   . THR A 1 172 ? -2.127  10.689  6.229   1.00 17.31 ? 172  THR A O   1 
ATOM   954  C CB  . THR A 1 172 ? -1.329  8.986   8.995   1.00 14.89 ? 172  THR A CB  1 
ATOM   955  O OG1 . THR A 1 172 ? -1.892  8.687   10.278  1.00 13.59 ? 172  THR A OG1 1 
ATOM   956  C CG2 . THR A 1 172 ? -0.575  10.309  9.044   1.00 12.17 ? 172  THR A CG2 1 
ATOM   957  N N   . TYR A 1 173 ? -1.108  8.710   5.952   1.00 17.52 ? 173  TYR A N   1 
ATOM   958  C CA  . TYR A 1 173 ? -0.519  9.142   4.696   1.00 16.94 ? 173  TYR A CA  1 
ATOM   959  C C   . TYR A 1 173 ? -1.582  9.363   3.650   1.00 17.74 ? 173  TYR A C   1 
ATOM   960  O O   . TYR A 1 173 ? -1.509  10.302  2.862   1.00 19.72 ? 173  TYR A O   1 
ATOM   961  C CB  . TYR A 1 173 ? 0.486   8.121   4.167   1.00 17.85 ? 173  TYR A CB  1 
ATOM   962  C CG  . TYR A 1 173 ? 1.263   8.673   3.000   1.00 18.33 ? 173  TYR A CG  1 
ATOM   963  C CD1 . TYR A 1 173 ? 0.774   8.582   1.697   1.00 16.11 ? 173  TYR A CD1 1 
ATOM   964  C CD2 . TYR A 1 173 ? 2.448   9.376   3.209   1.00 18.73 ? 173  TYR A CD2 1 
ATOM   965  C CE1 . TYR A 1 173 ? 1.448   9.182   0.642   1.00 15.90 ? 173  TYR A CE1 1 
ATOM   966  C CE2 . TYR A 1 173 ? 3.118   9.979   2.163   1.00 18.84 ? 173  TYR A CE2 1 
ATOM   967  C CZ  . TYR A 1 173 ? 2.616   9.880   0.886   1.00 16.73 ? 173  TYR A CZ  1 
ATOM   968  O OH  . TYR A 1 173 ? 3.296   10.487  -0.136  1.00 20.04 ? 173  TYR A OH  1 
ATOM   969  N N   . LEU A 1 174 ? -2.575  8.487   3.636   1.00 18.42 ? 174  LEU A N   1 
ATOM   970  C CA  . LEU A 1 174 ? -3.649  8.607   2.674   1.00 19.01 ? 174  LEU A CA  1 
ATOM   971  C C   . LEU A 1 174 ? -4.344  9.946   2.883   1.00 19.46 ? 174  LEU A C   1 
ATOM   972  O O   . LEU A 1 174 ? -4.433  10.753  1.962   1.00 19.92 ? 174  LEU A O   1 
ATOM   973  C CB  . LEU A 1 174 ? -4.632  7.453   2.848   1.00 19.48 ? 174  LEU A CB  1 
ATOM   974  C CG  . LEU A 1 174 ? -5.679  7.278   1.752   1.00 20.92 ? 174  LEU A CG  1 
ATOM   975  C CD1 . LEU A 1 174 ? -4.980  7.158   0.421   1.00 19.94 ? 174  LEU A CD1 1 
ATOM   976  C CD2 . LEU A 1 174 ? -6.528  6.042   2.034   1.00 21.59 ? 174  LEU A CD2 1 
ATOM   977  N N   . ASN A 1 175 ? -4.801  10.200  4.107   1.00 20.94 ? 175  ASN A N   1 
ATOM   978  C CA  . ASN A 1 175 ? -5.491  11.454  4.414   1.00 22.95 ? 175  ASN A CA  1 
ATOM   979  C C   . ASN A 1 175 ? -4.646  12.734  4.269   1.00 23.27 ? 175  ASN A C   1 
ATOM   980  O O   . ASN A 1 175 ? -5.128  13.729  3.740   1.00 23.71 ? 175  ASN A O   1 
ATOM   981  C CB  . ASN A 1 175 ? -6.108  11.403  5.826   1.00 22.60 ? 175  ASN A CB  1 
ATOM   982  C CG  . ASN A 1 175 ? -7.280  10.418  5.926   1.00 25.97 ? 175  ASN A CG  1 
ATOM   983  O OD1 . ASN A 1 175 ? -8.137  10.359  5.036   1.00 24.85 ? 175  ASN A OD1 1 
ATOM   984  N ND2 . ASN A 1 175 ? -7.326  9.650   7.020   1.00 25.17 ? 175  ASN A ND2 1 
ATOM   985  N N   . ASP A 1 176 ? -3.395  12.719  4.718   1.00 23.97 ? 176  ASP A N   1 
ATOM   986  C CA  . ASP A 1 176 ? -2.569  13.918  4.617   1.00 26.49 ? 176  ASP A CA  1 
ATOM   987  C C   . ASP A 1 176 ? -1.948  14.206  3.251   1.00 27.64 ? 176  ASP A C   1 
ATOM   988  O O   . ASP A 1 176 ? -1.862  15.366  2.851   1.00 29.55 ? 176  ASP A O   1 
ATOM   989  C CB  . ASP A 1 176 ? -1.421  13.894  5.632   1.00 28.61 ? 176  ASP A CB  1 
ATOM   990  C CG  . ASP A 1 176 ? -1.895  13.739  7.058   1.00 30.66 ? 176  ASP A CG  1 
ATOM   991  O OD1 . ASP A 1 176 ? -3.045  14.141  7.346   1.00 32.76 ? 176  ASP A OD1 1 
ATOM   992  O OD2 . ASP A 1 176 ? -1.106  13.229  7.891   1.00 29.87 ? 176  ASP A OD2 1 
ATOM   993  N N   . HIS A 1 177 ? -1.509  13.180  2.531   1.00 26.41 ? 177  HIS A N   1 
ATOM   994  C CA  . HIS A 1 177 ? -0.854  13.449  1.255   1.00 26.40 ? 177  HIS A CA  1 
ATOM   995  C C   . HIS A 1 177 ? -1.484  12.954  -0.025  1.00 23.54 ? 177  HIS A C   1 
ATOM   996  O O   . HIS A 1 177 ? -1.105  13.395  -1.102  1.00 25.90 ? 177  HIS A O   1 
ATOM   997  C CB  . HIS A 1 177 ? 0.585   12.946  1.309   1.00 30.97 ? 177  HIS A CB  1 
ATOM   998  C CG  . HIS A 1 177 ? 1.376   13.541  2.426   1.00 35.66 ? 177  HIS A CG  1 
ATOM   999  N ND1 . HIS A 1 177 ? 1.224   13.143  3.738   1.00 37.54 ? 177  HIS A ND1 1 
ATOM   1000 C CD2 . HIS A 1 177 ? 2.292   14.538  2.439   1.00 37.16 ? 177  HIS A CD2 1 
ATOM   1001 C CE1 . HIS A 1 177 ? 2.010   13.871  4.510   1.00 38.32 ? 177  HIS A CE1 1 
ATOM   1002 N NE2 . HIS A 1 177 ? 2.670   14.724  3.747   1.00 39.58 ? 177  HIS A NE2 1 
ATOM   1003 N N   . LEU A 1 178 ? -2.430  12.040  0.066   1.00 20.24 ? 178  LEU A N   1 
ATOM   1004 C CA  . LEU A 1 178 ? -3.045  11.539  -1.139  1.00 18.39 ? 178  LEU A CA  1 
ATOM   1005 C C   . LEU A 1 178 ? -4.434  12.129  -1.371  1.00 18.36 ? 178  LEU A C   1 
ATOM   1006 O O   . LEU A 1 178 ? -4.778  12.505  -2.490  1.00 16.91 ? 178  LEU A O   1 
ATOM   1007 C CB  . LEU A 1 178 ? -3.104  10.010  -1.073  1.00 18.84 ? 178  LEU A CB  1 
ATOM   1008 C CG  . LEU A 1 178 ? -2.040  9.154   -1.783  1.00 19.20 ? 178  LEU A CG  1 
ATOM   1009 C CD1 . LEU A 1 178 ? -0.752  9.919   -2.011  1.00 19.43 ? 178  LEU A CD1 1 
ATOM   1010 C CD2 . LEU A 1 178 ? -1.781  7.916   -0.952  1.00 19.45 ? 178  LEU A CD2 1 
ATOM   1011 N N   . GLU A 1 179 ? -5.218  12.239  -0.305  1.00 18.30 ? 179  GLU A N   1 
ATOM   1012 C CA  . GLU A 1 179 ? -6.584  12.746  -0.403  1.00 18.72 ? 179  GLU A CA  1 
ATOM   1013 C C   . GLU A 1 179 ? -6.753  13.984  -1.298  1.00 16.98 ? 179  GLU A C   1 
ATOM   1014 O O   . GLU A 1 179 ? -7.640  14.028  -2.150  1.00 16.59 ? 179  GLU A O   1 
ATOM   1015 C CB  . GLU A 1 179 ? -7.132  13.012  1.003   1.00 18.89 ? 179  GLU A CB  1 
ATOM   1016 C CG  . GLU A 1 179 ? -8.643  13.212  1.067   1.00 22.18 ? 179  GLU A CG  1 
ATOM   1017 C CD  . GLU A 1 179 ? -9.438  12.181  0.264   1.00 24.34 ? 179  GLU A CD  1 
ATOM   1018 O OE1 . GLU A 1 179 ? -9.049  10.993  0.226   1.00 26.27 ? 179  GLU A OE1 1 
ATOM   1019 O OE2 . GLU A 1 179 ? -10.478 12.558  -0.323  1.00 25.11 ? 179  GLU A OE2 1 
ATOM   1020 N N   . PRO A 1 180 ? -5.909  15.004  -1.123  1.00 15.52 ? 180  PRO A N   1 
ATOM   1021 C CA  . PRO A 1 180 ? -6.090  16.168  -1.990  1.00 15.07 ? 180  PRO A CA  1 
ATOM   1022 C C   . PRO A 1 180 ? -6.091  15.784  -3.474  1.00 15.57 ? 180  PRO A C   1 
ATOM   1023 O O   . PRO A 1 180 ? -7.005  16.133  -4.215  1.00 15.76 ? 180  PRO A O   1 
ATOM   1024 C CB  . PRO A 1 180 ? -4.911  17.058  -1.612  1.00 13.24 ? 180  PRO A CB  1 
ATOM   1025 C CG  . PRO A 1 180 ? -4.745  16.765  -0.156  1.00 13.40 ? 180  PRO A CG  1 
ATOM   1026 C CD  . PRO A 1 180 ? -4.878  15.258  -0.101  1.00 15.53 ? 180  PRO A CD  1 
ATOM   1027 N N   . TRP A 1 181 ? -5.067  15.049  -3.899  1.00 17.19 ? 181  TRP A N   1 
ATOM   1028 C CA  . TRP A 1 181 ? -4.949  14.629  -5.295  1.00 15.60 ? 181  TRP A CA  1 
ATOM   1029 C C   . TRP A 1 181 ? -6.168  13.804  -5.706  1.00 16.60 ? 181  TRP A C   1 
ATOM   1030 O O   . TRP A 1 181 ? -6.723  13.994  -6.792  1.00 15.20 ? 181  TRP A O   1 
ATOM   1031 C CB  . TRP A 1 181 ? -3.681  13.791  -5.490  1.00 14.65 ? 181  TRP A CB  1 
ATOM   1032 C CG  . TRP A 1 181 ? -3.431  13.410  -6.907  1.00 14.99 ? 181  TRP A CG  1 
ATOM   1033 C CD1 . TRP A 1 181 ? -2.693  14.100  -7.819  1.00 15.90 ? 181  TRP A CD1 1 
ATOM   1034 C CD2 . TRP A 1 181 ? -3.956  12.263  -7.597  1.00 14.86 ? 181  TRP A CD2 1 
ATOM   1035 N NE1 . TRP A 1 181 ? -2.726  13.457  -9.046  1.00 17.65 ? 181  TRP A NE1 1 
ATOM   1036 C CE2 . TRP A 1 181 ? -3.493  12.328  -8.934  1.00 14.99 ? 181  TRP A CE2 1 
ATOM   1037 C CE3 . TRP A 1 181 ? -4.770  11.191  -7.217  1.00 12.86 ? 181  TRP A CE3 1 
ATOM   1038 C CZ2 . TRP A 1 181 ? -3.819  11.359  -9.892  1.00 16.14 ? 181  TRP A CZ2 1 
ATOM   1039 C CZ3 . TRP A 1 181 ? -5.096  10.225  -8.173  1.00 15.55 ? 181  TRP A CZ3 1 
ATOM   1040 C CH2 . TRP A 1 181 ? -4.619  10.319  -9.496  1.00 15.58 ? 181  TRP A CH2 1 
ATOM   1041 N N   . ILE A 1 182 ? -6.580  12.888  -4.832  1.00 16.34 ? 182  ILE A N   1 
ATOM   1042 C CA  . ILE A 1 182 ? -7.725  12.029  -5.117  1.00 17.06 ? 182  ILE A CA  1 
ATOM   1043 C C   . ILE A 1 182 ? -8.961  12.861  -5.441  1.00 19.16 ? 182  ILE A C   1 
ATOM   1044 O O   . ILE A 1 182 ? -9.595  12.671  -6.484  1.00 19.87 ? 182  ILE A O   1 
ATOM   1045 C CB  . ILE A 1 182 ? -8.033  11.099  -3.922  1.00 15.53 ? 182  ILE A CB  1 
ATOM   1046 C CG1 . ILE A 1 182 ? -6.878  10.114  -3.731  1.00 14.60 ? 182  ILE A CG1 1 
ATOM   1047 C CG2 . ILE A 1 182 ? -9.339  10.366  -4.144  1.00 11.98 ? 182  ILE A CG2 1 
ATOM   1048 C CD1 . ILE A 1 182 ? -7.093  9.138   -2.606  1.00 14.63 ? 182  ILE A CD1 1 
ATOM   1049 N N   . GLN A 1 183 ? -9.286  13.790  -4.550  1.00 20.23 ? 183  GLN A N   1 
ATOM   1050 C CA  . GLN A 1 183 ? -10.442 14.645  -4.733  1.00 20.85 ? 183  GLN A CA  1 
ATOM   1051 C C   . GLN A 1 183 ? -10.323 15.496  -5.980  1.00 20.79 ? 183  GLN A C   1 
ATOM   1052 O O   . GLN A 1 183 ? -11.270 15.606  -6.757  1.00 20.01 ? 183  GLN A O   1 
ATOM   1053 C CB  . GLN A 1 183 ? -10.632 15.538  -3.507  1.00 22.49 ? 183  GLN A CB  1 
ATOM   1054 C CG  . GLN A 1 183 ? -11.114 14.776  -2.295  1.00 26.76 ? 183  GLN A CG  1 
ATOM   1055 C CD  . GLN A 1 183 ? -12.289 13.866  -2.628  1.00 30.14 ? 183  GLN A CD  1 
ATOM   1056 O OE1 . GLN A 1 183 ? -13.292 14.309  -3.187  1.00 31.89 ? 183  GLN A OE1 1 
ATOM   1057 N NE2 . GLN A 1 183 ? -12.169 12.587  -2.282  1.00 32.37 ? 183  GLN A NE2 1 
ATOM   1058 N N   . GLU A 1 184 ? -9.150  16.087  -6.171  1.00 22.40 ? 184  GLU A N   1 
ATOM   1059 C CA  . GLU A 1 184 ? -8.904  16.939  -7.317  1.00 23.88 ? 184  GLU A CA  1 
ATOM   1060 C C   . GLU A 1 184 ? -9.174  16.157  -8.593  1.00 23.70 ? 184  GLU A C   1 
ATOM   1061 O O   . GLU A 1 184 ? -9.567  16.718  -9.611  1.00 25.58 ? 184  GLU A O   1 
ATOM   1062 C CB  . GLU A 1 184 ? -7.456  17.426  -7.288  1.00 27.94 ? 184  GLU A CB  1 
ATOM   1063 C CG  . GLU A 1 184 ? -7.148  18.530  -8.298  1.00 34.37 ? 184  GLU A CG  1 
ATOM   1064 C CD  . GLU A 1 184 ? -7.995  19.782  -8.072  1.00 36.87 ? 184  GLU A CD  1 
ATOM   1065 O OE1 . GLU A 1 184 ? -7.819  20.460  -7.027  1.00 39.25 ? 184  GLU A OE1 1 
ATOM   1066 O OE2 . GLU A 1 184 ? -8.843  20.079  -8.940  1.00 36.20 ? 184  GLU A OE2 1 
ATOM   1067 N N   . ASN A 1 185 ? -8.980  14.848  -8.517  1.00 24.08 ? 185  ASN A N   1 
ATOM   1068 C CA  . ASN A 1 185 ? -9.183  13.968  -9.655  1.00 23.40 ? 185  ASN A CA  1 
ATOM   1069 C C   . ASN A 1 185 ? -10.580 13.358  -9.755  1.00 24.44 ? 185  ASN A C   1 
ATOM   1070 O O   . ASN A 1 185 ? -10.816 12.468  -10.578 1.00 24.61 ? 185  ASN A O   1 
ATOM   1071 C CB  . ASN A 1 185 ? -8.131  12.867  -9.627  1.00 22.14 ? 185  ASN A CB  1 
ATOM   1072 C CG  . ASN A 1 185 ? -6.828  13.310  -10.235 1.00 22.67 ? 185  ASN A CG  1 
ATOM   1073 O OD1 . ASN A 1 185 ? -6.598  13.126  -11.429 1.00 20.97 ? 185  ASN A OD1 1 
ATOM   1074 N ND2 . ASN A 1 185 ? -5.972  13.924  -9.424  1.00 23.28 ? 185  ASN A ND2 1 
ATOM   1075 N N   . GLY A 1 186 ? -11.506 13.821  -8.919  1.00 23.11 ? 186  GLY A N   1 
ATOM   1076 C CA  . GLY A 1 186 ? -12.861 13.306  -8.996  1.00 22.89 ? 186  GLY A CA  1 
ATOM   1077 C C   . GLY A 1 186 ? -13.294 12.300  -7.951  1.00 22.89 ? 186  GLY A C   1 
ATOM   1078 O O   . GLY A 1 186 ? -14.435 11.840  -7.980  1.00 22.00 ? 186  GLY A O   1 
ATOM   1079 N N   . GLY A 1 187 ? -12.411 11.962  -7.019  1.00 23.62 ? 187  GLY A N   1 
ATOM   1080 C CA  . GLY A 1 187 ? -12.767 10.987  -6.002  1.00 24.88 ? 187  GLY A CA  1 
ATOM   1081 C C   . GLY A 1 187 ? -12.506 9.569   -6.484  1.00 24.98 ? 187  GLY A C   1 
ATOM   1082 O O   . GLY A 1 187 ? -12.130 9.359   -7.637  1.00 24.42 ? 187  GLY A O   1 
ATOM   1083 N N   . TRP A 1 188 ? -12.721 8.585   -5.619  1.00 25.46 ? 188  TRP A N   1 
ATOM   1084 C CA  . TRP A 1 188 ? -12.463 7.202   -5.995  1.00 25.04 ? 188  TRP A CA  1 
ATOM   1085 C C   . TRP A 1 188 ? -13.310 6.660   -7.135  1.00 24.92 ? 188  TRP A C   1 
ATOM   1086 O O   . TRP A 1 188 ? -12.952 5.653   -7.746  1.00 25.72 ? 188  TRP A O   1 
ATOM   1087 C CB  . TRP A 1 188 ? -12.594 6.288   -4.779  1.00 24.93 ? 188  TRP A CB  1 
ATOM   1088 C CG  . TRP A 1 188 ? -11.450 6.426   -3.821  1.00 25.26 ? 188  TRP A CG  1 
ATOM   1089 C CD1 . TRP A 1 188 ? -11.408 7.192   -2.692  1.00 25.06 ? 188  TRP A CD1 1 
ATOM   1090 C CD2 . TRP A 1 188 ? -10.178 5.767   -3.910  1.00 25.24 ? 188  TRP A CD2 1 
ATOM   1091 N NE1 . TRP A 1 188 ? -10.188 7.046   -2.065  1.00 25.56 ? 188  TRP A NE1 1 
ATOM   1092 C CE2 . TRP A 1 188 ? -9.416  6.176   -2.792  1.00 25.46 ? 188  TRP A CE2 1 
ATOM   1093 C CE3 . TRP A 1 188 ? -9.611  4.868   -4.825  1.00 23.26 ? 188  TRP A CE3 1 
ATOM   1094 C CZ2 . TRP A 1 188 ? -8.114  5.716   -2.565  1.00 23.21 ? 188  TRP A CZ2 1 
ATOM   1095 C CZ3 . TRP A 1 188 ? -8.322  4.414   -4.599  1.00 23.55 ? 188  TRP A CZ3 1 
ATOM   1096 C CH2 . TRP A 1 188 ? -7.588  4.838   -3.474  1.00 23.57 ? 188  TRP A CH2 1 
ATOM   1097 N N   . ASP A 1 189 ? -14.432 7.308   -7.426  1.00 23.83 ? 189  ASP A N   1 
ATOM   1098 C CA  . ASP A 1 189 ? -15.277 6.833   -8.514  1.00 22.50 ? 189  ASP A CA  1 
ATOM   1099 C C   . ASP A 1 189 ? -14.482 6.905   -9.817  1.00 22.02 ? 189  ASP A C   1 
ATOM   1100 O O   . ASP A 1 189 ? -14.699 6.112   -10.740 1.00 22.60 ? 189  ASP A O   1 
ATOM   1101 C CB  . ASP A 1 189 ? -16.554 7.674   -8.615  1.00 22.62 ? 189  ASP A CB  1 
ATOM   1102 C CG  . ASP A 1 189 ? -17.546 7.366   -7.505  1.00 23.94 ? 189  ASP A CG  1 
ATOM   1103 O OD1 . ASP A 1 189 ? -17.242 6.498   -6.649  1.00 24.00 ? 189  ASP A OD1 1 
ATOM   1104 O OD2 . ASP A 1 189 ? -18.630 7.990   -7.486  1.00 23.40 ? 189  ASP A OD2 1 
ATOM   1105 N N   . THR A 1 190 ? -13.546 7.846   -9.883  1.00 20.12 ? 190  THR A N   1 
ATOM   1106 C CA  . THR A 1 190 ? -12.722 7.999   -11.076 1.00 20.88 ? 190  THR A CA  1 
ATOM   1107 C C   . THR A 1 190 ? -11.798 6.802   -11.246 1.00 21.28 ? 190  THR A C   1 
ATOM   1108 O O   . THR A 1 190 ? -11.486 6.397   -12.364 1.00 20.64 ? 190  THR A O   1 
ATOM   1109 C CB  . THR A 1 190 ? -11.856 9.264   -11.009 1.00 20.64 ? 190  THR A CB  1 
ATOM   1110 O OG1 . THR A 1 190 ? -12.701 10.408  -10.850 1.00 20.71 ? 190  THR A OG1 1 
ATOM   1111 C CG2 . THR A 1 190 ? -11.029 9.412   -12.285 1.00 19.18 ? 190  THR A CG2 1 
ATOM   1112 N N   . PHE A 1 191 ? -11.344 6.242   -10.132 1.00 20.86 ? 191  PHE A N   1 
ATOM   1113 C CA  . PHE A 1 191 ? -10.467 5.086   -10.205 1.00 20.68 ? 191  PHE A CA  1 
ATOM   1114 C C   . PHE A 1 191 ? -11.286 3.890   -10.684 1.00 21.90 ? 191  PHE A C   1 
ATOM   1115 O O   . PHE A 1 191 ? -10.881 3.164   -11.594 1.00 20.98 ? 191  PHE A O   1 
ATOM   1116 C CB  . PHE A 1 191 ? -9.859  4.789   -8.833  1.00 19.13 ? 191  PHE A CB  1 
ATOM   1117 C CG  . PHE A 1 191 ? -9.057  3.521   -8.791  1.00 16.65 ? 191  PHE A CG  1 
ATOM   1118 C CD1 . PHE A 1 191 ? -7.889  3.398   -9.535  1.00 16.74 ? 191  PHE A CD1 1 
ATOM   1119 C CD2 . PHE A 1 191 ? -9.474  2.446   -8.026  1.00 14.93 ? 191  PHE A CD2 1 
ATOM   1120 C CE1 . PHE A 1 191 ? -7.145  2.211   -9.515  1.00 15.97 ? 191  PHE A CE1 1 
ATOM   1121 C CE2 . PHE A 1 191 ? -8.739  1.267   -8.003  1.00 16.10 ? 191  PHE A CE2 1 
ATOM   1122 C CZ  . PHE A 1 191 ? -7.570  1.153   -8.750  1.00 12.73 ? 191  PHE A CZ  1 
ATOM   1123 N N   . VAL A 1 192 ? -12.445 3.688   -10.066 1.00 22.86 ? 192  VAL A N   1 
ATOM   1124 C CA  . VAL A 1 192 ? -13.313 2.585   -10.441 1.00 24.21 ? 192  VAL A CA  1 
ATOM   1125 C C   . VAL A 1 192 ? -13.533 2.608   -11.952 1.00 27.91 ? 192  VAL A C   1 
ATOM   1126 O O   . VAL A 1 192 ? -13.469 1.567   -12.610 1.00 27.64 ? 192  VAL A O   1 
ATOM   1127 C CB  . VAL A 1 192 ? -14.675 2.687   -9.742  1.00 23.39 ? 192  VAL A CB  1 
ATOM   1128 C CG1 . VAL A 1 192 ? -15.600 1.606   -10.258 1.00 19.65 ? 192  VAL A CG1 1 
ATOM   1129 C CG2 . VAL A 1 192 ? -14.495 2.572   -8.229  1.00 22.22 ? 192  VAL A CG2 1 
ATOM   1130 N N   . ASP A 1 193 ? -13.775 3.800   -12.497 1.00 30.27 ? 193  ASP A N   1 
ATOM   1131 C CA  . ASP A 1 193 ? -14.001 3.944   -13.932 1.00 33.51 ? 193  ASP A CA  1 
ATOM   1132 C C   . ASP A 1 193 ? -12.761 3.697   -14.770 1.00 33.84 ? 193  ASP A C   1 
ATOM   1133 O O   . ASP A 1 193 ? -12.804 2.920   -15.714 1.00 35.39 ? 193  ASP A O   1 
ATOM   1134 C CB  . ASP A 1 193 ? -14.552 5.334   -14.262 1.00 36.77 ? 193  ASP A CB  1 
ATOM   1135 C CG  . ASP A 1 193 ? -15.946 5.552   -13.704 1.00 41.65 ? 193  ASP A CG  1 
ATOM   1136 O OD1 . ASP A 1 193 ? -16.806 4.670   -13.925 1.00 43.28 ? 193  ASP A OD1 1 
ATOM   1137 O OD2 . ASP A 1 193 ? -16.188 6.599   -13.054 1.00 43.79 ? 193  ASP A OD2 1 
ATOM   1138 N N   . LEU A 1 194 ? -11.662 4.360   -14.428 1.00 34.60 ? 194  LEU A N   1 
ATOM   1139 C CA  . LEU A 1 194 ? -10.412 4.219   -15.169 1.00 34.41 ? 194  LEU A CA  1 
ATOM   1140 C C   . LEU A 1 194 ? -9.754  2.850   -15.064 1.00 34.00 ? 194  LEU A C   1 
ATOM   1141 O O   . LEU A 1 194 ? -9.114  2.402   -16.010 1.00 34.45 ? 194  LEU A O   1 
ATOM   1142 C CB  . LEU A 1 194 ? -9.413  5.298   -14.739 1.00 35.15 ? 194  LEU A CB  1 
ATOM   1143 C CG  . LEU A 1 194 ? -9.908  6.746   -14.808 1.00 36.14 ? 194  LEU A CG  1 
ATOM   1144 C CD1 . LEU A 1 194 ? -8.744  7.676   -14.521 1.00 35.39 ? 194  LEU A CD1 1 
ATOM   1145 C CD2 . LEU A 1 194 ? -10.518 7.047   -16.178 1.00 34.14 ? 194  LEU A CD2 1 
ATOM   1146 N N   . TYR A 1 195 ? -9.898  2.181   -13.925 1.00 34.19 ? 195  TYR A N   1 
ATOM   1147 C CA  . TYR A 1 195 ? -9.304  0.855   -13.782 1.00 34.71 ? 195  TYR A CA  1 
ATOM   1148 C C   . TYR A 1 195 ? -10.070 -0.095  -14.701 1.00 37.64 ? 195  TYR A C   1 
ATOM   1149 O O   . TYR A 1 195 ? -9.968  0.002   -15.921 1.00 39.38 ? 195  TYR A O   1 
ATOM   1150 C CB  . TYR A 1 195 ? -9.375  0.350   -12.329 1.00 29.93 ? 195  TYR A CB  1 
ATOM   1151 C CG  . TYR A 1 195 ? -8.753  -1.026  -12.141 1.00 26.65 ? 195  TYR A CG  1 
ATOM   1152 C CD1 . TYR A 1 195 ? -7.441  -1.286  -12.556 1.00 25.01 ? 195  TYR A CD1 1 
ATOM   1153 C CD2 . TYR A 1 195 ? -9.487  -2.075  -11.604 1.00 24.62 ? 195  TYR A CD2 1 
ATOM   1154 C CE1 . TYR A 1 195 ? -6.884  -2.560  -12.451 1.00 23.78 ? 195  TYR A CE1 1 
ATOM   1155 C CE2 . TYR A 1 195 ? -8.939  -3.351  -11.494 1.00 25.43 ? 195  TYR A CE2 1 
ATOM   1156 C CZ  . TYR A 1 195 ? -7.639  -3.590  -11.921 1.00 24.00 ? 195  TYR A CZ  1 
ATOM   1157 O OH  . TYR A 1 195 ? -7.107  -4.859  -11.834 1.00 22.86 ? 195  TYR A OH  1 
ATOM   1158 N N   . GLY A 1 196 ? -10.842 -1.007  -14.119 1.00 39.78 ? 196  GLY A N   1 
ATOM   1159 C CA  . GLY A 1 196 ? -11.616 -1.933  -14.922 1.00 41.72 ? 196  GLY A CA  1 
ATOM   1160 C C   . GLY A 1 196 ? -13.047 -1.446  -14.960 1.00 43.99 ? 196  GLY A C   1 
ATOM   1161 O O   . GLY A 1 196 ? -13.896 -2.083  -14.308 1.00 45.91 ? 196  GLY A O   1 
ATOM   1162 N N   . ASN A 1 197 ? -13.311 -0.423  -15.624 1.00 44.03 ? 197  ASN A N   1 
ATOM   1163 N N   . ALA B 2 1   ? 19.750  10.589  4.743   1.00 42.27 ? 95   ALA B N   1 
ATOM   1164 C CA  . ALA B 2 1   ? 19.305  9.370   5.480   1.00 42.13 ? 95   ALA B CA  1 
ATOM   1165 C C   . ALA B 2 1   ? 20.461  8.380   5.595   1.00 41.63 ? 95   ALA B C   1 
ATOM   1166 O O   . ALA B 2 1   ? 21.279  8.265   4.689   1.00 41.92 ? 95   ALA B O   1 
ATOM   1167 C CB  . ALA B 2 1   ? 18.119  8.722   4.761   1.00 41.68 ? 95   ALA B CB  1 
ATOM   1168 N N   . PRO B 2 2   ? 20.547  7.658   6.725   1.00 41.88 ? 96   PRO B N   1 
ATOM   1169 C CA  . PRO B 2 2   ? 21.625  6.683   6.929   1.00 40.40 ? 96   PRO B CA  1 
ATOM   1170 C C   . PRO B 2 2   ? 21.528  5.485   5.997   1.00 39.00 ? 96   PRO B C   1 
ATOM   1171 O O   . PRO B 2 2   ? 20.445  5.139   5.528   1.00 38.31 ? 96   PRO B O   1 
ATOM   1172 C CB  . PRO B 2 2   ? 21.464  6.297   8.398   1.00 41.70 ? 96   PRO B CB  1 
ATOM   1173 C CG  . PRO B 2 2   ? 19.982  6.428   8.619   1.00 42.09 ? 96   PRO B CG  1 
ATOM   1174 C CD  . PRO B 2 2   ? 19.665  7.723   7.907   1.00 42.07 ? 96   PRO B CD  1 
ATOM   1175 N N   . PRO B 2 3   ? 22.668  4.831   5.722   1.00 38.06 ? 97   PRO B N   1 
ATOM   1176 C CA  . PRO B 2 3   ? 22.718  3.663   4.835   1.00 37.07 ? 97   PRO B CA  1 
ATOM   1177 C C   . PRO B 2 3   ? 21.636  2.612   5.092   1.00 36.88 ? 97   PRO B C   1 
ATOM   1178 O O   . PRO B 2 3   ? 21.164  1.967   4.157   1.00 36.64 ? 97   PRO B O   1 
ATOM   1179 C CB  . PRO B 2 3   ? 24.139  3.126   5.042   1.00 37.07 ? 97   PRO B CB  1 
ATOM   1180 C CG  . PRO B 2 3   ? 24.558  3.691   6.385   1.00 37.33 ? 97   PRO B CG  1 
ATOM   1181 C CD  . PRO B 2 3   ? 23.976  5.071   6.354   1.00 37.04 ? 97   PRO B CD  1 
ATOM   1182 N N   . ASN B 2 4   ? 21.235  2.452   6.352   1.00 37.36 ? 98   ASN B N   1 
ATOM   1183 C CA  . ASN B 2 4   ? 20.202  1.483   6.708   1.00 36.98 ? 98   ASN B CA  1 
ATOM   1184 C C   . ASN B 2 4   ? 18.847  1.785   6.059   1.00 35.63 ? 98   ASN B C   1 
ATOM   1185 O O   . ASN B 2 4   ? 17.964  0.932   6.049   1.00 36.35 ? 98   ASN B O   1 
ATOM   1186 C CB  . ASN B 2 4   ? 20.053  1.380   8.240   1.00 40.94 ? 98   ASN B CB  1 
ATOM   1187 C CG  . ASN B 2 4   ? 20.000  2.749   8.937   1.00 44.88 ? 98   ASN B CG  1 
ATOM   1188 O OD1 . ASN B 2 4   ? 20.973  3.515   8.916   1.00 45.95 ? 98   ASN B OD1 1 
ATOM   1189 N ND2 . ASN B 2 4   ? 18.867  3.048   9.570   1.00 44.45 ? 98   ASN B ND2 1 
ATOM   1190 N N   . LEU B 2 5   ? 18.690  2.986   5.504   1.00 33.80 ? 99   LEU B N   1 
ATOM   1191 C CA  . LEU B 2 5   ? 17.441  3.372   4.840   1.00 31.52 ? 99   LEU B CA  1 
ATOM   1192 C C   . LEU B 2 5   ? 17.578  3.540   3.325   1.00 28.89 ? 99   LEU B C   1 
ATOM   1193 O O   . LEU B 2 5   ? 16.597  3.817   2.637   1.00 28.35 ? 99   LEU B O   1 
ATOM   1194 C CB  . LEU B 2 5   ? 16.899  4.684   5.425   1.00 32.49 ? 99   LEU B CB  1 
ATOM   1195 C CG  . LEU B 2 5   ? 16.277  4.656   6.822   1.00 32.47 ? 99   LEU B CG  1 
ATOM   1196 C CD1 . LEU B 2 5   ? 15.831  6.059   7.187   1.00 32.42 ? 99   LEU B CD1 1 
ATOM   1197 C CD2 . LEU B 2 5   ? 15.091  3.698   6.858   1.00 31.33 ? 99   LEU B CD2 1 
ATOM   1198 N N   . TRP B 2 6   ? 18.787  3.382   2.802   1.00 27.08 ? 100  TRP B N   1 
ATOM   1199 C CA  . TRP B 2 6   ? 18.997  3.538   1.365   1.00 25.19 ? 100  TRP B CA  1 
ATOM   1200 C C   . TRP B 2 6   ? 18.344  2.423   0.566   1.00 23.23 ? 100  TRP B C   1 
ATOM   1201 O O   . TRP B 2 6   ? 17.944  2.629   -0.577  1.00 22.26 ? 100  TRP B O   1 
ATOM   1202 C CB  . TRP B 2 6   ? 20.490  3.590   1.041   1.00 24.68 ? 100  TRP B CB  1 
ATOM   1203 C CG  . TRP B 2 6   ? 21.168  4.746   1.665   1.00 23.75 ? 100  TRP B CG  1 
ATOM   1204 C CD1 . TRP B 2 6   ? 20.570  5.827   2.245   1.00 24.52 ? 100  TRP B CD1 1 
ATOM   1205 C CD2 . TRP B 2 6   ? 22.579  4.982   1.732   1.00 24.04 ? 100  TRP B CD2 1 
ATOM   1206 N NE1 . TRP B 2 6   ? 21.520  6.725   2.667   1.00 24.54 ? 100  TRP B NE1 1 
ATOM   1207 C CE2 . TRP B 2 6   ? 22.763  6.234   2.364   1.00 24.52 ? 100  TRP B CE2 1 
ATOM   1208 C CE3 . TRP B 2 6   ? 23.705  4.264   1.316   1.00 22.80 ? 100  TRP B CE3 1 
ATOM   1209 C CZ2 . TRP B 2 6   ? 24.030  6.782   2.592   1.00 23.20 ? 100  TRP B CZ2 1 
ATOM   1210 C CZ3 . TRP B 2 6   ? 24.966  4.809   1.544   1.00 23.89 ? 100  TRP B CZ3 1 
ATOM   1211 C CH2 . TRP B 2 6   ? 25.115  6.059   2.176   1.00 23.22 ? 100  TRP B CH2 1 
ATOM   1212 N N   . ALA B 2 7   ? 18.243  1.243   1.166   1.00 21.52 ? 101  ALA B N   1 
ATOM   1213 C CA  . ALA B 2 7   ? 17.623  0.111   0.493   1.00 19.49 ? 101  ALA B CA  1 
ATOM   1214 C C   . ALA B 2 7   ? 16.136  0.411   0.295   1.00 19.23 ? 101  ALA B C   1 
ATOM   1215 O O   . ALA B 2 7   ? 15.569  0.097   -0.762  1.00 18.01 ? 101  ALA B O   1 
ATOM   1216 C CB  . ALA B 2 7   ? 17.804  -1.147  1.315   1.00 16.20 ? 101  ALA B CB  1 
ATOM   1217 N N   . ALA B 2 8   ? 15.520  1.013   1.317   1.00 16.61 ? 102  ALA B N   1 
ATOM   1218 C CA  . ALA B 2 8   ? 14.109  1.383   1.266   1.00 16.58 ? 102  ALA B CA  1 
ATOM   1219 C C   . ALA B 2 8   ? 13.928  2.454   0.202   1.00 15.79 ? 102  ALA B C   1 
ATOM   1220 O O   . ALA B 2 8   ? 12.882  2.544   -0.425  1.00 17.57 ? 102  ALA B O   1 
ATOM   1221 C CB  . ALA B 2 8   ? 13.636  1.910   2.631   1.00 14.92 ? 102  ALA B CB  1 
ATOM   1222 N N   . GLN B 2 9   ? 14.955  3.267   0.000   1.00 16.76 ? 103  GLN B N   1 
ATOM   1223 C CA  . GLN B 2 9   ? 14.890  4.314   -1.010  1.00 18.94 ? 103  GLN B CA  1 
ATOM   1224 C C   . GLN B 2 9   ? 14.882  3.706   -2.409  1.00 17.74 ? 103  GLN B C   1 
ATOM   1225 O O   . GLN B 2 9   ? 14.019  4.034   -3.226  1.00 18.52 ? 103  GLN B O   1 
ATOM   1226 C CB  . GLN B 2 9   ? 16.080  5.254   -0.857  1.00 23.00 ? 103  GLN B CB  1 
ATOM   1227 C CG  . GLN B 2 9   ? 15.689  6.658   -0.482  1.00 28.94 ? 103  GLN B CG  1 
ATOM   1228 C CD  . GLN B 2 9   ? 16.788  7.377   0.281   1.00 32.82 ? 103  GLN B CD  1 
ATOM   1229 O OE1 . GLN B 2 9   ? 17.895  7.563   -0.228  1.00 33.89 ? 103  GLN B OE1 1 
ATOM   1230 N NE2 . GLN B 2 9   ? 16.485  7.782   1.518   1.00 33.25 ? 103  GLN B NE2 1 
ATOM   1231 N N   . ARG B 2 10  ? 15.845  2.823   -2.679  1.00 15.51 ? 104  ARG B N   1 
ATOM   1232 C CA  . ARG B 2 10  ? 15.943  2.160   -3.979  1.00 14.62 ? 104  ARG B CA  1 
ATOM   1233 C C   . ARG B 2 10  ? 14.668  1.384   -4.221  1.00 13.35 ? 104  ARG B C   1 
ATOM   1234 O O   . ARG B 2 10  ? 14.156  1.357   -5.331  1.00 14.41 ? 104  ARG B O   1 
ATOM   1235 C CB  . ARG B 2 10  ? 17.136  1.190   -4.038  1.00 13.07 ? 104  ARG B CB  1 
ATOM   1236 C CG  . ARG B 2 10  ? 18.493  1.859   -3.973  1.00 14.59 ? 104  ARG B CG  1 
ATOM   1237 C CD  . ARG B 2 10  ? 19.647  0.877   -4.109  1.00 14.46 ? 104  ARG B CD  1 
ATOM   1238 N NE  . ARG B 2 10  ? 20.823  1.331   -3.361  1.00 16.66 ? 104  ARG B NE  1 
ATOM   1239 C CZ  . ARG B 2 10  ? 21.136  0.908   -2.137  1.00 17.57 ? 104  ARG B CZ  1 
ATOM   1240 N NH1 . ARG B 2 10  ? 20.369  0.019   -1.523  1.00 18.21 ? 104  ARG B NH1 1 
ATOM   1241 N NH2 . ARG B 2 10  ? 22.212  1.371   -1.517  1.00 18.37 ? 104  ARG B NH2 1 
ATOM   1242 N N   . TYR B 2 11  ? 14.151  0.751   -3.177  1.00 13.49 ? 105  TYR B N   1 
ATOM   1243 C CA  . TYR B 2 11  ? 12.926  -0.011  -3.320  1.00 13.31 ? 105  TYR B CA  1 
ATOM   1244 C C   . TYR B 2 11  ? 11.779  0.915   -3.719  1.00 14.10 ? 105  TYR B C   1 
ATOM   1245 O O   . TYR B 2 11  ? 10.978  0.582   -4.588  1.00 14.27 ? 105  TYR B O   1 
ATOM   1246 C CB  . TYR B 2 11  ? 12.577  -0.710  -2.017  1.00 10.62 ? 105  TYR B CB  1 
ATOM   1247 C CG  . TYR B 2 11  ? 11.310  -1.516  -2.113  1.00 11.78 ? 105  TYR B CG  1 
ATOM   1248 C CD1 . TYR B 2 11  ? 11.339  -2.866  -2.421  1.00 11.65 ? 105  TYR B CD1 1 
ATOM   1249 C CD2 . TYR B 2 11  ? 10.078  -0.926  -1.879  1.00 14.01 ? 105  TYR B CD2 1 
ATOM   1250 C CE1 . TYR B 2 11  ? 10.169  -3.610  -2.485  1.00 13.06 ? 105  TYR B CE1 1 
ATOM   1251 C CE2 . TYR B 2 11  ? 8.903   -1.663  -1.938  1.00 15.13 ? 105  TYR B CE2 1 
ATOM   1252 C CZ  . TYR B 2 11  ? 8.955   -3.003  -2.236  1.00 13.16 ? 105  TYR B CZ  1 
ATOM   1253 O OH  . TYR B 2 11  ? 7.787   -3.736  -2.235  1.00 14.20 ? 105  TYR B OH  1 
ATOM   1254 N N   . GLY B 2 12  ? 11.694  2.071   -3.071  1.00 13.40 ? 106  GLY B N   1 
ATOM   1255 C CA  . GLY B 2 12  ? 10.643  3.007   -3.407  1.00 14.83 ? 106  GLY B CA  1 
ATOM   1256 C C   . GLY B 2 12  ? 10.770  3.490   -4.847  1.00 15.24 ? 106  GLY B C   1 
ATOM   1257 O O   . GLY B 2 12  ? 9.763   3.622   -5.541  1.00 13.96 ? 106  GLY B O   1 
ATOM   1258 N N   . ARG B 2 13  ? 11.999  3.749   -5.294  1.00 14.71 ? 107  ARG B N   1 
ATOM   1259 C CA  . ARG B 2 13  ? 12.226  4.218   -6.656  1.00 17.93 ? 107  ARG B CA  1 
ATOM   1260 C C   . ARG B 2 13  ? 11.816  3.161   -7.669  1.00 18.78 ? 107  ARG B C   1 
ATOM   1261 O O   . ARG B 2 13  ? 11.283  3.478   -8.728  1.00 18.82 ? 107  ARG B O   1 
ATOM   1262 C CB  . ARG B 2 13  ? 13.699  4.579   -6.880  1.00 19.78 ? 107  ARG B CB  1 
ATOM   1263 C CG  . ARG B 2 13  ? 14.001  4.997   -8.325  1.00 24.74 ? 107  ARG B CG  1 
ATOM   1264 C CD  . ARG B 2 13  ? 15.483  5.262   -8.579  1.00 26.83 ? 107  ARG B CD  1 
ATOM   1265 N NE  . ARG B 2 13  ? 16.332  4.127   -8.224  1.00 29.83 ? 107  ARG B NE  1 
ATOM   1266 C CZ  . ARG B 2 13  ? 17.665  4.157   -8.229  1.00 31.77 ? 107  ARG B CZ  1 
ATOM   1267 N NH1 . ARG B 2 13  ? 18.305  5.265   -8.579  1.00 30.92 ? 107  ARG B NH1 1 
ATOM   1268 N NH2 . ARG B 2 13  ? 18.362  3.086   -7.860  1.00 30.48 ? 107  ARG B NH2 1 
ATOM   1269 N N   . GLU B 2 14  ? 12.080  1.903   -7.347  1.00 19.76 ? 108  GLU B N   1 
ATOM   1270 C CA  . GLU B 2 14  ? 11.723  0.824   -8.238  1.00 21.06 ? 108  GLU B CA  1 
ATOM   1271 C C   . GLU B 2 14  ? 10.209  0.692   -8.242  1.00 20.14 ? 108  GLU B C   1 
ATOM   1272 O O   . GLU B 2 14  ? 9.592   0.500   -9.288  1.00 21.39 ? 108  GLU B O   1 
ATOM   1273 C CB  . GLU B 2 14  ? 12.376  -0.483  -7.784  1.00 24.75 ? 108  GLU B CB  1 
ATOM   1274 C CG  . GLU B 2 14  ? 12.977  -1.259  -8.946  1.00 33.91 ? 108  GLU B CG  1 
ATOM   1275 C CD  . GLU B 2 14  ? 13.999  -0.427  -9.720  1.00 38.55 ? 108  GLU B CD  1 
ATOM   1276 O OE1 . GLU B 2 14  ? 14.233  -0.706  -10.923 1.00 40.70 ? 108  GLU B OE1 1 
ATOM   1277 O OE2 . GLU B 2 14  ? 14.574  0.511   -9.116  1.00 42.59 ? 108  GLU B OE2 1 
ATOM   1278 N N   . LEU B 2 15  ? 9.610   0.833   -7.066  1.00 17.83 ? 109  LEU B N   1 
ATOM   1279 C CA  . LEU B 2 15  ? 8.167   0.730   -6.930  1.00 15.61 ? 109  LEU B CA  1 
ATOM   1280 C C   . LEU B 2 15  ? 7.470   1.761   -7.815  1.00 15.73 ? 109  LEU B C   1 
ATOM   1281 O O   . LEU B 2 15  ? 6.447   1.461   -8.448  1.00 14.21 ? 109  LEU B O   1 
ATOM   1282 C CB  . LEU B 2 15  ? 7.767   0.942   -5.474  1.00 13.13 ? 109  LEU B CB  1 
ATOM   1283 C CG  . LEU B 2 15  ? 6.346   0.504   -5.141  1.00 12.29 ? 109  LEU B CG  1 
ATOM   1284 C CD1 . LEU B 2 15  ? 6.198   -0.980  -5.423  1.00 10.62 ? 109  LEU B CD1 1 
ATOM   1285 C CD2 . LEU B 2 15  ? 6.054   0.799   -3.681  1.00 13.97 ? 109  LEU B CD2 1 
ATOM   1286 N N   . ARG B 2 16  ? 8.025   2.973   -7.847  1.00 15.32 ? 110  ARG B N   1 
ATOM   1287 C CA  . ARG B 2 16  ? 7.474   4.054   -8.651  1.00 16.00 ? 110  ARG B CA  1 
ATOM   1288 C C   . ARG B 2 16  ? 7.513   3.653   -10.125 1.00 17.62 ? 110  ARG B C   1 
ATOM   1289 O O   . ARG B 2 16  ? 6.558   3.872   -10.875 1.00 18.69 ? 110  ARG B O   1 
ATOM   1290 C CB  . ARG B 2 16  ? 8.288   5.337   -8.465  1.00 16.57 ? 110  ARG B CB  1 
ATOM   1291 C CG  . ARG B 2 16  ? 7.465   6.593   -8.695  1.00 19.17 ? 110  ARG B CG  1 
ATOM   1292 C CD  . ARG B 2 16  ? 8.270   7.797   -9.167  1.00 20.04 ? 110  ARG B CD  1 
ATOM   1293 N NE  . ARG B 2 16  ? 9.277   8.237   -8.216  1.00 23.04 ? 110  ARG B NE  1 
ATOM   1294 C CZ  . ARG B 2 16  ? 10.579  7.994   -8.333  1.00 23.25 ? 110  ARG B CZ  1 
ATOM   1295 N NH1 . ARG B 2 16  ? 11.048  7.313   -9.365  1.00 26.70 ? 110  ARG B NH1 1 
ATOM   1296 N NH2 . ARG B 2 16  ? 11.414  8.425   -7.408  1.00 26.34 ? 110  ARG B NH2 1 
ATOM   1297 N N   . ARG B 2 17  ? 8.624   3.056   -10.538 1.00 18.56 ? 111  ARG B N   1 
ATOM   1298 C CA  . ARG B 2 17  ? 8.783   2.642   -11.925 1.00 18.97 ? 111  ARG B CA  1 
ATOM   1299 C C   . ARG B 2 17  ? 7.771   1.602   -12.344 1.00 17.15 ? 111  ARG B C   1 
ATOM   1300 O O   . ARG B 2 17  ? 7.203   1.690   -13.421 1.00 16.76 ? 111  ARG B O   1 
ATOM   1301 C CB  . ARG B 2 17  ? 10.189  2.116   -12.149 1.00 20.40 ? 111  ARG B CB  1 
ATOM   1302 C CG  . ARG B 2 17  ? 11.208  3.209   -12.067 1.00 25.03 ? 111  ARG B CG  1 
ATOM   1303 C CD  . ARG B 2 17  ? 12.610  2.652   -12.072 1.00 30.42 ? 111  ARG B CD  1 
ATOM   1304 N NE  . ARG B 2 17  ? 13.587  3.704   -12.330 1.00 33.05 ? 111  ARG B NE  1 
ATOM   1305 C CZ  . ARG B 2 17  ? 14.900  3.546   -12.223 1.00 34.30 ? 111  ARG B CZ  1 
ATOM   1306 N NH1 . ARG B 2 17  ? 15.400  2.369   -11.854 1.00 36.93 ? 111  ARG B NH1 1 
ATOM   1307 N NH2 . ARG B 2 17  ? 15.707  4.566   -12.489 1.00 34.85 ? 111  ARG B NH2 1 
ATOM   1308 N N   . MET B 2 18  ? 7.539   0.620   -11.484 1.00 17.61 ? 112  MET B N   1 
ATOM   1309 C CA  . MET B 2 18  ? 6.579   -0.423  -11.786 1.00 18.21 ? 112  MET B CA  1 
ATOM   1310 C C   . MET B 2 18  ? 5.153   0.135   -11.785 1.00 18.39 ? 112  MET B C   1 
ATOM   1311 O O   . MET B 2 18  ? 4.311   -0.308  -12.561 1.00 19.63 ? 112  MET B O   1 
ATOM   1312 C CB  . MET B 2 18  ? 6.703   -1.554  -10.766 1.00 18.38 ? 112  MET B CB  1 
ATOM   1313 C CG  . MET B 2 18  ? 8.123   -2.083  -10.596 1.00 19.46 ? 112  MET B CG  1 
ATOM   1314 S SD  . MET B 2 18  ? 8.296   -3.283  -9.243  1.00 23.21 ? 112  MET B SD  1 
ATOM   1315 C CE  . MET B 2 18  ? 8.690   -4.773  -10.161 1.00 25.26 ? 112  MET B CE  1 
ATOM   1316 N N   . SER B 2 19  ? 4.865   1.106   -10.923 1.00 19.10 ? 113  SER B N   1 
ATOM   1317 C CA  . SER B 2 19  ? 3.513   1.644   -10.908 1.00 19.35 ? 113  SER B CA  1 
ATOM   1318 C C   . SER B 2 19  ? 3.271   2.672   -12.000 1.00 19.18 ? 113  SER B C   1 
ATOM   1319 O O   . SER B 2 19  ? 2.120   2.946   -12.342 1.00 19.71 ? 113  SER B O   1 
ATOM   1320 C CB  . SER B 2 19  ? 3.117   2.200   -9.518  1.00 20.66 ? 113  SER B CB  1 
ATOM   1321 O OG  . SER B 2 19  ? 4.098   3.003   -8.909  1.00 20.05 ? 113  SER B OG  1 
ATOM   1322 N N   . ASP B 2 20  ? 4.339   3.232   -12.564 1.00 17.40 ? 114  ASP B N   1 
ATOM   1323 C CA  . ASP B 2 20  ? 4.162   4.192   -13.647 1.00 15.86 ? 114  ASP B CA  1 
ATOM   1324 C C   . ASP B 2 20  ? 3.825   3.401   -14.899 1.00 16.29 ? 114  ASP B C   1 
ATOM   1325 O O   . ASP B 2 20  ? 2.993   3.802   -15.716 1.00 16.34 ? 114  ASP B O   1 
ATOM   1326 C CB  . ASP B 2 20  ? 5.423   5.019   -13.852 1.00 14.10 ? 114  ASP B CB  1 
ATOM   1327 C CG  . ASP B 2 20  ? 5.493   6.197   -12.900 1.00 15.42 ? 114  ASP B CG  1 
ATOM   1328 O OD1 . ASP B 2 20  ? 4.514   6.379   -12.139 1.00 15.38 ? 114  ASP B OD1 1 
ATOM   1329 O OD2 . ASP B 2 20  ? 6.504   6.941   -12.911 1.00 13.25 ? 114  ASP B OD2 1 
ATOM   1330 N N   . GLU B 2 21  ? 4.473   2.252   -15.029 1.00 16.94 ? 115  GLU B N   1 
ATOM   1331 C CA  . GLU B 2 21  ? 4.234   1.362   -16.146 1.00 17.27 ? 115  GLU B CA  1 
ATOM   1332 C C   . GLU B 2 21  ? 2.816   0.811   -16.001 1.00 17.42 ? 115  GLU B C   1 
ATOM   1333 O O   . GLU B 2 21  ? 2.088   0.679   -16.983 1.00 17.03 ? 115  GLU B O   1 
ATOM   1334 C CB  . GLU B 2 21  ? 5.248   0.223   -16.123 1.00 17.99 ? 115  GLU B CB  1 
ATOM   1335 C CG  . GLU B 2 21  ? 4.792   -0.996  -16.874 1.00 21.30 ? 115  GLU B CG  1 
ATOM   1336 C CD  . GLU B 2 21  ? 5.863   -2.043  -16.976 1.00 22.20 ? 115  GLU B CD  1 
ATOM   1337 O OE1 . GLU B 2 21  ? 6.729   -1.904  -17.867 1.00 24.38 ? 115  GLU B OE1 1 
ATOM   1338 O OE2 . GLU B 2 21  ? 5.839   -2.997  -16.165 1.00 21.79 ? 115  GLU B OE2 1 
ATOM   1339 N N   . PHE B 2 22  ? 2.439   0.478   -14.766 1.00 16.80 ? 116  PHE B N   1 
ATOM   1340 C CA  . PHE B 2 22  ? 1.103   -0.034  -14.481 1.00 16.25 ? 116  PHE B CA  1 
ATOM   1341 C C   . PHE B 2 22  ? 0.097   1.060   -14.850 1.00 16.61 ? 116  PHE B C   1 
ATOM   1342 O O   . PHE B 2 22  ? -0.882  0.810   -15.554 1.00 16.63 ? 116  PHE B O   1 
ATOM   1343 C CB  . PHE B 2 22  ? 0.988   -0.379  -13.002 1.00 14.80 ? 116  PHE B CB  1 
ATOM   1344 C CG  . PHE B 2 22  ? -0.252  -1.153  -12.648 1.00 15.68 ? 116  PHE B CG  1 
ATOM   1345 C CD1 . PHE B 2 22  ? -1.152  -0.660  -11.699 1.00 16.64 ? 116  PHE B CD1 1 
ATOM   1346 C CD2 . PHE B 2 22  ? -0.500  -2.399  -13.226 1.00 16.47 ? 116  PHE B CD2 1 
ATOM   1347 C CE1 . PHE B 2 22  ? -2.279  -1.398  -11.327 1.00 15.50 ? 116  PHE B CE1 1 
ATOM   1348 C CE2 . PHE B 2 22  ? -1.624  -3.150  -12.864 1.00 16.15 ? 116  PHE B CE2 1 
ATOM   1349 C CZ  . PHE B 2 22  ? -2.512  -2.651  -11.915 1.00 17.97 ? 116  PHE B CZ  1 
ATOM   1350 N N   . GLU B 2 23  ? 0.362   2.276   -14.381 1.00 16.97 ? 117  GLU B N   1 
ATOM   1351 C CA  . GLU B 2 23  ? -0.485  3.428   -14.671 1.00 18.30 ? 117  GLU B CA  1 
ATOM   1352 C C   . GLU B 2 23  ? -0.684  3.566   -16.180 1.00 19.08 ? 117  GLU B C   1 
ATOM   1353 O O   . GLU B 2 23  ? -1.796  3.783   -16.657 1.00 19.74 ? 117  GLU B O   1 
ATOM   1354 C CB  . GLU B 2 23  ? 0.154   4.709   -14.130 1.00 16.38 ? 117  GLU B CB  1 
ATOM   1355 C CG  . GLU B 2 23  ? -0.559  5.971   -14.559 1.00 19.46 ? 117  GLU B CG  1 
ATOM   1356 C CD  . GLU B 2 23  ? -1.999  6.008   -14.084 1.00 23.90 ? 117  GLU B CD  1 
ATOM   1357 O OE1 . GLU B 2 23  ? -2.797  6.784   -14.642 1.00 25.39 ? 117  GLU B OE1 1 
ATOM   1358 O OE2 . GLU B 2 23  ? -2.339  5.261   -13.143 1.00 26.19 ? 117  GLU B OE2 1 
ATOM   1359 N N   . GLY B 2 24  ? 0.404   3.438   -16.931 1.00 20.15 ? 118  GLY B N   1 
ATOM   1360 C CA  . GLY B 2 24  ? 0.314   3.550   -18.375 1.00 19.92 ? 118  GLY B CA  1 
ATOM   1361 C C   . GLY B 2 24  ? -0.516  2.452   -19.003 1.00 20.24 ? 118  GLY B C   1 
ATOM   1362 O O   . GLY B 2 24  ? -0.899  2.563   -20.160 1.00 19.99 ? 118  GLY B O   1 
ATOM   1363 N N   . SER B 2 25  ? -0.798  1.401   -18.238 1.00 22.02 ? 119  SER B N   1 
ATOM   1364 C CA  . SER B 2 25  ? -1.582  0.258   -18.713 1.00 25.66 ? 119  SER B CA  1 
ATOM   1365 C C   . SER B 2 25  ? -3.096  0.431   -18.657 1.00 26.92 ? 119  SER B C   1 
ATOM   1366 O O   . SER B 2 25  ? -3.829  -0.434  -19.139 1.00 27.70 ? 119  SER B O   1 
ATOM   1367 C CB  . SER B 2 25  ? -1.250  -0.989  -17.896 1.00 27.10 ? 119  SER B CB  1 
ATOM   1368 O OG  . SER B 2 25  ? 0.123   -1.308  -17.979 1.00 35.55 ? 119  SER B OG  1 
ATOM   1369 N N   . PHE B 2 26  ? -3.568  1.517   -18.055 1.00 26.70 ? 120  PHE B N   1 
ATOM   1370 C CA  . PHE B 2 26  ? -5.004  1.742   -17.923 1.00 27.85 ? 120  PHE B CA  1 
ATOM   1371 C C   . PHE B 2 26  ? -5.710  2.221   -19.191 1.00 29.70 ? 120  PHE B C   1 
ATOM   1372 O O   . PHE B 2 26  ? -5.089  2.840   -20.058 1.00 29.64 ? 120  PHE B O   1 
ATOM   1373 C CB  . PHE B 2 26  ? -5.267  2.740   -16.795 1.00 27.82 ? 120  PHE B CB  1 
ATOM   1374 C CG  . PHE B 2 26  ? -4.782  2.277   -15.443 1.00 28.04 ? 120  PHE B CG  1 
ATOM   1375 C CD1 . PHE B 2 26  ? -4.648  0.923   -15.159 1.00 28.71 ? 120  PHE B CD1 1 
ATOM   1376 C CD2 . PHE B 2 26  ? -4.510  3.195   -14.440 1.00 27.22 ? 120  PHE B CD2 1 
ATOM   1377 C CE1 . PHE B 2 26  ? -4.251  0.495   -13.893 1.00 28.84 ? 120  PHE B CE1 1 
ATOM   1378 C CE2 . PHE B 2 26  ? -4.116  2.772   -13.174 1.00 27.23 ? 120  PHE B CE2 1 
ATOM   1379 C CZ  . PHE B 2 26  ? -3.987  1.427   -12.901 1.00 27.09 ? 120  PHE B CZ  1 
ATOM   1380 N N   . LYS B 2 27  ? -7.012  1.926   -19.281 1.00 32.11 ? 121  LYS B N   1 
ATOM   1381 C CA  . LYS B 2 27  ? -7.855  2.320   -20.419 1.00 33.46 ? 121  LYS B CA  1 
ATOM   1382 C C   . LYS B 2 27  ? -7.418  3.644   -21.029 1.00 34.72 ? 121  LYS B C   1 
ATOM   1383 O O   . LYS B 2 27  ? -7.331  3.717   -22.275 1.00 35.52 ? 121  LYS B O   1 
ATOM   1384 C CB  . LYS B 2 27  ? -9.312  2.498   -20.000 1.00 34.04 ? 121  LYS B CB  1 
ATOM   1385 C CG  . LYS B 2 27  ? -10.020 1.293   -19.460 1.00 34.58 ? 121  LYS B CG  1 
ATOM   1386 C CD  . LYS B 2 27  ? -11.439 1.709   -19.114 1.00 36.75 ? 121  LYS B CD  1 
ATOM   1387 C CE  . LYS B 2 27  ? -12.209 0.626   -18.395 1.00 37.75 ? 121  LYS B CE  1 
ATOM   1388 N NZ  . LYS B 2 27  ? -13.578 1.125   -18.112 1.00 38.96 ? 121  LYS B NZ  1 
ATOM   1389 O OXT . LYS B 2 27  ? -7.218  4.600   -20.244 1.00 35.04 ? 121  LYS B OXT 1 
HETATM 1390 O O   . HOH C 3 .   ? -15.132 10.825  4.778   1.00 32.28 ? 2001 HOH A O   1 
HETATM 1391 O O   . HOH C 3 .   ? -4.484  3.115   15.729  1.00 21.61 ? 2002 HOH A O   1 
HETATM 1392 O O   . HOH C 3 .   ? -4.789  1.233   13.739  1.00 22.10 ? 2003 HOH A O   1 
HETATM 1393 O O   . HOH C 3 .   ? -5.967  5.683   11.326  1.00 22.85 ? 2004 HOH A O   1 
HETATM 1394 O O   . HOH C 3 .   ? -10.225 -2.219  -0.657  1.00 30.31 ? 2005 HOH A O   1 
HETATM 1395 O O   . HOH C 3 .   ? -2.051  -11.340 0.971   1.00 32.03 ? 2006 HOH A O   1 
HETATM 1396 O O   . HOH C 3 .   ? -0.807  16.317  -4.582  1.00 19.69 ? 2007 HOH A O   1 
HETATM 1397 O O   . HOH C 3 .   ? 5.923   11.540  0.461   1.00 24.11 ? 2008 HOH A O   1 
HETATM 1398 O O   . HOH C 3 .   ? 7.196   12.604  -1.573  1.00 20.64 ? 2009 HOH A O   1 
HETATM 1399 O O   . HOH C 3 .   ? 9.415   9.294   -12.149 1.00 22.74 ? 2010 HOH A O   1 
HETATM 1400 O O   . HOH C 3 .   ? -0.614  14.009  -11.682 1.00 37.50 ? 2011 HOH A O   1 
HETATM 1401 O O   . HOH C 3 .   ? 0.447   15.052  -9.382  1.00 26.69 ? 2012 HOH A O   1 
HETATM 1402 O O   . HOH C 3 .   ? 2.743   11.636  -12.642 1.00 37.54 ? 2013 HOH A O   1 
HETATM 1403 O O   . HOH C 3 .   ? -0.284  -6.956  -0.519  1.00 18.75 ? 2014 HOH A O   1 
HETATM 1404 O O   . HOH C 3 .   ? 0.695   -9.156  0.167   1.00 39.37 ? 2015 HOH A O   1 
HETATM 1405 O O   . HOH C 3 .   ? -1.106  -4.726  14.871  1.00 21.80 ? 2016 HOH A O   1 
HETATM 1406 O O   . HOH C 3 .   ? 0.603   -0.391  18.146  1.00 16.57 ? 2017 HOH A O   1 
HETATM 1407 O O   . HOH C 3 .   ? 2.221   8.384   7.386   1.00 26.74 ? 2018 HOH A O   1 
HETATM 1408 O O   . HOH C 3 .   ? -2.681  14.900  -2.406  1.00 26.65 ? 2019 HOH A O   1 
HETATM 1409 O O   . HOH C 3 .   ? 2.072   10.895  6.124   1.00 20.14 ? 2020 HOH A O   1 
HETATM 1410 O O   . HOH C 3 .   ? -12.109 10.284  0.041   1.00 29.95 ? 2021 HOH A O   1 
HETATM 1411 O O   . HOH C 3 .   ? -7.202  18.946  -3.902  1.00 23.15 ? 2022 HOH A O   1 
HETATM 1412 O O   . HOH C 3 .   ? -3.804  17.883  -6.007  1.00 39.88 ? 2023 HOH A O   1 
HETATM 1413 O O   . HOH C 3 .   ? -8.081  10.946  -12.779 1.00 34.60 ? 2024 HOH A O   1 
HETATM 1414 O O   . HOH C 3 .   ? -4.322  16.507  -10.337 1.00 31.35 ? 2025 HOH A O   1 
HETATM 1415 O O   . HOH C 3 .   ? -15.581 9.862   -6.460  1.00 15.48 ? 2026 HOH A O   1 
HETATM 1416 O O   . HOH C 3 .   ? -13.783 9.461   -2.930  1.00 38.95 ? 2027 HOH A O   1 
HETATM 1417 O O   . HOH C 3 .   ? -18.977 10.295  -8.956  1.00 20.16 ? 2028 HOH A O   1 
HETATM 1418 O O   . HOH C 3 .   ? -15.142 11.715  -10.700 1.00 27.69 ? 2029 HOH A O   1 
HETATM 1419 O O   . HOH C 3 .   ? -7.746  -0.517  -17.691 1.00 21.69 ? 2030 HOH A O   1 
HETATM 1420 O O   . HOH C 3 .   ? -13.118 -3.192  -11.758 1.00 33.71 ? 2031 HOH A O   1 
HETATM 1421 O O   . HOH D 3 .   ? -5.526  9.723   -14.363 1.00 27.81 ? 2001 HOH B O   1 
HETATM 1422 O O   . HOH D 3 .   ? 16.460  8.930   -2.068  1.00 33.60 ? 2002 HOH B O   1 
HETATM 1423 O O   . HOH D 3 .   ? 17.863  0.184   -8.551  1.00 28.58 ? 2003 HOH B O   1 
HETATM 1424 O O   . HOH D 3 .   ? 9.250   6.225   -12.817 1.00 25.87 ? 2004 HOH B O   1 
HETATM 1425 O O   . HOH D 3 .   ? -3.408  8.935   -12.710 1.00 20.59 ? 2005 HOH B O   1 
HETATM 1426 O O   . HOH D 3 .   ? -9.825  5.246   -21.565 1.00 36.87 ? 2006 HOH B O   1 
# 
